data_1CHV
# 
_entry.id   1CHV 
# 
_audit_conform.dict_name       mmcif_pdbx.dic 
_audit_conform.dict_version    5.397 
_audit_conform.dict_location   http://mmcif.pdb.org/dictionaries/ascii/mmcif_pdbx.dic 
# 
loop_
_database_2.database_id 
_database_2.database_code 
_database_2.pdbx_database_accession 
_database_2.pdbx_DOI 
PDB   1CHV         pdb_00001chv 10.2210/pdb1chv/pdb 
RCSB  RCSB000756   ?            ?                   
WWPDB D_1000000756 ?            ?                   
# 
loop_
_pdbx_audit_revision_history.ordinal 
_pdbx_audit_revision_history.data_content_type 
_pdbx_audit_revision_history.major_revision 
_pdbx_audit_revision_history.minor_revision 
_pdbx_audit_revision_history.revision_date 
1 'Structure model' 1 0 2000-03-30 
2 'Structure model' 1 1 2008-04-26 
3 'Structure model' 1 2 2011-07-13 
4 'Structure model' 1 3 2019-11-20 
5 'Structure model' 1 4 2023-12-27 
6 'Structure model' 1 5 2024-10-16 
# 
_pdbx_audit_revision_details.ordinal             1 
_pdbx_audit_revision_details.revision_ordinal    1 
_pdbx_audit_revision_details.data_content_type   'Structure model' 
_pdbx_audit_revision_details.provider            repository 
_pdbx_audit_revision_details.type                'Initial release' 
_pdbx_audit_revision_details.description         ? 
_pdbx_audit_revision_details.details             ? 
# 
loop_
_pdbx_audit_revision_group.ordinal 
_pdbx_audit_revision_group.revision_ordinal 
_pdbx_audit_revision_group.data_content_type 
_pdbx_audit_revision_group.group 
1 2 'Structure model' 'Version format compliance' 
2 3 'Structure model' 'Version format compliance' 
3 4 'Structure model' 'Database references'       
4 4 'Structure model' 'Derived calculations'      
5 5 'Structure model' 'Data collection'           
6 5 'Structure model' 'Database references'       
7 6 'Structure model' 'Structure summary'         
# 
loop_
_pdbx_audit_revision_category.ordinal 
_pdbx_audit_revision_category.revision_ordinal 
_pdbx_audit_revision_category.data_content_type 
_pdbx_audit_revision_category.category 
1 4 'Structure model' citation                  
2 4 'Structure model' citation_author           
3 4 'Structure model' pdbx_struct_assembly      
4 4 'Structure model' pdbx_struct_oper_list     
5 5 'Structure model' chem_comp_atom            
6 5 'Structure model' chem_comp_bond            
7 5 'Structure model' database_2                
8 6 'Structure model' pdbx_entry_details        
9 6 'Structure model' pdbx_modification_feature 
# 
loop_
_pdbx_audit_revision_item.ordinal 
_pdbx_audit_revision_item.revision_ordinal 
_pdbx_audit_revision_item.data_content_type 
_pdbx_audit_revision_item.item 
1 4 'Structure model' '_citation.journal_abbrev'            
2 4 'Structure model' '_citation.page_last'                 
3 4 'Structure model' '_citation.pdbx_database_id_DOI'      
4 4 'Structure model' '_citation.pdbx_database_id_PubMed'   
5 4 'Structure model' '_citation.title'                     
6 4 'Structure model' '_citation_author.name'               
7 5 'Structure model' '_database_2.pdbx_DOI'                
8 5 'Structure model' '_database_2.pdbx_database_accession' 
# 
_pdbx_database_status.status_code                     REL 
_pdbx_database_status.entry_id                        1CHV 
_pdbx_database_status.recvd_initial_deposition_date   1999-03-30 
_pdbx_database_status.deposit_site                    BNL 
_pdbx_database_status.process_site                    RCSB 
_pdbx_database_status.status_code_sf                  ? 
_pdbx_database_status.status_code_mr                  REL 
_pdbx_database_status.SG_entry                        ? 
_pdbx_database_status.pdb_format_compatible           Y 
_pdbx_database_status.status_code_cs                  ? 
_pdbx_database_status.methods_development_category    ? 
_pdbx_database_status.status_code_nmr_data            ? 
# 
loop_
_audit_author.name 
_audit_author.pdbx_ordinal 
'Jayaraman, G.' 1 
'Kumar, T.K.S.' 2 
'Tsai, C.C.'    3 
'Yu, C.'        4 
# 
loop_
_citation.id 
_citation.title 
_citation.journal_abbrev 
_citation.journal_volume 
_citation.page_first 
_citation.page_last 
_citation.year 
_citation.journal_id_ASTM 
_citation.country 
_citation.journal_id_ISSN 
_citation.journal_id_CSD 
_citation.book_publisher 
_citation.pdbx_database_id_PubMed 
_citation.pdbx_database_id_DOI 
primary 
;Elucidation of the solution structure of cardiotoxin analogue V from the Taiwan cobra (Naja naja atra)--identification of structural features important for the lethal action of snake venom cardiotoxins
;
'Protein Sci.'              9   637  646  2000 PRCIEI US 0961-8368 0795 ? 10794406 ?                               
1       'Cardiotoxin-like basic protein (CLBP) from Naja naja atra is not a cardiotoxin.' Toxicon                     35  1367 
1371 1997 TOXIA6 UK 0041-0101 2043 ? 9403962  '10.1016/s0041-0101(96)00205-x' 
2       'Snake venom cardiotoxins-structure, dynamics, function and folding.' J.Biomol.Struct.Dyn.        15  431  463  1997 
JBSDD6 US 0739-1102 0646 ? 9439993  10.1080/07391102.1997.10508957  
3       'Sequence comparison and computer modelling of cardiotoxins and cobrotoxin isolated from Taiwan cobra.' 
Biochem.Biophys.Res.Commun. 206 22   32   1995 BBRCA9 US 0006-291X 0146 ? 7818523  10.1006/bbrc.1995.1004          
4       
;Amino acid sequence of a cardiotoxin-like basic polypeptide (CLBP) with low cytotoxic activity isolated from the venom of the Formosan cobra (Naja naja atra).
;
Biochem.Int.                11  795  802  1985 BIINDF AT 0158-5231 0758 ? 4091854  ?                               
# 
loop_
_citation_author.citation_id 
_citation_author.name 
_citation_author.ordinal 
_citation_author.identifier_ORCID 
primary 'Jayaraman, G.'   1  ? 
primary 'Kumar, T.K.S.'   2  ? 
primary 'Tsai, C.C.'      3  ? 
primary 'Chou, S.H.'      4  ? 
primary 'Ho, C.L.'        5  ? 
primary 'Yu, C.'          6  ? 
1       'Sivaraman, T.'   7  ? 
1       'Kumar, T.K.'     8  ? 
1       'Yang, P.W.'      9  ? 
1       'Yu, C.'          10 ? 
2       'Kumar, T.K.'     11 ? 
2       'Jayaraman, G.'   12 ? 
2       'Lee, C.S.'       13 ? 
2       'Arunkumar, A.I.' 14 ? 
2       'Sivaraman, T.'   15 ? 
2       'Samuel, D.'      16 ? 
2       'Yu, C.'          17 ? 
3       'Chiou, S.H.'     18 ? 
3       'Hung, C.C.'      19 ? 
3       'Huang, H.C.'     20 ? 
3       'Chen, S.T.'      21 ? 
3       'Wang, K.T.'      22 ? 
3       'Yang, C.C.'      23 ? 
4       'Takechi, M.'     24 ? 
4       'Tanaka, Y.'      25 ? 
4       'Hayashi, K.'     26 ? 
# 
_entity.id                         1 
_entity.type                       polymer 
_entity.src_method                 nat 
_entity.pdbx_description           'PROTEIN (CARDIOTOXIN ANALOGUE V)' 
_entity.formula_weight             6821.410 
_entity.pdbx_number_of_molecules   1 
_entity.pdbx_ec                    ? 
_entity.pdbx_mutation              ? 
_entity.pdbx_fragment              ? 
_entity.details                    ? 
# 
_entity_poly.entity_id                      1 
_entity_poly.type                           'polypeptide(L)' 
_entity_poly.nstd_linkage                   no 
_entity_poly.nstd_monomer                   no 
_entity_poly.pdbx_seq_one_letter_code       LKCNKLVPLFYKTCPAGKNLCYKMFMVSNKMVPVKRGCIDVCPKSSLLVKYVCCNTDRCN 
_entity_poly.pdbx_seq_one_letter_code_can   LKCNKLVPLFYKTCPAGKNLCYKMFMVSNKMVPVKRGCIDVCPKSSLLVKYVCCNTDRCN 
_entity_poly.pdbx_strand_id                 S 
_entity_poly.pdbx_target_identifier         ? 
# 
loop_
_entity_poly_seq.entity_id 
_entity_poly_seq.num 
_entity_poly_seq.mon_id 
_entity_poly_seq.hetero 
1 1  LEU n 
1 2  LYS n 
1 3  CYS n 
1 4  ASN n 
1 5  LYS n 
1 6  LEU n 
1 7  VAL n 
1 8  PRO n 
1 9  LEU n 
1 10 PHE n 
1 11 TYR n 
1 12 LYS n 
1 13 THR n 
1 14 CYS n 
1 15 PRO n 
1 16 ALA n 
1 17 GLY n 
1 18 LYS n 
1 19 ASN n 
1 20 LEU n 
1 21 CYS n 
1 22 TYR n 
1 23 LYS n 
1 24 MET n 
1 25 PHE n 
1 26 MET n 
1 27 VAL n 
1 28 SER n 
1 29 ASN n 
1 30 LYS n 
1 31 MET n 
1 32 VAL n 
1 33 PRO n 
1 34 VAL n 
1 35 LYS n 
1 36 ARG n 
1 37 GLY n 
1 38 CYS n 
1 39 ILE n 
1 40 ASP n 
1 41 VAL n 
1 42 CYS n 
1 43 PRO n 
1 44 LYS n 
1 45 SER n 
1 46 SER n 
1 47 LEU n 
1 48 LEU n 
1 49 VAL n 
1 50 LYS n 
1 51 TYR n 
1 52 VAL n 
1 53 CYS n 
1 54 CYS n 
1 55 ASN n 
1 56 THR n 
1 57 ASP n 
1 58 ARG n 
1 59 CYS n 
1 60 ASN n 
# 
_entity_src_nat.entity_id                  1 
_entity_src_nat.pdbx_src_id                1 
_entity_src_nat.pdbx_alt_source_flag       sample 
_entity_src_nat.pdbx_beg_seq_num           ? 
_entity_src_nat.pdbx_end_seq_num           ? 
_entity_src_nat.common_name                'Chinese cobra' 
_entity_src_nat.pdbx_organism_scientific   'Naja atra' 
_entity_src_nat.pdbx_ncbi_taxonomy_id      8656 
_entity_src_nat.genus                      Naja 
_entity_src_nat.species                    ? 
_entity_src_nat.strain                     ? 
_entity_src_nat.tissue                     ? 
_entity_src_nat.tissue_fraction            ? 
_entity_src_nat.pdbx_secretion             ? 
_entity_src_nat.pdbx_fragment              ? 
_entity_src_nat.pdbx_variant               ? 
_entity_src_nat.pdbx_cell_line             ? 
_entity_src_nat.pdbx_atcc                  ? 
_entity_src_nat.pdbx_cellular_location     ? 
_entity_src_nat.pdbx_organ                 ? 
_entity_src_nat.pdbx_organelle             ? 
_entity_src_nat.pdbx_cell                  ? 
_entity_src_nat.pdbx_plasmid_name          ? 
_entity_src_nat.pdbx_plasmid_details       ? 
_entity_src_nat.details                    'CTX V OBTAINED FROM THE SNAKE (NAJA NAJA ATRA) VENOM' 
# 
loop_
_chem_comp.id 
_chem_comp.type 
_chem_comp.mon_nstd_flag 
_chem_comp.name 
_chem_comp.pdbx_synonyms 
_chem_comp.formula 
_chem_comp.formula_weight 
ALA 'L-peptide linking' y ALANINE         ? 'C3 H7 N O2'     89.093  
ARG 'L-peptide linking' y ARGININE        ? 'C6 H15 N4 O2 1' 175.209 
ASN 'L-peptide linking' y ASPARAGINE      ? 'C4 H8 N2 O3'    132.118 
ASP 'L-peptide linking' y 'ASPARTIC ACID' ? 'C4 H7 N O4'     133.103 
CYS 'L-peptide linking' y CYSTEINE        ? 'C3 H7 N O2 S'   121.158 
GLY 'peptide linking'   y GLYCINE         ? 'C2 H5 N O2'     75.067  
ILE 'L-peptide linking' y ISOLEUCINE      ? 'C6 H13 N O2'    131.173 
LEU 'L-peptide linking' y LEUCINE         ? 'C6 H13 N O2'    131.173 
LYS 'L-peptide linking' y LYSINE          ? 'C6 H15 N2 O2 1' 147.195 
MET 'L-peptide linking' y METHIONINE      ? 'C5 H11 N O2 S'  149.211 
PHE 'L-peptide linking' y PHENYLALANINE   ? 'C9 H11 N O2'    165.189 
PRO 'L-peptide linking' y PROLINE         ? 'C5 H9 N O2'     115.130 
SER 'L-peptide linking' y SERINE          ? 'C3 H7 N O3'     105.093 
THR 'L-peptide linking' y THREONINE       ? 'C4 H9 N O3'     119.119 
TYR 'L-peptide linking' y TYROSINE        ? 'C9 H11 N O3'    181.189 
VAL 'L-peptide linking' y VALINE          ? 'C5 H11 N O2'    117.146 
# 
loop_
_pdbx_poly_seq_scheme.asym_id 
_pdbx_poly_seq_scheme.entity_id 
_pdbx_poly_seq_scheme.seq_id 
_pdbx_poly_seq_scheme.mon_id 
_pdbx_poly_seq_scheme.ndb_seq_num 
_pdbx_poly_seq_scheme.pdb_seq_num 
_pdbx_poly_seq_scheme.auth_seq_num 
_pdbx_poly_seq_scheme.pdb_mon_id 
_pdbx_poly_seq_scheme.auth_mon_id 
_pdbx_poly_seq_scheme.pdb_strand_id 
_pdbx_poly_seq_scheme.pdb_ins_code 
_pdbx_poly_seq_scheme.hetero 
A 1 1  LEU 1  1  1  LEU LEU S . n 
A 1 2  LYS 2  2  2  LYS LYS S . n 
A 1 3  CYS 3  3  3  CYS CYS S . n 
A 1 4  ASN 4  4  4  ASN ASN S . n 
A 1 5  LYS 5  5  5  LYS LYS S . n 
A 1 6  LEU 6  6  6  LEU LEU S . n 
A 1 7  VAL 7  7  7  VAL VAL S . n 
A 1 8  PRO 8  8  8  PRO PRO S . n 
A 1 9  LEU 9  9  9  LEU LEU S . n 
A 1 10 PHE 10 10 10 PHE PHE S . n 
A 1 11 TYR 11 11 11 TYR TYR S . n 
A 1 12 LYS 12 12 12 LYS LYS S . n 
A 1 13 THR 13 13 13 THR THR S . n 
A 1 14 CYS 14 14 14 CYS CYS S . n 
A 1 15 PRO 15 15 15 PRO PRO S . n 
A 1 16 ALA 16 16 16 ALA ALA S . n 
A 1 17 GLY 17 17 17 GLY GLY S . n 
A 1 18 LYS 18 18 18 LYS LYS S . n 
A 1 19 ASN 19 19 19 ASN ASN S . n 
A 1 20 LEU 20 20 20 LEU LEU S . n 
A 1 21 CYS 21 21 21 CYS CYS S . n 
A 1 22 TYR 22 22 22 TYR TYR S . n 
A 1 23 LYS 23 23 23 LYS LYS S . n 
A 1 24 MET 24 24 24 MET MET S . n 
A 1 25 PHE 25 25 25 PHE PHE S . n 
A 1 26 MET 26 26 26 MET MET S . n 
A 1 27 VAL 27 27 27 VAL VAL S . n 
A 1 28 SER 28 28 28 SER SER S . n 
A 1 29 ASN 29 29 29 ASN ASN S . n 
A 1 30 LYS 30 30 30 LYS LYS S . n 
A 1 31 MET 31 31 31 MET MET S . n 
A 1 32 VAL 32 32 32 VAL VAL S . n 
A 1 33 PRO 33 33 33 PRO PRO S . n 
A 1 34 VAL 34 34 34 VAL VAL S . n 
A 1 35 LYS 35 35 35 LYS LYS S . n 
A 1 36 ARG 36 36 36 ARG ARG S . n 
A 1 37 GLY 37 37 37 GLY GLY S . n 
A 1 38 CYS 38 38 38 CYS CYS S . n 
A 1 39 ILE 39 39 39 ILE ILE S . n 
A 1 40 ASP 40 40 40 ASP ASP S . n 
A 1 41 VAL 41 41 41 VAL VAL S . n 
A 1 42 CYS 42 42 42 CYS CYS S . n 
A 1 43 PRO 43 43 43 PRO PRO S . n 
A 1 44 LYS 44 44 44 LYS LYS S . n 
A 1 45 SER 45 45 45 SER SER S . n 
A 1 46 SER 46 46 46 SER SER S . n 
A 1 47 LEU 47 47 47 LEU LEU S . n 
A 1 48 LEU 48 48 48 LEU LEU S . n 
A 1 49 VAL 49 49 49 VAL VAL S . n 
A 1 50 LYS 50 50 50 LYS LYS S . n 
A 1 51 TYR 51 51 51 TYR TYR S . n 
A 1 52 VAL 52 52 52 VAL VAL S . n 
A 1 53 CYS 53 53 53 CYS CYS S . n 
A 1 54 CYS 54 54 54 CYS CYS S . n 
A 1 55 ASN 55 55 55 ASN ASN S . n 
A 1 56 THR 56 56 56 THR THR S . n 
A 1 57 ASP 57 57 57 ASP ASP S . n 
A 1 58 ARG 58 58 58 ARG ARG S . n 
A 1 59 CYS 59 59 59 CYS CYS S . n 
A 1 60 ASN 60 60 60 ASN ASN S . n 
# 
_cell.entry_id           1CHV 
_cell.length_a           1.000 
_cell.length_b           1.000 
_cell.length_c           1.000 
_cell.angle_alpha        90.00 
_cell.angle_beta         90.00 
_cell.angle_gamma        90.00 
_cell.Z_PDB              1 
_cell.pdbx_unique_axis   ? 
# 
_symmetry.entry_id                         1CHV 
_symmetry.space_group_name_H-M             'P 1' 
_symmetry.pdbx_full_space_group_name_H-M   ? 
_symmetry.cell_setting                     ? 
_symmetry.Int_Tables_number                1 
# 
_exptl.entry_id          1CHV 
_exptl.method            'SOLUTION NMR' 
_exptl.crystals_number   ? 
# 
_struct.entry_id                  1CHV 
_struct.title                     
'ELUCIDATION OF THE SOLUTION STRUCTURE OF CARDIOTOXIN ANALOGUE V FROM THE TAIWAN COBRA (NAJA NAJA ATRA) VENOM' 
_struct.pdbx_model_details        ? 
_struct.pdbx_CASP_flag            ? 
_struct.pdbx_model_type_details   'minimized average' 
# 
_struct_keywords.entry_id        1CHV 
_struct_keywords.pdbx_keywords   TOXIN 
_struct_keywords.text            'CARDIOTOXINS, CYTOTOXINS, TOXIN' 
# 
_struct_asym.id                            A 
_struct_asym.pdbx_blank_PDB_chainid_flag   N 
_struct_asym.pdbx_modified                 N 
_struct_asym.entity_id                     1 
_struct_asym.details                       ? 
# 
_struct_ref.id                         1 
_struct_ref.db_name                    UNP 
_struct_ref.db_code                    CX5T_NAJAT 
_struct_ref.entity_id                  1 
_struct_ref.pdbx_db_accession          P07525 
_struct_ref.pdbx_align_begin           ? 
_struct_ref.pdbx_seq_one_letter_code   ? 
_struct_ref.pdbx_db_isoform            ? 
# 
_struct_ref_seq.align_id                      1 
_struct_ref_seq.ref_id                        1 
_struct_ref_seq.pdbx_PDB_id_code              1CHV 
_struct_ref_seq.pdbx_strand_id                S 
_struct_ref_seq.seq_align_beg                 1 
_struct_ref_seq.pdbx_seq_align_beg_ins_code   ? 
_struct_ref_seq.seq_align_end                 60 
_struct_ref_seq.pdbx_seq_align_end_ins_code   ? 
_struct_ref_seq.pdbx_db_accession             P07525 
_struct_ref_seq.db_align_beg                  1 
_struct_ref_seq.pdbx_db_align_beg_ins_code    ? 
_struct_ref_seq.db_align_end                  60 
_struct_ref_seq.pdbx_db_align_end_ins_code    ? 
_struct_ref_seq.pdbx_auth_seq_align_beg       1 
_struct_ref_seq.pdbx_auth_seq_align_end       60 
# 
_pdbx_struct_assembly.id                   1 
_pdbx_struct_assembly.details              author_defined_assembly 
_pdbx_struct_assembly.method_details       ? 
_pdbx_struct_assembly.oligomeric_details   monomeric 
_pdbx_struct_assembly.oligomeric_count     1 
# 
_pdbx_struct_assembly_gen.assembly_id       1 
_pdbx_struct_assembly_gen.oper_expression   1 
_pdbx_struct_assembly_gen.asym_id_list      A 
# 
_pdbx_struct_oper_list.id                   1 
_pdbx_struct_oper_list.type                 'identity operation' 
_pdbx_struct_oper_list.name                 1_555 
_pdbx_struct_oper_list.symmetry_operation   ? 
_pdbx_struct_oper_list.matrix[1][1]         1.0000000000 
_pdbx_struct_oper_list.matrix[1][2]         0.0000000000 
_pdbx_struct_oper_list.matrix[1][3]         0.0000000000 
_pdbx_struct_oper_list.vector[1]            0.0000000000 
_pdbx_struct_oper_list.matrix[2][1]         0.0000000000 
_pdbx_struct_oper_list.matrix[2][2]         1.0000000000 
_pdbx_struct_oper_list.matrix[2][3]         0.0000000000 
_pdbx_struct_oper_list.vector[2]            0.0000000000 
_pdbx_struct_oper_list.matrix[3][1]         0.0000000000 
_pdbx_struct_oper_list.matrix[3][2]         0.0000000000 
_pdbx_struct_oper_list.matrix[3][3]         1.0000000000 
_pdbx_struct_oper_list.vector[3]            0.0000000000 
# 
loop_
_struct_conn.id 
_struct_conn.conn_type_id 
_struct_conn.pdbx_leaving_atom_flag 
_struct_conn.pdbx_PDB_id 
_struct_conn.ptnr1_label_asym_id 
_struct_conn.ptnr1_label_comp_id 
_struct_conn.ptnr1_label_seq_id 
_struct_conn.ptnr1_label_atom_id 
_struct_conn.pdbx_ptnr1_label_alt_id 
_struct_conn.pdbx_ptnr1_PDB_ins_code 
_struct_conn.pdbx_ptnr1_standard_comp_id 
_struct_conn.ptnr1_symmetry 
_struct_conn.ptnr2_label_asym_id 
_struct_conn.ptnr2_label_comp_id 
_struct_conn.ptnr2_label_seq_id 
_struct_conn.ptnr2_label_atom_id 
_struct_conn.pdbx_ptnr2_label_alt_id 
_struct_conn.pdbx_ptnr2_PDB_ins_code 
_struct_conn.ptnr1_auth_asym_id 
_struct_conn.ptnr1_auth_comp_id 
_struct_conn.ptnr1_auth_seq_id 
_struct_conn.ptnr2_auth_asym_id 
_struct_conn.ptnr2_auth_comp_id 
_struct_conn.ptnr2_auth_seq_id 
_struct_conn.ptnr2_symmetry 
_struct_conn.pdbx_ptnr3_label_atom_id 
_struct_conn.pdbx_ptnr3_label_seq_id 
_struct_conn.pdbx_ptnr3_label_comp_id 
_struct_conn.pdbx_ptnr3_label_asym_id 
_struct_conn.pdbx_ptnr3_label_alt_id 
_struct_conn.pdbx_ptnr3_PDB_ins_code 
_struct_conn.details 
_struct_conn.pdbx_dist_value 
_struct_conn.pdbx_value_order 
_struct_conn.pdbx_role 
disulf1 disulf ? ? A CYS 3  SG ? ? ? 1_555 A CYS 21 SG ? ? S CYS 3  S CYS 21 1_555 ? ? ? ? ? ? ? 2.118 ? ? 
disulf2 disulf ? ? A CYS 14 SG ? ? ? 1_555 A CYS 38 SG ? ? S CYS 14 S CYS 38 1_555 ? ? ? ? ? ? ? 2.110 ? ? 
disulf3 disulf ? ? A CYS 42 SG ? ? ? 1_555 A CYS 53 SG ? ? S CYS 42 S CYS 53 1_555 ? ? ? ? ? ? ? 2.042 ? ? 
disulf4 disulf ? ? A CYS 54 SG ? ? ? 1_555 A CYS 59 SG ? ? S CYS 54 S CYS 59 1_555 ? ? ? ? ? ? ? 2.006 ? ? 
# 
_struct_conn_type.id          disulf 
_struct_conn_type.criteria    ? 
_struct_conn_type.reference   ? 
# 
loop_
_pdbx_modification_feature.ordinal 
_pdbx_modification_feature.label_comp_id 
_pdbx_modification_feature.label_asym_id 
_pdbx_modification_feature.label_seq_id 
_pdbx_modification_feature.label_alt_id 
_pdbx_modification_feature.modified_residue_label_comp_id 
_pdbx_modification_feature.modified_residue_label_asym_id 
_pdbx_modification_feature.modified_residue_label_seq_id 
_pdbx_modification_feature.modified_residue_label_alt_id 
_pdbx_modification_feature.auth_comp_id 
_pdbx_modification_feature.auth_asym_id 
_pdbx_modification_feature.auth_seq_id 
_pdbx_modification_feature.PDB_ins_code 
_pdbx_modification_feature.symmetry 
_pdbx_modification_feature.modified_residue_auth_comp_id 
_pdbx_modification_feature.modified_residue_auth_asym_id 
_pdbx_modification_feature.modified_residue_auth_seq_id 
_pdbx_modification_feature.modified_residue_PDB_ins_code 
_pdbx_modification_feature.modified_residue_symmetry 
_pdbx_modification_feature.comp_id_linking_atom 
_pdbx_modification_feature.modified_residue_id_linking_atom 
_pdbx_modification_feature.modified_residue_id 
_pdbx_modification_feature.ref_pcm_id 
_pdbx_modification_feature.ref_comp_id 
_pdbx_modification_feature.type 
_pdbx_modification_feature.category 
1 CYS A 3  ? CYS A 21 ? CYS S 3  ? 1_555 CYS S 21 ? 1_555 SG SG . . . None 'Disulfide bridge' 
2 CYS A 14 ? CYS A 38 ? CYS S 14 ? 1_555 CYS S 38 ? 1_555 SG SG . . . None 'Disulfide bridge' 
3 CYS A 42 ? CYS A 53 ? CYS S 42 ? 1_555 CYS S 53 ? 1_555 SG SG . . . None 'Disulfide bridge' 
4 CYS A 54 ? CYS A 59 ? CYS S 54 ? 1_555 CYS S 59 ? 1_555 SG SG . . . None 'Disulfide bridge' 
# 
_struct_sheet.id               A 
_struct_sheet.type             ? 
_struct_sheet.number_strands   3 
_struct_sheet.details          ? 
# 
loop_
_struct_sheet_order.sheet_id 
_struct_sheet_order.range_id_1 
_struct_sheet_order.range_id_2 
_struct_sheet_order.offset 
_struct_sheet_order.sense 
A 1 2 ? anti-parallel 
A 2 3 ? anti-parallel 
# 
loop_
_struct_sheet_range.sheet_id 
_struct_sheet_range.id 
_struct_sheet_range.beg_label_comp_id 
_struct_sheet_range.beg_label_asym_id 
_struct_sheet_range.beg_label_seq_id 
_struct_sheet_range.pdbx_beg_PDB_ins_code 
_struct_sheet_range.end_label_comp_id 
_struct_sheet_range.end_label_asym_id 
_struct_sheet_range.end_label_seq_id 
_struct_sheet_range.pdbx_end_PDB_ins_code 
_struct_sheet_range.beg_auth_comp_id 
_struct_sheet_range.beg_auth_asym_id 
_struct_sheet_range.beg_auth_seq_id 
_struct_sheet_range.end_auth_comp_id 
_struct_sheet_range.end_auth_asym_id 
_struct_sheet_range.end_auth_seq_id 
A 1 VAL A 32 ? CYS A 38 ? VAL S 32 CYS S 38 
A 2 CYS A 21 ? MET A 26 ? CYS S 21 MET S 26 
A 3 LYS A 50 ? TYR A 51 ? LYS S 50 TYR S 51 
# 
loop_
_pdbx_struct_sheet_hbond.sheet_id 
_pdbx_struct_sheet_hbond.range_id_1 
_pdbx_struct_sheet_hbond.range_id_2 
_pdbx_struct_sheet_hbond.range_1_label_atom_id 
_pdbx_struct_sheet_hbond.range_1_label_comp_id 
_pdbx_struct_sheet_hbond.range_1_label_asym_id 
_pdbx_struct_sheet_hbond.range_1_label_seq_id 
_pdbx_struct_sheet_hbond.range_1_PDB_ins_code 
_pdbx_struct_sheet_hbond.range_1_auth_atom_id 
_pdbx_struct_sheet_hbond.range_1_auth_comp_id 
_pdbx_struct_sheet_hbond.range_1_auth_asym_id 
_pdbx_struct_sheet_hbond.range_1_auth_seq_id 
_pdbx_struct_sheet_hbond.range_2_label_atom_id 
_pdbx_struct_sheet_hbond.range_2_label_comp_id 
_pdbx_struct_sheet_hbond.range_2_label_asym_id 
_pdbx_struct_sheet_hbond.range_2_label_seq_id 
_pdbx_struct_sheet_hbond.range_2_PDB_ins_code 
_pdbx_struct_sheet_hbond.range_2_auth_atom_id 
_pdbx_struct_sheet_hbond.range_2_auth_comp_id 
_pdbx_struct_sheet_hbond.range_2_auth_asym_id 
_pdbx_struct_sheet_hbond.range_2_auth_seq_id 
A 1 2 N GLY A 37 ? N GLY S 37 O TYR A 22 ? O TYR S 22 
A 2 3 N PHE A 25 ? N PHE S 25 O LYS A 50 ? O LYS S 50 
# 
_pdbx_entry_details.entry_id                   1CHV 
_pdbx_entry_details.compound_details           ? 
_pdbx_entry_details.source_details             ? 
_pdbx_entry_details.nonpolymer_details         ? 
_pdbx_entry_details.sequence_details           ? 
_pdbx_entry_details.has_ligand_of_interest     ? 
_pdbx_entry_details.has_protein_modification   Y 
# 
loop_
_pdbx_validate_rmsd_angle.id 
_pdbx_validate_rmsd_angle.PDB_model_num 
_pdbx_validate_rmsd_angle.auth_atom_id_1 
_pdbx_validate_rmsd_angle.auth_asym_id_1 
_pdbx_validate_rmsd_angle.auth_comp_id_1 
_pdbx_validate_rmsd_angle.auth_seq_id_1 
_pdbx_validate_rmsd_angle.PDB_ins_code_1 
_pdbx_validate_rmsd_angle.label_alt_id_1 
_pdbx_validate_rmsd_angle.auth_atom_id_2 
_pdbx_validate_rmsd_angle.auth_asym_id_2 
_pdbx_validate_rmsd_angle.auth_comp_id_2 
_pdbx_validate_rmsd_angle.auth_seq_id_2 
_pdbx_validate_rmsd_angle.PDB_ins_code_2 
_pdbx_validate_rmsd_angle.label_alt_id_2 
_pdbx_validate_rmsd_angle.auth_atom_id_3 
_pdbx_validate_rmsd_angle.auth_asym_id_3 
_pdbx_validate_rmsd_angle.auth_comp_id_3 
_pdbx_validate_rmsd_angle.auth_seq_id_3 
_pdbx_validate_rmsd_angle.PDB_ins_code_3 
_pdbx_validate_rmsd_angle.label_alt_id_3 
_pdbx_validate_rmsd_angle.angle_value 
_pdbx_validate_rmsd_angle.angle_target_value 
_pdbx_validate_rmsd_angle.angle_deviation 
_pdbx_validate_rmsd_angle.angle_standard_deviation 
_pdbx_validate_rmsd_angle.linker_flag 
1 1 CB  S TYR 11 ? ? CG S TYR 11 ? ? CD1 S TYR 11 ? ? 126.49 121.00 5.49  0.60 N 
2 1 CB  S ALA 16 ? ? CA S ALA 16 ? ? C   S ALA 16 ? ? 120.08 110.10 9.98  1.50 N 
3 1 CB  S TYR 22 ? ? CG S TYR 22 ? ? CD2 S TYR 22 ? ? 124.86 121.00 3.86  0.60 N 
4 1 NH1 S ARG 36 ? ? CZ S ARG 36 ? ? NH2 S ARG 36 ? ? 126.29 119.40 6.89  1.10 N 
5 1 NE  S ARG 36 ? ? CZ S ARG 36 ? ? NH1 S ARG 36 ? ? 116.25 120.30 -4.05 0.50 N 
6 1 CB  S VAL 41 ? ? CA S VAL 41 ? ? C   S VAL 41 ? ? 123.71 111.40 12.31 1.90 N 
7 1 CB  S LYS 50 ? ? CA S LYS 50 ? ? C   S LYS 50 ? ? 124.08 110.40 13.68 2.00 N 
8 1 CB  S TYR 51 ? ? CG S TYR 51 ? ? CD2 S TYR 51 ? ? 117.14 121.00 -3.86 0.60 N 
9 1 CB  S ASP 57 ? ? CG S ASP 57 ? ? OD2 S ASP 57 ? ? 123.90 118.30 5.60  0.90 N 
# 
loop_
_pdbx_validate_torsion.id 
_pdbx_validate_torsion.PDB_model_num 
_pdbx_validate_torsion.auth_comp_id 
_pdbx_validate_torsion.auth_asym_id 
_pdbx_validate_torsion.auth_seq_id 
_pdbx_validate_torsion.PDB_ins_code 
_pdbx_validate_torsion.label_alt_id 
_pdbx_validate_torsion.phi 
_pdbx_validate_torsion.psi 
1  1 LEU S 6  ? ? 64.24   -138.31 
2  1 VAL S 7  ? ? -132.41 -60.55  
3  1 TYR S 11 ? ? 45.11   110.57  
4  1 ALA S 16 ? ? 80.60   -144.04 
5  1 ASN S 19 ? ? -107.53 -65.43  
6  1 LYS S 23 ? ? -177.42 139.39  
7  1 MET S 24 ? ? -67.09  99.35   
8  1 MET S 31 ? ? -66.13  99.11   
9  1 PRO S 33 ? ? -52.71  106.97  
10 1 VAL S 34 ? ? -63.50  -107.54 
11 1 ILE S 39 ? ? -178.92 -102.79 
12 1 ASP S 40 ? ? -179.25 -32.35  
13 1 CYS S 42 ? ? -129.62 -59.97  
14 1 PRO S 43 ? ? -87.69  -128.07 
15 1 LYS S 44 ? ? 50.55   -158.12 
16 1 SER S 46 ? ? -85.91  -83.79  
17 1 LEU S 47 ? ? -175.18 -88.07  
18 1 VAL S 49 ? ? -151.98 87.22   
# 
loop_
_pdbx_validate_peptide_omega.id 
_pdbx_validate_peptide_omega.PDB_model_num 
_pdbx_validate_peptide_omega.auth_comp_id_1 
_pdbx_validate_peptide_omega.auth_asym_id_1 
_pdbx_validate_peptide_omega.auth_seq_id_1 
_pdbx_validate_peptide_omega.PDB_ins_code_1 
_pdbx_validate_peptide_omega.label_alt_id_1 
_pdbx_validate_peptide_omega.auth_comp_id_2 
_pdbx_validate_peptide_omega.auth_asym_id_2 
_pdbx_validate_peptide_omega.auth_seq_id_2 
_pdbx_validate_peptide_omega.PDB_ins_code_2 
_pdbx_validate_peptide_omega.label_alt_id_2 
_pdbx_validate_peptide_omega.omega 
1 1 LYS S 2  ? ? CYS S 3  ? ? -147.46 
2 1 LYS S 5  ? ? LEU S 6  ? ? -147.30 
3 1 LYS S 18 ? ? ASN S 19 ? ? -137.50 
4 1 VAL S 49 ? ? LYS S 50 ? ? 149.62  
# 
_pdbx_validate_planes.id              1 
_pdbx_validate_planes.PDB_model_num   1 
_pdbx_validate_planes.auth_comp_id    TYR 
_pdbx_validate_planes.auth_asym_id    S 
_pdbx_validate_planes.auth_seq_id     22 
_pdbx_validate_planes.PDB_ins_code    ? 
_pdbx_validate_planes.label_alt_id    ? 
_pdbx_validate_planes.rmsd            0.092 
_pdbx_validate_planes.type            'SIDE CHAIN' 
# 
_pdbx_nmr_ensemble.entry_id                                      1CHV 
_pdbx_nmr_ensemble.conformers_calculated_total_number            50 
_pdbx_nmr_ensemble.conformers_submitted_total_number             1 
_pdbx_nmr_ensemble.conformer_selection_criteria                  'LEAST RESTRAINT VIOLATION' 
_pdbx_nmr_ensemble.average_constraints_per_residue               ? 
_pdbx_nmr_ensemble.average_constraint_violations_per_residue     ? 
_pdbx_nmr_ensemble.maximum_distance_constraint_violation         ? 
_pdbx_nmr_ensemble.average_distance_constraint_violation         ? 
_pdbx_nmr_ensemble.maximum_upper_distance_constraint_violation   ? 
_pdbx_nmr_ensemble.maximum_lower_distance_constraint_violation   ? 
_pdbx_nmr_ensemble.distance_constraint_violation_method          ? 
_pdbx_nmr_ensemble.maximum_torsion_angle_constraint_violation    ? 
_pdbx_nmr_ensemble.average_torsion_angle_constraint_violation    ? 
_pdbx_nmr_ensemble.torsion_angle_constraint_violation_method     ? 
# 
_pdbx_nmr_representative.entry_id             1CHV 
_pdbx_nmr_representative.conformer_id         1 
_pdbx_nmr_representative.selection_criteria   'minimized average structure' 
# 
_pdbx_nmr_sample_details.solution_id      1 
_pdbx_nmr_sample_details.contents         '90% H2O AND 10% D2O' 
_pdbx_nmr_sample_details.solvent_system   ? 
# 
_pdbx_nmr_exptl_sample_conditions.conditions_id       1 
_pdbx_nmr_exptl_sample_conditions.temperature         293 
_pdbx_nmr_exptl_sample_conditions.pressure            ? 
_pdbx_nmr_exptl_sample_conditions.pH                  3.0 
_pdbx_nmr_exptl_sample_conditions.ionic_strength      ? 
_pdbx_nmr_exptl_sample_conditions.pressure_units      ? 
_pdbx_nmr_exptl_sample_conditions.temperature_units   K 
# 
loop_
_pdbx_nmr_exptl.experiment_id 
_pdbx_nmr_exptl.conditions_id 
_pdbx_nmr_exptl.type 
_pdbx_nmr_exptl.solution_id 
1 1 DQF-COSY 1 
2 1 TOCSY    1 
3 1 NOESY    1 
# 
_pdbx_nmr_details.entry_id   1CHV 
_pdbx_nmr_details.text       'MEAN STRUCTURE. NULL' 
# 
_pdbx_nmr_refine.entry_id           1CHV 
_pdbx_nmr_refine.method             'simulated annealing' 
_pdbx_nmr_refine.details            REFINE.INP 
_pdbx_nmr_refine.software_ordinal   1 
# 
loop_
_pdbx_nmr_software.classification 
_pdbx_nmr_software.name 
_pdbx_nmr_software.version 
_pdbx_nmr_software.authors 
_pdbx_nmr_software.ordinal 
refinement           X-PLOR ? NILGES,KUSEWSKI,BRUNGER 1 
'structure solution' X-PLOR ? ?                       2 
# 
loop_
_chem_comp_atom.comp_id 
_chem_comp_atom.atom_id 
_chem_comp_atom.type_symbol 
_chem_comp_atom.pdbx_aromatic_flag 
_chem_comp_atom.pdbx_stereo_config 
_chem_comp_atom.pdbx_ordinal 
ALA N    N N N 1   
ALA CA   C N S 2   
ALA C    C N N 3   
ALA O    O N N 4   
ALA CB   C N N 5   
ALA OXT  O N N 6   
ALA H    H N N 7   
ALA H2   H N N 8   
ALA HA   H N N 9   
ALA HB1  H N N 10  
ALA HB2  H N N 11  
ALA HB3  H N N 12  
ALA HXT  H N N 13  
ARG N    N N N 14  
ARG CA   C N S 15  
ARG C    C N N 16  
ARG O    O N N 17  
ARG CB   C N N 18  
ARG CG   C N N 19  
ARG CD   C N N 20  
ARG NE   N N N 21  
ARG CZ   C N N 22  
ARG NH1  N N N 23  
ARG NH2  N N N 24  
ARG OXT  O N N 25  
ARG H    H N N 26  
ARG H2   H N N 27  
ARG HA   H N N 28  
ARG HB2  H N N 29  
ARG HB3  H N N 30  
ARG HG2  H N N 31  
ARG HG3  H N N 32  
ARG HD2  H N N 33  
ARG HD3  H N N 34  
ARG HE   H N N 35  
ARG HH11 H N N 36  
ARG HH12 H N N 37  
ARG HH21 H N N 38  
ARG HH22 H N N 39  
ARG HXT  H N N 40  
ASN N    N N N 41  
ASN CA   C N S 42  
ASN C    C N N 43  
ASN O    O N N 44  
ASN CB   C N N 45  
ASN CG   C N N 46  
ASN OD1  O N N 47  
ASN ND2  N N N 48  
ASN OXT  O N N 49  
ASN H    H N N 50  
ASN H2   H N N 51  
ASN HA   H N N 52  
ASN HB2  H N N 53  
ASN HB3  H N N 54  
ASN HD21 H N N 55  
ASN HD22 H N N 56  
ASN HXT  H N N 57  
ASP N    N N N 58  
ASP CA   C N S 59  
ASP C    C N N 60  
ASP O    O N N 61  
ASP CB   C N N 62  
ASP CG   C N N 63  
ASP OD1  O N N 64  
ASP OD2  O N N 65  
ASP OXT  O N N 66  
ASP H    H N N 67  
ASP H2   H N N 68  
ASP HA   H N N 69  
ASP HB2  H N N 70  
ASP HB3  H N N 71  
ASP HD2  H N N 72  
ASP HXT  H N N 73  
CYS N    N N N 74  
CYS CA   C N R 75  
CYS C    C N N 76  
CYS O    O N N 77  
CYS CB   C N N 78  
CYS SG   S N N 79  
CYS OXT  O N N 80  
CYS H    H N N 81  
CYS H2   H N N 82  
CYS HA   H N N 83  
CYS HB2  H N N 84  
CYS HB3  H N N 85  
CYS HG   H N N 86  
CYS HXT  H N N 87  
GLY N    N N N 88  
GLY CA   C N N 89  
GLY C    C N N 90  
GLY O    O N N 91  
GLY OXT  O N N 92  
GLY H    H N N 93  
GLY H2   H N N 94  
GLY HA2  H N N 95  
GLY HA3  H N N 96  
GLY HXT  H N N 97  
ILE N    N N N 98  
ILE CA   C N S 99  
ILE C    C N N 100 
ILE O    O N N 101 
ILE CB   C N S 102 
ILE CG1  C N N 103 
ILE CG2  C N N 104 
ILE CD1  C N N 105 
ILE OXT  O N N 106 
ILE H    H N N 107 
ILE H2   H N N 108 
ILE HA   H N N 109 
ILE HB   H N N 110 
ILE HG12 H N N 111 
ILE HG13 H N N 112 
ILE HG21 H N N 113 
ILE HG22 H N N 114 
ILE HG23 H N N 115 
ILE HD11 H N N 116 
ILE HD12 H N N 117 
ILE HD13 H N N 118 
ILE HXT  H N N 119 
LEU N    N N N 120 
LEU CA   C N S 121 
LEU C    C N N 122 
LEU O    O N N 123 
LEU CB   C N N 124 
LEU CG   C N N 125 
LEU CD1  C N N 126 
LEU CD2  C N N 127 
LEU OXT  O N N 128 
LEU H    H N N 129 
LEU H2   H N N 130 
LEU HA   H N N 131 
LEU HB2  H N N 132 
LEU HB3  H N N 133 
LEU HG   H N N 134 
LEU HD11 H N N 135 
LEU HD12 H N N 136 
LEU HD13 H N N 137 
LEU HD21 H N N 138 
LEU HD22 H N N 139 
LEU HD23 H N N 140 
LEU HXT  H N N 141 
LYS N    N N N 142 
LYS CA   C N S 143 
LYS C    C N N 144 
LYS O    O N N 145 
LYS CB   C N N 146 
LYS CG   C N N 147 
LYS CD   C N N 148 
LYS CE   C N N 149 
LYS NZ   N N N 150 
LYS OXT  O N N 151 
LYS H    H N N 152 
LYS H2   H N N 153 
LYS HA   H N N 154 
LYS HB2  H N N 155 
LYS HB3  H N N 156 
LYS HG2  H N N 157 
LYS HG3  H N N 158 
LYS HD2  H N N 159 
LYS HD3  H N N 160 
LYS HE2  H N N 161 
LYS HE3  H N N 162 
LYS HZ1  H N N 163 
LYS HZ2  H N N 164 
LYS HZ3  H N N 165 
LYS HXT  H N N 166 
MET N    N N N 167 
MET CA   C N S 168 
MET C    C N N 169 
MET O    O N N 170 
MET CB   C N N 171 
MET CG   C N N 172 
MET SD   S N N 173 
MET CE   C N N 174 
MET OXT  O N N 175 
MET H    H N N 176 
MET H2   H N N 177 
MET HA   H N N 178 
MET HB2  H N N 179 
MET HB3  H N N 180 
MET HG2  H N N 181 
MET HG3  H N N 182 
MET HE1  H N N 183 
MET HE2  H N N 184 
MET HE3  H N N 185 
MET HXT  H N N 186 
PHE N    N N N 187 
PHE CA   C N S 188 
PHE C    C N N 189 
PHE O    O N N 190 
PHE CB   C N N 191 
PHE CG   C Y N 192 
PHE CD1  C Y N 193 
PHE CD2  C Y N 194 
PHE CE1  C Y N 195 
PHE CE2  C Y N 196 
PHE CZ   C Y N 197 
PHE OXT  O N N 198 
PHE H    H N N 199 
PHE H2   H N N 200 
PHE HA   H N N 201 
PHE HB2  H N N 202 
PHE HB3  H N N 203 
PHE HD1  H N N 204 
PHE HD2  H N N 205 
PHE HE1  H N N 206 
PHE HE2  H N N 207 
PHE HZ   H N N 208 
PHE HXT  H N N 209 
PRO N    N N N 210 
PRO CA   C N S 211 
PRO C    C N N 212 
PRO O    O N N 213 
PRO CB   C N N 214 
PRO CG   C N N 215 
PRO CD   C N N 216 
PRO OXT  O N N 217 
PRO H    H N N 218 
PRO HA   H N N 219 
PRO HB2  H N N 220 
PRO HB3  H N N 221 
PRO HG2  H N N 222 
PRO HG3  H N N 223 
PRO HD2  H N N 224 
PRO HD3  H N N 225 
PRO HXT  H N N 226 
SER N    N N N 227 
SER CA   C N S 228 
SER C    C N N 229 
SER O    O N N 230 
SER CB   C N N 231 
SER OG   O N N 232 
SER OXT  O N N 233 
SER H    H N N 234 
SER H2   H N N 235 
SER HA   H N N 236 
SER HB2  H N N 237 
SER HB3  H N N 238 
SER HG   H N N 239 
SER HXT  H N N 240 
THR N    N N N 241 
THR CA   C N S 242 
THR C    C N N 243 
THR O    O N N 244 
THR CB   C N R 245 
THR OG1  O N N 246 
THR CG2  C N N 247 
THR OXT  O N N 248 
THR H    H N N 249 
THR H2   H N N 250 
THR HA   H N N 251 
THR HB   H N N 252 
THR HG1  H N N 253 
THR HG21 H N N 254 
THR HG22 H N N 255 
THR HG23 H N N 256 
THR HXT  H N N 257 
TYR N    N N N 258 
TYR CA   C N S 259 
TYR C    C N N 260 
TYR O    O N N 261 
TYR CB   C N N 262 
TYR CG   C Y N 263 
TYR CD1  C Y N 264 
TYR CD2  C Y N 265 
TYR CE1  C Y N 266 
TYR CE2  C Y N 267 
TYR CZ   C Y N 268 
TYR OH   O N N 269 
TYR OXT  O N N 270 
TYR H    H N N 271 
TYR H2   H N N 272 
TYR HA   H N N 273 
TYR HB2  H N N 274 
TYR HB3  H N N 275 
TYR HD1  H N N 276 
TYR HD2  H N N 277 
TYR HE1  H N N 278 
TYR HE2  H N N 279 
TYR HH   H N N 280 
TYR HXT  H N N 281 
VAL N    N N N 282 
VAL CA   C N S 283 
VAL C    C N N 284 
VAL O    O N N 285 
VAL CB   C N N 286 
VAL CG1  C N N 287 
VAL CG2  C N N 288 
VAL OXT  O N N 289 
VAL H    H N N 290 
VAL H2   H N N 291 
VAL HA   H N N 292 
VAL HB   H N N 293 
VAL HG11 H N N 294 
VAL HG12 H N N 295 
VAL HG13 H N N 296 
VAL HG21 H N N 297 
VAL HG22 H N N 298 
VAL HG23 H N N 299 
VAL HXT  H N N 300 
# 
loop_
_chem_comp_bond.comp_id 
_chem_comp_bond.atom_id_1 
_chem_comp_bond.atom_id_2 
_chem_comp_bond.value_order 
_chem_comp_bond.pdbx_aromatic_flag 
_chem_comp_bond.pdbx_stereo_config 
_chem_comp_bond.pdbx_ordinal 
ALA N   CA   sing N N 1   
ALA N   H    sing N N 2   
ALA N   H2   sing N N 3   
ALA CA  C    sing N N 4   
ALA CA  CB   sing N N 5   
ALA CA  HA   sing N N 6   
ALA C   O    doub N N 7   
ALA C   OXT  sing N N 8   
ALA CB  HB1  sing N N 9   
ALA CB  HB2  sing N N 10  
ALA CB  HB3  sing N N 11  
ALA OXT HXT  sing N N 12  
ARG N   CA   sing N N 13  
ARG N   H    sing N N 14  
ARG N   H2   sing N N 15  
ARG CA  C    sing N N 16  
ARG CA  CB   sing N N 17  
ARG CA  HA   sing N N 18  
ARG C   O    doub N N 19  
ARG C   OXT  sing N N 20  
ARG CB  CG   sing N N 21  
ARG CB  HB2  sing N N 22  
ARG CB  HB3  sing N N 23  
ARG CG  CD   sing N N 24  
ARG CG  HG2  sing N N 25  
ARG CG  HG3  sing N N 26  
ARG CD  NE   sing N N 27  
ARG CD  HD2  sing N N 28  
ARG CD  HD3  sing N N 29  
ARG NE  CZ   sing N N 30  
ARG NE  HE   sing N N 31  
ARG CZ  NH1  sing N N 32  
ARG CZ  NH2  doub N N 33  
ARG NH1 HH11 sing N N 34  
ARG NH1 HH12 sing N N 35  
ARG NH2 HH21 sing N N 36  
ARG NH2 HH22 sing N N 37  
ARG OXT HXT  sing N N 38  
ASN N   CA   sing N N 39  
ASN N   H    sing N N 40  
ASN N   H2   sing N N 41  
ASN CA  C    sing N N 42  
ASN CA  CB   sing N N 43  
ASN CA  HA   sing N N 44  
ASN C   O    doub N N 45  
ASN C   OXT  sing N N 46  
ASN CB  CG   sing N N 47  
ASN CB  HB2  sing N N 48  
ASN CB  HB3  sing N N 49  
ASN CG  OD1  doub N N 50  
ASN CG  ND2  sing N N 51  
ASN ND2 HD21 sing N N 52  
ASN ND2 HD22 sing N N 53  
ASN OXT HXT  sing N N 54  
ASP N   CA   sing N N 55  
ASP N   H    sing N N 56  
ASP N   H2   sing N N 57  
ASP CA  C    sing N N 58  
ASP CA  CB   sing N N 59  
ASP CA  HA   sing N N 60  
ASP C   O    doub N N 61  
ASP C   OXT  sing N N 62  
ASP CB  CG   sing N N 63  
ASP CB  HB2  sing N N 64  
ASP CB  HB3  sing N N 65  
ASP CG  OD1  doub N N 66  
ASP CG  OD2  sing N N 67  
ASP OD2 HD2  sing N N 68  
ASP OXT HXT  sing N N 69  
CYS N   CA   sing N N 70  
CYS N   H    sing N N 71  
CYS N   H2   sing N N 72  
CYS CA  C    sing N N 73  
CYS CA  CB   sing N N 74  
CYS CA  HA   sing N N 75  
CYS C   O    doub N N 76  
CYS C   OXT  sing N N 77  
CYS CB  SG   sing N N 78  
CYS CB  HB2  sing N N 79  
CYS CB  HB3  sing N N 80  
CYS SG  HG   sing N N 81  
CYS OXT HXT  sing N N 82  
GLY N   CA   sing N N 83  
GLY N   H    sing N N 84  
GLY N   H2   sing N N 85  
GLY CA  C    sing N N 86  
GLY CA  HA2  sing N N 87  
GLY CA  HA3  sing N N 88  
GLY C   O    doub N N 89  
GLY C   OXT  sing N N 90  
GLY OXT HXT  sing N N 91  
ILE N   CA   sing N N 92  
ILE N   H    sing N N 93  
ILE N   H2   sing N N 94  
ILE CA  C    sing N N 95  
ILE CA  CB   sing N N 96  
ILE CA  HA   sing N N 97  
ILE C   O    doub N N 98  
ILE C   OXT  sing N N 99  
ILE CB  CG1  sing N N 100 
ILE CB  CG2  sing N N 101 
ILE CB  HB   sing N N 102 
ILE CG1 CD1  sing N N 103 
ILE CG1 HG12 sing N N 104 
ILE CG1 HG13 sing N N 105 
ILE CG2 HG21 sing N N 106 
ILE CG2 HG22 sing N N 107 
ILE CG2 HG23 sing N N 108 
ILE CD1 HD11 sing N N 109 
ILE CD1 HD12 sing N N 110 
ILE CD1 HD13 sing N N 111 
ILE OXT HXT  sing N N 112 
LEU N   CA   sing N N 113 
LEU N   H    sing N N 114 
LEU N   H2   sing N N 115 
LEU CA  C    sing N N 116 
LEU CA  CB   sing N N 117 
LEU CA  HA   sing N N 118 
LEU C   O    doub N N 119 
LEU C   OXT  sing N N 120 
LEU CB  CG   sing N N 121 
LEU CB  HB2  sing N N 122 
LEU CB  HB3  sing N N 123 
LEU CG  CD1  sing N N 124 
LEU CG  CD2  sing N N 125 
LEU CG  HG   sing N N 126 
LEU CD1 HD11 sing N N 127 
LEU CD1 HD12 sing N N 128 
LEU CD1 HD13 sing N N 129 
LEU CD2 HD21 sing N N 130 
LEU CD2 HD22 sing N N 131 
LEU CD2 HD23 sing N N 132 
LEU OXT HXT  sing N N 133 
LYS N   CA   sing N N 134 
LYS N   H    sing N N 135 
LYS N   H2   sing N N 136 
LYS CA  C    sing N N 137 
LYS CA  CB   sing N N 138 
LYS CA  HA   sing N N 139 
LYS C   O    doub N N 140 
LYS C   OXT  sing N N 141 
LYS CB  CG   sing N N 142 
LYS CB  HB2  sing N N 143 
LYS CB  HB3  sing N N 144 
LYS CG  CD   sing N N 145 
LYS CG  HG2  sing N N 146 
LYS CG  HG3  sing N N 147 
LYS CD  CE   sing N N 148 
LYS CD  HD2  sing N N 149 
LYS CD  HD3  sing N N 150 
LYS CE  NZ   sing N N 151 
LYS CE  HE2  sing N N 152 
LYS CE  HE3  sing N N 153 
LYS NZ  HZ1  sing N N 154 
LYS NZ  HZ2  sing N N 155 
LYS NZ  HZ3  sing N N 156 
LYS OXT HXT  sing N N 157 
MET N   CA   sing N N 158 
MET N   H    sing N N 159 
MET N   H2   sing N N 160 
MET CA  C    sing N N 161 
MET CA  CB   sing N N 162 
MET CA  HA   sing N N 163 
MET C   O    doub N N 164 
MET C   OXT  sing N N 165 
MET CB  CG   sing N N 166 
MET CB  HB2  sing N N 167 
MET CB  HB3  sing N N 168 
MET CG  SD   sing N N 169 
MET CG  HG2  sing N N 170 
MET CG  HG3  sing N N 171 
MET SD  CE   sing N N 172 
MET CE  HE1  sing N N 173 
MET CE  HE2  sing N N 174 
MET CE  HE3  sing N N 175 
MET OXT HXT  sing N N 176 
PHE N   CA   sing N N 177 
PHE N   H    sing N N 178 
PHE N   H2   sing N N 179 
PHE CA  C    sing N N 180 
PHE CA  CB   sing N N 181 
PHE CA  HA   sing N N 182 
PHE C   O    doub N N 183 
PHE C   OXT  sing N N 184 
PHE CB  CG   sing N N 185 
PHE CB  HB2  sing N N 186 
PHE CB  HB3  sing N N 187 
PHE CG  CD1  doub Y N 188 
PHE CG  CD2  sing Y N 189 
PHE CD1 CE1  sing Y N 190 
PHE CD1 HD1  sing N N 191 
PHE CD2 CE2  doub Y N 192 
PHE CD2 HD2  sing N N 193 
PHE CE1 CZ   doub Y N 194 
PHE CE1 HE1  sing N N 195 
PHE CE2 CZ   sing Y N 196 
PHE CE2 HE2  sing N N 197 
PHE CZ  HZ   sing N N 198 
PHE OXT HXT  sing N N 199 
PRO N   CA   sing N N 200 
PRO N   CD   sing N N 201 
PRO N   H    sing N N 202 
PRO CA  C    sing N N 203 
PRO CA  CB   sing N N 204 
PRO CA  HA   sing N N 205 
PRO C   O    doub N N 206 
PRO C   OXT  sing N N 207 
PRO CB  CG   sing N N 208 
PRO CB  HB2  sing N N 209 
PRO CB  HB3  sing N N 210 
PRO CG  CD   sing N N 211 
PRO CG  HG2  sing N N 212 
PRO CG  HG3  sing N N 213 
PRO CD  HD2  sing N N 214 
PRO CD  HD3  sing N N 215 
PRO OXT HXT  sing N N 216 
SER N   CA   sing N N 217 
SER N   H    sing N N 218 
SER N   H2   sing N N 219 
SER CA  C    sing N N 220 
SER CA  CB   sing N N 221 
SER CA  HA   sing N N 222 
SER C   O    doub N N 223 
SER C   OXT  sing N N 224 
SER CB  OG   sing N N 225 
SER CB  HB2  sing N N 226 
SER CB  HB3  sing N N 227 
SER OG  HG   sing N N 228 
SER OXT HXT  sing N N 229 
THR N   CA   sing N N 230 
THR N   H    sing N N 231 
THR N   H2   sing N N 232 
THR CA  C    sing N N 233 
THR CA  CB   sing N N 234 
THR CA  HA   sing N N 235 
THR C   O    doub N N 236 
THR C   OXT  sing N N 237 
THR CB  OG1  sing N N 238 
THR CB  CG2  sing N N 239 
THR CB  HB   sing N N 240 
THR OG1 HG1  sing N N 241 
THR CG2 HG21 sing N N 242 
THR CG2 HG22 sing N N 243 
THR CG2 HG23 sing N N 244 
THR OXT HXT  sing N N 245 
TYR N   CA   sing N N 246 
TYR N   H    sing N N 247 
TYR N   H2   sing N N 248 
TYR CA  C    sing N N 249 
TYR CA  CB   sing N N 250 
TYR CA  HA   sing N N 251 
TYR C   O    doub N N 252 
TYR C   OXT  sing N N 253 
TYR CB  CG   sing N N 254 
TYR CB  HB2  sing N N 255 
TYR CB  HB3  sing N N 256 
TYR CG  CD1  doub Y N 257 
TYR CG  CD2  sing Y N 258 
TYR CD1 CE1  sing Y N 259 
TYR CD1 HD1  sing N N 260 
TYR CD2 CE2  doub Y N 261 
TYR CD2 HD2  sing N N 262 
TYR CE1 CZ   doub Y N 263 
TYR CE1 HE1  sing N N 264 
TYR CE2 CZ   sing Y N 265 
TYR CE2 HE2  sing N N 266 
TYR CZ  OH   sing N N 267 
TYR OH  HH   sing N N 268 
TYR OXT HXT  sing N N 269 
VAL N   CA   sing N N 270 
VAL N   H    sing N N 271 
VAL N   H2   sing N N 272 
VAL CA  C    sing N N 273 
VAL CA  CB   sing N N 274 
VAL CA  HA   sing N N 275 
VAL C   O    doub N N 276 
VAL C   OXT  sing N N 277 
VAL CB  CG1  sing N N 278 
VAL CB  CG2  sing N N 279 
VAL CB  HB   sing N N 280 
VAL CG1 HG11 sing N N 281 
VAL CG1 HG12 sing N N 282 
VAL CG1 HG13 sing N N 283 
VAL CG2 HG21 sing N N 284 
VAL CG2 HG22 sing N N 285 
VAL CG2 HG23 sing N N 286 
VAL OXT HXT  sing N N 287 
# 
_pdbx_nmr_spectrometer.spectrometer_id   1 
_pdbx_nmr_spectrometer.model             DMX600 
_pdbx_nmr_spectrometer.manufacturer      Bruker 
_pdbx_nmr_spectrometer.field_strength    600 
_pdbx_nmr_spectrometer.type              ? 
# 
_atom_sites.entry_id                    1CHV 
_atom_sites.fract_transf_matrix[1][1]   1.000000 
_atom_sites.fract_transf_matrix[1][2]   0.000000 
_atom_sites.fract_transf_matrix[1][3]   0.000000 
_atom_sites.fract_transf_matrix[2][1]   0.000000 
_atom_sites.fract_transf_matrix[2][2]   1.000000 
_atom_sites.fract_transf_matrix[2][3]   0.000000 
_atom_sites.fract_transf_matrix[3][1]   0.000000 
_atom_sites.fract_transf_matrix[3][2]   0.000000 
_atom_sites.fract_transf_matrix[3][3]   1.000000 
_atom_sites.fract_transf_vector[1]      0.00000 
_atom_sites.fract_transf_vector[2]      0.00000 
_atom_sites.fract_transf_vector[3]      0.00000 
# 
loop_
_atom_type.symbol 
C 
H 
N 
O 
S 
# 
loop_
_atom_site.group_PDB 
_atom_site.id 
_atom_site.type_symbol 
_atom_site.label_atom_id 
_atom_site.label_alt_id 
_atom_site.label_comp_id 
_atom_site.label_asym_id 
_atom_site.label_entity_id 
_atom_site.label_seq_id 
_atom_site.pdbx_PDB_ins_code 
_atom_site.Cartn_x 
_atom_site.Cartn_y 
_atom_site.Cartn_z 
_atom_site.occupancy 
_atom_site.B_iso_or_equiv 
_atom_site.pdbx_formal_charge 
_atom_site.auth_seq_id 
_atom_site.auth_comp_id 
_atom_site.auth_asym_id 
_atom_site.auth_atom_id 
_atom_site.pdbx_PDB_model_num 
ATOM 1   N N    . LEU A 1 1  ? -8.596  1.544   -3.281  1.00 1.52 ? 1  LEU S N    1 
ATOM 2   C CA   . LEU A 1 1  ? -8.558  1.726   -4.640  1.00 0.88 ? 1  LEU S CA   1 
ATOM 3   C C    . LEU A 1 1  ? -8.200  3.176   -5.081  1.00 0.62 ? 1  LEU S C    1 
ATOM 4   O O    . LEU A 1 1  ? -7.166  3.491   -5.732  1.00 0.72 ? 1  LEU S O    1 
ATOM 5   C CB   . LEU A 1 1  ? -9.844  1.277   -5.270  1.00 1.31 ? 1  LEU S CB   1 
ATOM 6   C CG   . LEU A 1 1  ? -9.725  1.006   -6.745  1.00 1.82 ? 1  LEU S CG   1 
ATOM 7   C CD1  . LEU A 1 1  ? -9.341  2.263   -7.565  1.00 2.47 ? 1  LEU S CD1  1 
ATOM 8   C CD2  . LEU A 1 1  ? -8.872  -0.241  -7.034  1.00 2.67 ? 1  LEU S CD2  1 
ATOM 9   H H1   . LEU A 1 1  ? -9.293  2.228   -2.922  1.00 2.11 ? 1  LEU S H1   1 
ATOM 10  H H2   . LEU A 1 1  ? -8.888  0.609   -2.932  1.00 2.00 ? 1  LEU S H2   1 
ATOM 11  H H3   . LEU A 1 1  ? -7.595  1.748   -3.085  1.00 1.87 ? 1  LEU S H3   1 
ATOM 12  H HA   . LEU A 1 1  ? -7.738  1.112   -5.012  1.00 1.62 ? 1  LEU S HA   1 
ATOM 13  H HB2  . LEU A 1 1  ? -10.174 0.300   -4.918  1.00 1.62 ? 1  LEU S HB2  1 
ATOM 14  H HB3  . LEU A 1 1  ? -10.690 1.921   -5.032  1.00 2.03 ? 1  LEU S HB3  1 
ATOM 15  H HG   . LEU A 1 1  ? -10.696 0.654   -7.096  1.00 2.09 ? 1  LEU S HG   1 
ATOM 16  H HD11 . LEU A 1 1  ? -9.833  3.176   -7.230  1.00 2.87 ? 1  LEU S HD11 1 
ATOM 17  H HD12 . LEU A 1 1  ? -8.268  2.446   -7.628  1.00 2.83 ? 1  LEU S HD12 1 
ATOM 18  H HD13 . LEU A 1 1  ? -9.723  2.059   -8.565  1.00 2.96 ? 1  LEU S HD13 1 
ATOM 19  H HD21 . LEU A 1 1  ? -9.161  -1.097  -6.425  1.00 2.95 ? 1  LEU S HD21 1 
ATOM 20  H HD22 . LEU A 1 1  ? -9.172  -0.584  -8.023  1.00 3.27 ? 1  LEU S HD22 1 
ATOM 21  H HD23 . LEU A 1 1  ? -7.782  -0.241  -7.010  1.00 3.09 ? 1  LEU S HD23 1 
ATOM 22  N N    . LYS A 1 2  ? -9.175  4.137   -4.698  1.00 0.46 ? 2  LYS S N    1 
ATOM 23  C CA   . LYS A 1 2  ? -8.746  5.547   -4.982  1.00 0.41 ? 2  LYS S CA   1 
ATOM 24  C C    . LYS A 1 2  ? -7.695  5.873   -3.926  1.00 0.34 ? 2  LYS S C    1 
ATOM 25  O O    . LYS A 1 2  ? -8.009  6.115   -2.772  1.00 0.43 ? 2  LYS S O    1 
ATOM 26  C CB   . LYS A 1 2  ? -9.915  6.586   -4.958  1.00 0.63 ? 2  LYS S CB   1 
ATOM 27  C CG   . LYS A 1 2  ? -11.263 6.217   -5.498  1.00 0.73 ? 2  LYS S CG   1 
ATOM 28  C CD   . LYS A 1 2  ? -12.060 5.195   -4.571  1.00 0.82 ? 2  LYS S CD   1 
ATOM 29  C CE   . LYS A 1 2  ? -13.550 5.440   -4.633  1.00 1.26 ? 2  LYS S CE   1 
ATOM 30  N NZ   . LYS A 1 2  ? -14.325 4.363   -3.874  1.00 1.98 ? 2  LYS S NZ   1 
ATOM 31  H H    . LYS A 1 2  ? -9.846  3.985   -3.972  1.00 0.56 ? 2  LYS S H    1 
ATOM 32  H HA   . LYS A 1 2  ? -8.312  5.564   -5.982  1.00 0.59 ? 2  LYS S HA   1 
ATOM 33  H HB2  . LYS A 1 2  ? -9.934  7.007   -3.953  1.00 1.14 ? 2  LYS S HB2  1 
ATOM 34  H HB3  . LYS A 1 2  ? -9.436  7.367   -5.549  1.00 1.21 ? 2  LYS S HB3  1 
ATOM 35  H HG2  . LYS A 1 2  ? -11.876 7.118   -5.522  1.00 1.31 ? 2  LYS S HG2  1 
ATOM 36  H HG3  . LYS A 1 2  ? -11.247 5.884   -6.536  1.00 1.25 ? 2  LYS S HG3  1 
ATOM 37  H HD2  . LYS A 1 2  ? -11.917 4.187   -4.961  1.00 1.02 ? 2  LYS S HD2  1 
ATOM 38  H HD3  . LYS A 1 2  ? -11.823 5.382   -3.524  1.00 1.07 ? 2  LYS S HD3  1 
ATOM 39  H HE2  . LYS A 1 2  ? -13.872 6.387   -4.200  1.00 1.88 ? 2  LYS S HE2  1 
ATOM 40  H HE3  . LYS A 1 2  ? -13.944 5.393   -5.648  1.00 1.49 ? 2  LYS S HE3  1 
ATOM 41  H HZ1  . LYS A 1 2  ? -14.109 4.257   -2.862  1.00 2.47 ? 2  LYS S HZ1  1 
ATOM 42  H HZ2  . LYS A 1 2  ? -15.305 4.644   -4.076  1.00 2.43 ? 2  LYS S HZ2  1 
ATOM 43  H HZ3  . LYS A 1 2  ? -14.207 3.465   -4.389  1.00 2.41 ? 2  LYS S HZ3  1 
ATOM 44  N N    . CYS A 1 3  ? -6.331  5.817   -4.267  1.00 0.33 ? 3  CYS S N    1 
ATOM 45  C CA   . CYS A 1 3  ? -5.356  5.408   -3.229  1.00 0.32 ? 3  CYS S CA   1 
ATOM 46  C C    . CYS A 1 3  ? -3.972  5.987   -3.506  1.00 0.30 ? 3  CYS S C    1 
ATOM 47  O O    . CYS A 1 3  ? -3.704  6.415   -4.585  1.00 0.32 ? 3  CYS S O    1 
ATOM 48  C CB   . CYS A 1 3  ? -5.181  3.838   -3.131  1.00 0.44 ? 3  CYS S CB   1 
ATOM 49  S SG   . CYS A 1 3  ? -6.576  2.990   -2.303  1.00 0.32 ? 3  CYS S SG   1 
ATOM 50  H H    . CYS A 1 3  ? -6.140  5.615   -5.228  1.00 0.45 ? 3  CYS S H    1 
ATOM 51  H HA   . CYS A 1 3  ? -5.747  5.820   -2.297  1.00 0.32 ? 3  CYS S HA   1 
ATOM 52  H HB2  . CYS A 1 3  ? -5.056  3.447   -4.141  1.00 0.64 ? 3  CYS S HB2  1 
ATOM 53  H HB3  . CYS A 1 3  ? -4.298  3.495   -2.592  1.00 0.70 ? 3  CYS S HB3  1 
ATOM 54  N N    . ASN A 1 4  ? -3.189  6.106   -2.420  1.00 0.31 ? 4  ASN S N    1 
ATOM 55  C CA   . ASN A 1 4  ? -1.896  6.816   -2.400  1.00 0.34 ? 4  ASN S CA   1 
ATOM 56  C C    . ASN A 1 4  ? -0.862  6.023   -3.086  1.00 0.35 ? 4  ASN S C    1 
ATOM 57  O O    . ASN A 1 4  ? -0.308  5.122   -2.440  1.00 0.40 ? 4  ASN S O    1 
ATOM 58  C CB   . ASN A 1 4  ? -1.507  7.115   -0.979  1.00 0.42 ? 4  ASN S CB   1 
ATOM 59  C CG   . ASN A 1 4  ? -2.486  8.034   -0.293  1.00 1.20 ? 4  ASN S CG   1 
ATOM 60  O OD1  . ASN A 1 4  ? -3.708  7.972   -0.469  1.00 1.83 ? 4  ASN S OD1  1 
ATOM 61  N ND2  . ASN A 1 4  ? -1.910  8.835   0.637   1.00 2.02 ? 4  ASN S ND2  1 
ATOM 62  H H    . ASN A 1 4  ? -3.512  5.665   -1.582  1.00 0.34 ? 4  ASN S H    1 
ATOM 63  H HA   . ASN A 1 4  ? -2.097  7.761   -2.904  1.00 0.35 ? 4  ASN S HA   1 
ATOM 64  H HB2  . ASN A 1 4  ? -1.581  6.117   -0.549  1.00 0.67 ? 4  ASN S HB2  1 
ATOM 65  H HB3  . ASN A 1 4  ? -0.506  7.505   -0.797  1.00 0.96 ? 4  ASN S HB3  1 
ATOM 66  H HD21 . ASN A 1 4  ? -0.960  9.001   0.898   1.00 2.38 ? 4  ASN S HD21 1 
ATOM 67  H HD22 . ASN A 1 4  ? -2.564  9.222   1.287   1.00 2.59 ? 4  ASN S HD22 1 
ATOM 68  N N    . LYS A 1 5  ? -0.624  6.381   -4.360  1.00 0.35 ? 5  LYS S N    1 
ATOM 69  C CA   . LYS A 1 5  ? 0.301   5.747   -5.308  1.00 0.40 ? 5  LYS S CA   1 
ATOM 70  C C    . LYS A 1 5  ? 1.551   6.584   -5.267  1.00 0.47 ? 5  LYS S C    1 
ATOM 71  O O    . LYS A 1 5  ? 1.549   7.703   -5.742  1.00 1.02 ? 5  LYS S O    1 
ATOM 72  C CB   . LYS A 1 5  ? -0.367  5.722   -6.767  1.00 0.44 ? 5  LYS S CB   1 
ATOM 73  C CG   . LYS A 1 5  ? 0.449   5.461   -8.050  1.00 1.24 ? 5  LYS S CG   1 
ATOM 74  C CD   . LYS A 1 5  ? -0.439  5.334   -9.327  1.00 1.75 ? 5  LYS S CD   1 
ATOM 75  C CE   . LYS A 1 5  ? -2.027  5.392   -9.160  1.00 2.32 ? 5  LYS S CE   1 
ATOM 76  N NZ   . LYS A 1 5  ? -2.724  6.657   -8.782  1.00 2.82 ? 5  LYS S NZ   1 
ATOM 77  H H    . LYS A 1 5  ? -0.959  7.293   -4.598  1.00 0.35 ? 5  LYS S H    1 
ATOM 78  H HA   . LYS A 1 5  ? 0.500   4.707   -5.049  1.00 0.42 ? 5  LYS S HA   1 
ATOM 79  H HB2  . LYS A 1 5  ? -1.128  4.951   -6.644  1.00 1.00 ? 5  LYS S HB2  1 
ATOM 80  H HB3  . LYS A 1 5  ? -0.989  6.607   -6.898  1.00 0.88 ? 5  LYS S HB3  1 
ATOM 81  H HG2  . LYS A 1 5  ? 1.103   6.311   -8.241  1.00 1.97 ? 5  LYS S HG2  1 
ATOM 82  H HG3  . LYS A 1 5  ? 1.053   4.564   -7.908  1.00 1.80 ? 5  LYS S HG3  1 
ATOM 83  H HD2  . LYS A 1 5  ? -0.126  6.080   -10.057 1.00 2.24 ? 5  LYS S HD2  1 
ATOM 84  H HD3  . LYS A 1 5  ? -0.180  4.382   -9.793  1.00 2.03 ? 5  LYS S HD3  1 
ATOM 85  H HE2  . LYS A 1 5  ? -2.448  5.119   -10.127 1.00 2.39 ? 5  LYS S HE2  1 
ATOM 86  H HE3  . LYS A 1 5  ? -2.382  4.610   -8.488  1.00 2.80 ? 5  LYS S HE3  1 
ATOM 87  H HZ1  . LYS A 1 5  ? -2.381  7.437   -9.378  1.00 2.98 ? 5  LYS S HZ1  1 
ATOM 88  H HZ2  . LYS A 1 5  ? -3.745  6.522   -8.928  1.00 3.06 ? 5  LYS S HZ2  1 
ATOM 89  H HZ3  . LYS A 1 5  ? -2.551  6.878   -7.782  1.00 3.30 ? 5  LYS S HZ3  1 
ATOM 90  N N    . LEU A 1 6  ? 2.553   5.959   -4.537  1.00 0.82 ? 6  LEU S N    1 
ATOM 91  C CA   . LEU A 1 6  ? 3.535   6.775   -3.748  1.00 0.87 ? 6  LEU S CA   1 
ATOM 92  C C    . LEU A 1 6  ? 2.736   7.515   -2.632  1.00 0.77 ? 6  LEU S C    1 
ATOM 93  O O    . LEU A 1 6  ? 1.806   6.896   -2.085  1.00 0.82 ? 6  LEU S O    1 
ATOM 94  C CB   . LEU A 1 6  ? 4.431   7.640   -4.700  1.00 0.98 ? 6  LEU S CB   1 
ATOM 95  C CG   . LEU A 1 6  ? 5.833   8.009   -4.123  1.00 1.26 ? 6  LEU S CG   1 
ATOM 96  C CD1  . LEU A 1 6  ? 6.778   6.789   -4.397  1.00 1.75 ? 6  LEU S CD1  1 
ATOM 97  C CD2  . LEU A 1 6  ? 6.375   9.304   -4.760  1.00 1.94 ? 6  LEU S CD2  1 
ATOM 98  H H    . LEU A 1 6  ? 2.636   4.966   -4.442  1.00 1.36 ? 6  LEU S H    1 
ATOM 99  H HA   . LEU A 1 6  ? 4.150   6.010   -3.274  1.00 0.93 ? 6  LEU S HA   1 
ATOM 100 H HB2  . LEU A 1 6  ? 4.550   6.999   -5.573  1.00 1.11 ? 6  LEU S HB2  1 
ATOM 101 H HB3  . LEU A 1 6  ? 3.938   8.560   -5.020  1.00 1.00 ? 6  LEU S HB3  1 
ATOM 102 H HG   . LEU A 1 6  ? 5.675   8.230   -3.067  1.00 1.82 ? 6  LEU S HG   1 
ATOM 103 H HD11 . LEU A 1 6  ? 6.384   5.867   -3.971  1.00 2.28 ? 6  LEU S HD11 1 
ATOM 104 H HD12 . LEU A 1 6  ? 7.140   6.565   -5.401  1.00 2.27 ? 6  LEU S HD12 1 
ATOM 105 H HD13 . LEU A 1 6  ? 7.647   6.991   -3.771  1.00 2.06 ? 6  LEU S HD13 1 
ATOM 106 H HD21 . LEU A 1 6  ? 5.602   10.071  -4.804  1.00 2.47 ? 6  LEU S HD21 1 
ATOM 107 H HD22 . LEU A 1 6  ? 7.285   9.668   -4.284  1.00 2.28 ? 6  LEU S HD22 1 
ATOM 108 H HD23 . LEU A 1 6  ? 6.684   9.156   -5.795  1.00 2.46 ? 6  LEU S HD23 1 
ATOM 109 N N    . VAL A 1 7  ? 3.051   8.817   -2.373  1.00 0.74 ? 7  VAL S N    1 
ATOM 110 C CA   . VAL A 1 7  ? 2.385   9.449   -1.224  1.00 0.75 ? 7  VAL S CA   1 
ATOM 111 C C    . VAL A 1 7  ? 1.815   10.806  -1.554  1.00 0.82 ? 7  VAL S C    1 
ATOM 112 O O    . VAL A 1 7  ? 0.631   11.002  -1.303  1.00 1.07 ? 7  VAL S O    1 
ATOM 113 C CB   . VAL A 1 7  ? 3.330   9.530   0.086   1.00 0.79 ? 7  VAL S CB   1 
ATOM 114 C CG1  . VAL A 1 7  ? 2.590   10.143  1.263   1.00 0.83 ? 7  VAL S CG1  1 
ATOM 115 C CG2  . VAL A 1 7  ? 3.813   8.141   0.502   1.00 0.81 ? 7  VAL S CG2  1 
ATOM 116 H H    . VAL A 1 7  ? 3.839   9.214   -2.846  1.00 0.78 ? 7  VAL S H    1 
ATOM 117 H HA   . VAL A 1 7  ? 1.489   8.910   -0.916  1.00 0.74 ? 7  VAL S HA   1 
ATOM 118 H HB   . VAL A 1 7  ? 4.172   10.207  -0.050  1.00 0.88 ? 7  VAL S HB   1 
ATOM 119 H HG11 . VAL A 1 7  ? 1.567   9.808   1.443   1.00 1.33 ? 7  VAL S HG11 1 
ATOM 120 H HG12 . VAL A 1 7  ? 3.186   10.063  2.172   1.00 1.17 ? 7  VAL S HG12 1 
ATOM 121 H HG13 . VAL A 1 7  ? 2.502   11.207  1.043   1.00 1.44 ? 7  VAL S HG13 1 
ATOM 122 H HG21 . VAL A 1 7  ? 3.001   7.415   0.531   1.00 1.39 ? 7  VAL S HG21 1 
ATOM 123 H HG22 . VAL A 1 7  ? 4.511   7.827   -0.275  1.00 1.20 ? 7  VAL S HG22 1 
ATOM 124 H HG23 . VAL A 1 7  ? 4.319   8.084   1.466   1.00 1.32 ? 7  VAL S HG23 1 
ATOM 125 N N    . PRO A 1 8  ? 2.644   11.789  -1.970  1.00 0.85 ? 8  PRO S N    1 
ATOM 126 C CA   . PRO A 1 8  ? 2.036   13.150  -1.917  1.00 0.96 ? 8  PRO S CA   1 
ATOM 127 C C    . PRO A 1 8  ? 0.908   13.468  -2.928  1.00 0.71 ? 8  PRO S C    1 
ATOM 128 O O    . PRO A 1 8  ? 0.248   14.489  -2.860  1.00 1.14 ? 8  PRO S O    1 
ATOM 129 C CB   . PRO A 1 8  ? 3.305   13.991  -2.202  1.00 1.34 ? 8  PRO S CB   1 
ATOM 130 C CG   . PRO A 1 8  ? 4.269   13.098  -2.938  1.00 1.45 ? 8  PRO S CG   1 
ATOM 131 C CD   . PRO A 1 8  ? 4.063   11.724  -2.357  1.00 1.11 ? 8  PRO S CD   1 
ATOM 132 H HA   . PRO A 1 8  ? 1.665   13.388  -0.920  1.00 1.21 ? 8  PRO S HA   1 
ATOM 133 H HB2  . PRO A 1 8  ? 3.104   15.014  -2.518  1.00 1.34 ? 8  PRO S HB2  1 
ATOM 134 H HB3  . PRO A 1 8  ? 3.740   14.206  -1.225  1.00 1.67 ? 8  PRO S HB3  1 
ATOM 135 H HG2  . PRO A 1 8  ? 3.915   13.163  -3.968  1.00 1.52 ? 8  PRO S HG2  1 
ATOM 136 H HG3  . PRO A 1 8  ? 5.303   13.443  -2.935  1.00 1.83 ? 8  PRO S HG3  1 
ATOM 137 H HD2  . PRO A 1 8  ? 4.282   10.929  -3.071  1.00 1.08 ? 8  PRO S HD2  1 
ATOM 138 H HD3  . PRO A 1 8  ? 4.696   11.531  -1.490  1.00 1.30 ? 8  PRO S HD3  1 
ATOM 139 N N    . LEU A 1 9  ? 0.724   12.546  -3.914  1.00 0.63 ? 9  LEU S N    1 
ATOM 140 C CA   . LEU A 1 9  ? -0.462  12.546  -4.729  1.00 0.82 ? 9  LEU S CA   1 
ATOM 141 C C    . LEU A 1 9  ? -1.530  11.814  -4.054  1.00 0.75 ? 9  LEU S C    1 
ATOM 142 O O    . LEU A 1 9  ? -2.118  10.829  -4.566  1.00 0.95 ? 9  LEU S O    1 
ATOM 143 C CB   . LEU A 1 9  ? -0.107  11.817  -6.133  1.00 1.20 ? 9  LEU S CB   1 
ATOM 144 C CG   . LEU A 1 9  ? 1.214   12.237  -6.862  1.00 1.55 ? 9  LEU S CG   1 
ATOM 145 C CD1  . LEU A 1 9  ? 1.393   11.259  -8.101  1.00 2.05 ? 9  LEU S CD1  1 
ATOM 146 C CD2  . LEU A 1 9  ? 1.075   13.678  -7.397  1.00 2.23 ? 9  LEU S CD2  1 
ATOM 147 H H    . LEU A 1 9  ? 1.369   11.784  -3.978  1.00 0.95 ? 9  LEU S H    1 
ATOM 148 H HA   . LEU A 1 9  ? -0.828  13.564  -4.855  1.00 1.00 ? 9  LEU S HA   1 
ATOM 149 H HB2  . LEU A 1 9  ? 0.019   10.753  -5.935  1.00 1.53 ? 9  LEU S HB2  1 
ATOM 150 H HB3  . LEU A 1 9  ? -0.932  11.778  -6.844  1.00 1.63 ? 9  LEU S HB3  1 
ATOM 151 H HG   . LEU A 1 9  ? 2.145   12.142  -6.303  1.00 1.78 ? 9  LEU S HG   1 
ATOM 152 H HD11 . LEU A 1 9  ? 1.568   10.217  -7.835  1.00 2.29 ? 9  LEU S HD11 1 
ATOM 153 H HD12 . LEU A 1 9  ? 0.632   11.387  -8.869  1.00 2.51 ? 9  LEU S HD12 1 
ATOM 154 H HD13 . LEU A 1 9  ? 2.343   11.445  -8.605  1.00 2.46 ? 9  LEU S HD13 1 
ATOM 155 H HD21 . LEU A 1 9  ? 0.601   14.208  -6.572  1.00 2.52 ? 9  LEU S HD21 1 
ATOM 156 H HD22 . LEU A 1 9  ? 2.046   14.118  -7.625  1.00 2.79 ? 9  LEU S HD22 1 
ATOM 157 H HD23 . LEU A 1 9  ? 0.458   13.702  -8.294  1.00 2.53 ? 9  LEU S HD23 1 
ATOM 158 N N    . PHE A 1 10 ? -1.936  12.311  -2.928  1.00 0.58 ? 10 PHE S N    1 
ATOM 159 C CA   . PHE A 1 10 ? -2.734  11.456  -2.052  1.00 0.54 ? 10 PHE S CA   1 
ATOM 160 C C    . PHE A 1 10 ? -4.131  11.202  -2.494  1.00 0.44 ? 10 PHE S C    1 
ATOM 161 O O    . PHE A 1 10 ? -4.842  12.182  -2.894  1.00 0.48 ? 10 PHE S O    1 
ATOM 162 C CB   . PHE A 1 10 ? -2.843  12.044  -0.636  1.00 0.63 ? 10 PHE S CB   1 
ATOM 163 C CG   . PHE A 1 10 ? -2.063  13.333  -0.459  1.00 0.78 ? 10 PHE S CG   1 
ATOM 164 C CD1  . PHE A 1 10 ? -2.483  14.541  -1.036  1.00 1.70 ? 10 PHE S CD1  1 
ATOM 165 C CD2  . PHE A 1 10 ? -1.001  13.373  0.410   1.00 1.24 ? 10 PHE S CD2  1 
ATOM 166 C CE1  . PHE A 1 10 ? -1.754  15.722  -0.806  1.00 1.94 ? 10 PHE S CE1  1 
ATOM 167 C CE2  . PHE A 1 10 ? -0.332  14.543  0.713   1.00 1.40 ? 10 PHE S CE2  1 
ATOM 168 C CZ   . PHE A 1 10 ? -0.661  15.711  0.088   1.00 1.38 ? 10 PHE S CZ   1 
ATOM 169 H H    . PHE A 1 10 ? -1.401  13.076  -2.571  1.00 0.61 ? 10 PHE S H    1 
ATOM 170 H HA   . PHE A 1 10 ? -2.222  10.507  -1.889  1.00 0.58 ? 10 PHE S HA   1 
ATOM 171 H HB2  . PHE A 1 10 ? -3.846  12.351  -0.338  1.00 0.72 ? 10 PHE S HB2  1 
ATOM 172 H HB3  . PHE A 1 10 ? -2.567  11.341  0.151   1.00 0.74 ? 10 PHE S HB3  1 
ATOM 173 H HD1  . PHE A 1 10 ? -3.310  14.550  -1.730  1.00 2.46 ? 10 PHE S HD1  1 
ATOM 174 H HD2  . PHE A 1 10 ? -0.705  12.492  0.962   1.00 1.99 ? 10 PHE S HD2  1 
ATOM 175 H HE1  . PHE A 1 10 ? -1.891  16.597  -1.423  1.00 2.82 ? 10 PHE S HE1  1 
ATOM 176 H HE2  . PHE A 1 10 ? 0.475   14.542  1.432   1.00 2.10 ? 10 PHE S HE2  1 
ATOM 177 H HZ   . PHE A 1 10 ? -0.032  16.583  0.185   1.00 1.65 ? 10 PHE S HZ   1 
ATOM 178 N N    . TYR A 1 11 ? -4.437  9.894   -2.518  1.00 0.38 ? 11 TYR S N    1 
ATOM 179 C CA   . TYR A 1 11 ? -5.668  9.269   -3.038  1.00 0.33 ? 11 TYR S CA   1 
ATOM 180 C C    . TYR A 1 11 ? -6.142  9.822   -4.438  1.00 0.35 ? 11 TYR S C    1 
ATOM 181 O O    . TYR A 1 11 ? -6.634  10.914  -4.594  1.00 0.38 ? 11 TYR S O    1 
ATOM 182 C CB   . TYR A 1 11 ? -6.771  9.221   -1.851  1.00 0.33 ? 11 TYR S CB   1 
ATOM 183 C CG   . TYR A 1 11 ? -7.346  10.499  -1.322  1.00 0.40 ? 11 TYR S CG   1 
ATOM 184 C CD1  . TYR A 1 11 ? -6.674  11.460  -0.451  1.00 1.22 ? 11 TYR S CD1  1 
ATOM 185 C CD2  . TYR A 1 11 ? -8.630  10.829  -1.696  1.00 1.36 ? 11 TYR S CD2  1 
ATOM 186 C CE1  . TYR A 1 11 ? -7.257  12.699  -0.087  1.00 1.26 ? 11 TYR S CE1  1 
ATOM 187 C CE2  . TYR A 1 11 ? -9.244  12.029  -1.279  1.00 1.42 ? 11 TYR S CE2  1 
ATOM 188 C CZ   . TYR A 1 11 ? -8.534  12.932  -0.551  1.00 0.65 ? 11 TYR S CZ   1 
ATOM 189 O OH   . TYR A 1 11 ? -9.120  14.141  -0.298  1.00 0.80 ? 11 TYR S OH   1 
ATOM 190 H H    . TYR A 1 11 ? -3.741  9.242   -2.218  1.00 0.40 ? 11 TYR S H    1 
ATOM 191 H HA   . TYR A 1 11 ? -5.310  8.268   -3.278  1.00 0.34 ? 11 TYR S HA   1 
ATOM 192 H HB2  . TYR A 1 11 ? -7.633  8.718   -2.287  1.00 0.33 ? 11 TYR S HB2  1 
ATOM 193 H HB3  . TYR A 1 11 ? -6.404  8.665   -0.988  1.00 0.37 ? 11 TYR S HB3  1 
ATOM 194 H HD1  . TYR A 1 11 ? -5.641  11.315  -0.172  1.00 2.12 ? 11 TYR S HD1  1 
ATOM 195 H HD2  . TYR A 1 11 ? -9.190  10.290  -2.445  1.00 2.25 ? 11 TYR S HD2  1 
ATOM 196 H HE1  . TYR A 1 11 ? -6.743  13.380  0.576   1.00 2.15 ? 11 TYR S HE1  1 
ATOM 197 H HE2  . TYR A 1 11 ? -10.279 12.221  -1.518  1.00 2.32 ? 11 TYR S HE2  1 
ATOM 198 H HH   . TYR A 1 11 ? -8.576  14.697  0.244   1.00 1.21 ? 11 TYR S HH   1 
ATOM 199 N N    . LYS A 1 12 ? -6.005  8.923   -5.447  1.00 0.43 ? 12 LYS S N    1 
ATOM 200 C CA   . LYS A 1 12 ? -6.865  9.005   -6.623  1.00 0.51 ? 12 LYS S CA   1 
ATOM 201 C C    . LYS A 1 12 ? -6.865  7.577   -7.347  1.00 0.49 ? 12 LYS S C    1 
ATOM 202 O O    . LYS A 1 12 ? -6.181  6.612   -6.921  1.00 0.46 ? 12 LYS S O    1 
ATOM 203 C CB   . LYS A 1 12 ? -6.508  10.158  -7.647  1.00 0.57 ? 12 LYS S CB   1 
ATOM 204 C CG   . LYS A 1 12 ? -6.845  11.597  -7.224  1.00 1.33 ? 12 LYS S CG   1 
ATOM 205 C CD   . LYS A 1 12 ? -5.600  12.410  -6.891  1.00 2.08 ? 12 LYS S CD   1 
ATOM 206 C CE   . LYS A 1 12 ? -5.959  13.688  -6.111  1.00 2.67 ? 12 LYS S CE   1 
ATOM 207 N NZ   . LYS A 1 12 ? -5.718  13.429  -4.700  1.00 3.11 ? 12 LYS S NZ   1 
ATOM 208 H H    . LYS A 1 12 ? -5.299  8.220   -5.358  1.00 0.49 ? 12 LYS S H    1 
ATOM 209 H HA   . LYS A 1 12 ? -7.865  9.010   -6.187  1.00 0.58 ? 12 LYS S HA   1 
ATOM 210 H HB2  . LYS A 1 12 ? -5.431  10.108  -7.810  1.00 1.04 ? 12 LYS S HB2  1 
ATOM 211 H HB3  . LYS A 1 12 ? -6.946  10.041  -8.638  1.00 1.04 ? 12 LYS S HB3  1 
ATOM 212 H HG2  . LYS A 1 12 ? -7.551  12.093  -7.889  1.00 1.57 ? 12 LYS S HG2  1 
ATOM 213 H HG3  . LYS A 1 12 ? -7.650  11.470  -6.499  1.00 1.95 ? 12 LYS S HG3  1 
ATOM 214 H HD2  . LYS A 1 12 ? -4.898  11.839  -6.284  1.00 2.52 ? 12 LYS S HD2  1 
ATOM 215 H HD3  . LYS A 1 12 ? -5.017  12.656  -7.778  1.00 2.20 ? 12 LYS S HD3  1 
ATOM 216 H HE2  . LYS A 1 12 ? -5.291  14.489  -6.428  1.00 2.95 ? 12 LYS S HE2  1 
ATOM 217 H HE3  . LYS A 1 12 ? -6.956  14.122  -6.198  1.00 3.09 ? 12 LYS S HE3  1 
ATOM 218 H HZ1  . LYS A 1 12 ? -5.974  12.453  -4.445  1.00 3.20 ? 12 LYS S HZ1  1 
ATOM 219 H HZ2  . LYS A 1 12 ? -4.695  13.471  -4.518  1.00 3.61 ? 12 LYS S HZ2  1 
ATOM 220 H HZ3  . LYS A 1 12 ? -6.256  14.037  -4.049  1.00 3.42 ? 12 LYS S HZ3  1 
ATOM 221 N N    . THR A 1 13 ? -7.714  7.443   -8.379  1.00 0.58 ? 13 THR S N    1 
ATOM 222 C CA   . THR A 1 13 ? -8.075  6.088   -8.959  1.00 0.60 ? 13 THR S CA   1 
ATOM 223 C C    . THR A 1 13 ? -6.830  5.305   -9.519  1.00 0.56 ? 13 THR S C    1 
ATOM 224 O O    . THR A 1 13 ? -5.777  5.916   -9.695  1.00 0.79 ? 13 THR S O    1 
ATOM 225 C CB   . THR A 1 13 ? -9.297  6.304   -9.858  1.00 0.71 ? 13 THR S CB   1 
ATOM 226 O OG1  . THR A 1 13 ? -9.865  7.513   -9.354  1.00 1.66 ? 13 THR S OG1  1 
ATOM 227 C CG2  . THR A 1 13 ? -10.254 5.090   -9.615  1.00 1.35 ? 13 THR S CG2  1 
ATOM 228 H H    . THR A 1 13 ? -8.306  8.189   -8.687  1.00 0.68 ? 13 THR S H    1 
ATOM 229 H HA   . THR A 1 13 ? -8.327  5.529   -8.058  1.00 0.61 ? 13 THR S HA   1 
ATOM 230 H HB   . THR A 1 13 ? -8.938  6.324   -10.887 1.00 1.13 ? 13 THR S HB   1 
ATOM 231 H HG1  . THR A 1 13 ? -10.613 7.763   -9.878  1.00 1.97 ? 13 THR S HG1  1 
ATOM 232 H HG21 . THR A 1 13 ? -9.828  4.089   -9.681  1.00 1.84 ? 13 THR S HG21 1 
ATOM 233 H HG22 . THR A 1 13 ? -10.624 5.201   -8.596  1.00 1.87 ? 13 THR S HG22 1 
ATOM 234 H HG23 . THR A 1 13 ? -11.092 5.106   -10.312 1.00 1.95 ? 13 THR S HG23 1 
ATOM 235 N N    . CYS A 1 14 ? -7.013  3.997   -9.901  1.00 0.52 ? 14 CYS S N    1 
ATOM 236 C CA   . CYS A 1 14 ? -5.924  2.938   -10.174 1.00 0.52 ? 14 CYS S CA   1 
ATOM 237 C C    . CYS A 1 14 ? -6.477  2.116   -11.392 1.00 0.58 ? 14 CYS S C    1 
ATOM 238 O O    . CYS A 1 14 ? -7.709  2.052   -11.521 1.00 1.15 ? 14 CYS S O    1 
ATOM 239 C CB   . CYS A 1 14 ? -5.707  1.956   -9.021  1.00 0.73 ? 14 CYS S CB   1 
ATOM 240 S SG   . CYS A 1 14 ? -4.823  2.862   -7.707  1.00 1.00 ? 14 CYS S SG   1 
ATOM 241 H H    . CYS A 1 14 ? -7.887  3.570   -10.135 1.00 0.68 ? 14 CYS S H    1 
ATOM 242 H HA   . CYS A 1 14 ? -4.958  3.416   -10.334 1.00 0.64 ? 14 CYS S HA   1 
ATOM 243 H HB2  . CYS A 1 14 ? -6.624  1.507   -8.640  1.00 1.36 ? 14 CYS S HB2  1 
ATOM 244 H HB3  . CYS A 1 14 ? -5.011  1.164   -9.298  1.00 1.30 ? 14 CYS S HB3  1 
ATOM 245 N N    . PRO A 1 15 ? -5.602  1.563   -12.299 1.00 0.91 ? 15 PRO S N    1 
ATOM 246 C CA   . PRO A 1 15 ? -6.044  0.970   -13.582 1.00 1.13 ? 15 PRO S CA   1 
ATOM 247 C C    . PRO A 1 15 ? -6.389  -0.498  -13.419 1.00 1.03 ? 15 PRO S C    1 
ATOM 248 O O    . PRO A 1 15 ? -5.479  -1.299  -13.151 1.00 1.86 ? 15 PRO S O    1 
ATOM 249 C CB   . PRO A 1 15 ? -4.848  1.175   -14.532 1.00 2.05 ? 15 PRO S CB   1 
ATOM 250 C CG   . PRO A 1 15 ? -3.605  1.208   -13.499 1.00 2.43 ? 15 PRO S CG   1 
ATOM 251 C CD   . PRO A 1 15 ? -4.189  1.829   -12.209 1.00 1.71 ? 15 PRO S CD   1 
ATOM 252 H HA   . PRO A 1 15 ? -6.783  1.630   -14.034 1.00 1.37 ? 15 PRO S HA   1 
ATOM 253 H HB2  . PRO A 1 15 ? -4.726  0.432   -15.320 1.00 2.22 ? 15 PRO S HB2  1 
ATOM 254 H HB3  . PRO A 1 15 ? -4.950  2.086   -15.123 1.00 2.50 ? 15 PRO S HB3  1 
ATOM 255 H HG2  . PRO A 1 15 ? -3.320  0.178   -13.282 1.00 2.76 ? 15 PRO S HG2  1 
ATOM 256 H HG3  . PRO A 1 15 ? -2.713  1.736   -13.835 1.00 3.05 ? 15 PRO S HG3  1 
ATOM 257 H HD2  . PRO A 1 15 ? -3.704  1.299   -11.389 1.00 1.89 ? 15 PRO S HD2  1 
ATOM 258 H HD3  . PRO A 1 15 ? -4.051  2.910   -12.176 1.00 1.91 ? 15 PRO S HD3  1 
ATOM 259 N N    . ALA A 1 16 ? -7.661  -0.702  -13.788 1.00 1.10 ? 16 ALA S N    1 
ATOM 260 C CA   . ALA A 1 16 ? -8.094  -1.961  -14.251 1.00 1.54 ? 16 ALA S CA   1 
ATOM 261 C C    . ALA A 1 16 ? -8.333  -2.816  -12.941 1.00 1.03 ? 16 ALA S C    1 
ATOM 262 O O    . ALA A 1 16 ? -8.630  -2.344  -11.871 1.00 1.30 ? 16 ALA S O    1 
ATOM 263 C CB   . ALA A 1 16 ? -7.215  -2.516  -15.386 1.00 2.56 ? 16 ALA S CB   1 
ATOM 264 H H    . ALA A 1 16 ? -8.310  -0.029  -13.433 1.00 1.58 ? 16 ALA S H    1 
ATOM 265 H HA   . ALA A 1 16 ? -9.093  -1.776  -14.646 1.00 2.12 ? 16 ALA S HA   1 
ATOM 266 H HB1  . ALA A 1 16 ? -7.171  -1.701  -16.108 1.00 2.99 ? 16 ALA S HB1  1 
ATOM 267 H HB2  . ALA A 1 16 ? -6.202  -2.669  -15.015 1.00 3.00 ? 16 ALA S HB2  1 
ATOM 268 H HB3  . ALA A 1 16 ? -7.617  -3.400  -15.883 1.00 3.07 ? 16 ALA S HB3  1 
ATOM 269 N N    . GLY A 1 17 ? -7.983  -4.137  -13.130 1.00 0.89 ? 17 GLY S N    1 
ATOM 270 C CA   . GLY A 1 17 ? -8.050  -5.102  -12.011 1.00 1.02 ? 17 GLY S CA   1 
ATOM 271 C C    . GLY A 1 17 ? -6.728  -5.160  -11.287 1.00 0.91 ? 17 GLY S C    1 
ATOM 272 O O    . GLY A 1 17 ? -5.890  -6.060  -11.324 1.00 1.23 ? 17 GLY S O    1 
ATOM 273 H H    . GLY A 1 17 ? -7.687  -4.374  -14.055 1.00 1.22 ? 17 GLY S H    1 
ATOM 274 H HA2  . GLY A 1 17 ? -8.841  -4.785  -11.332 1.00 1.23 ? 17 GLY S HA2  1 
ATOM 275 H HA3  . GLY A 1 17 ? -8.352  -6.075  -12.401 1.00 1.41 ? 17 GLY S HA3  1 
ATOM 276 N N    . LYS A 1 18 ? -6.510  -4.001  -10.674 1.00 0.70 ? 18 LYS S N    1 
ATOM 277 C CA   . LYS A 1 18 ? -5.343  -3.836  -9.713  1.00 0.65 ? 18 LYS S CA   1 
ATOM 278 C C    . LYS A 1 18 ? -6.050  -3.437  -8.454  1.00 0.63 ? 18 LYS S C    1 
ATOM 279 O O    . LYS A 1 18 ? -6.563  -2.306  -8.438  1.00 0.88 ? 18 LYS S O    1 
ATOM 280 C CB   . LYS A 1 18 ? -4.383  -2.717  -10.180 1.00 0.83 ? 18 LYS S CB   1 
ATOM 281 C CG   . LYS A 1 18 ? -3.906  -2.942  -11.651 1.00 1.35 ? 18 LYS S CG   1 
ATOM 282 C CD   . LYS A 1 18 ? -2.752  -4.041  -11.512 1.00 1.73 ? 18 LYS S CD   1 
ATOM 283 C CE   . LYS A 1 18 ? -3.121  -5.507  -11.916 1.00 2.28 ? 18 LYS S CE   1 
ATOM 284 N NZ   . LYS A 1 18 ? -3.372  -6.460  -10.871 1.00 2.89 ? 18 LYS S NZ   1 
ATOM 285 H H    . LYS A 1 18 ? -7.277  -3.358  -10.642 1.00 0.84 ? 18 LYS S H    1 
ATOM 286 H HA   . LYS A 1 18 ? -4.827  -4.795  -9.643  1.00 0.78 ? 18 LYS S HA   1 
ATOM 287 H HB2  . LYS A 1 18 ? -4.859  -1.737  -10.140 1.00 0.93 ? 18 LYS S HB2  1 
ATOM 288 H HB3  . LYS A 1 18 ? -3.423  -2.659  -9.666  1.00 0.98 ? 18 LYS S HB3  1 
ATOM 289 H HG2  . LYS A 1 18 ? -4.598  -3.191  -12.456 1.00 2.01 ? 18 LYS S HG2  1 
ATOM 290 H HG3  . LYS A 1 18 ? -3.379  -2.077  -12.055 1.00 1.89 ? 18 LYS S HG3  1 
ATOM 291 H HD2  . LYS A 1 18 ? -2.051  -3.783  -12.306 1.00 2.20 ? 18 LYS S HD2  1 
ATOM 292 H HD3  . LYS A 1 18 ? -2.155  -3.931  -10.607 1.00 2.14 ? 18 LYS S HD3  1 
ATOM 293 H HE2  . LYS A 1 18 ? -3.993  -5.502  -12.572 1.00 2.57 ? 18 LYS S HE2  1 
ATOM 294 H HE3  . LYS A 1 18 ? -2.281  -5.895  -12.492 1.00 2.64 ? 18 LYS S HE3  1 
ATOM 295 H HZ1  . LYS A 1 18 ? -2.651  -6.423  -10.123 1.00 3.23 ? 18 LYS S HZ1  1 
ATOM 296 H HZ2  . LYS A 1 18 ? -4.286  -6.324  -10.394 1.00 3.39 ? 18 LYS S HZ2  1 
ATOM 297 H HZ3  . LYS A 1 18 ? -3.346  -7.475  -11.096 1.00 3.08 ? 18 LYS S HZ3  1 
ATOM 298 N N    . ASN A 1 19 ? -6.041  -4.314  -7.373  1.00 0.59 ? 19 ASN S N    1 
ATOM 299 C CA   . ASN A 1 19 ? -7.307  -4.461  -6.664  1.00 0.74 ? 19 ASN S CA   1 
ATOM 300 C C    . ASN A 1 19 ? -7.158  -3.745  -5.318  1.00 0.63 ? 19 ASN S C    1 
ATOM 301 O O    . ASN A 1 19 ? -7.796  -2.778  -4.991  1.00 0.89 ? 19 ASN S O    1 
ATOM 302 C CB   . ASN A 1 19 ? -7.697  -5.909  -6.525  1.00 1.07 ? 19 ASN S CB   1 
ATOM 303 C CG   . ASN A 1 19 ? -7.950  -6.376  -7.974  1.00 1.40 ? 19 ASN S CG   1 
ATOM 304 O OD1  . ASN A 1 19 ? -8.912  -5.986  -8.634  1.00 1.31 ? 19 ASN S OD1  1 
ATOM 305 N ND2  . ASN A 1 19 ? -7.110  -7.369  -8.360  1.00 2.35 ? 19 ASN S ND2  1 
ATOM 306 H H    . ASN A 1 19 ? -5.332  -5.019  -7.351  1.00 0.66 ? 19 ASN S H    1 
ATOM 307 H HA   . ASN A 1 19 ? -8.071  -3.916  -7.218  1.00 1.02 ? 19 ASN S HA   1 
ATOM 308 H HB2  . ASN A 1 19 ? -6.930  -6.562  -6.109  1.00 1.11 ? 19 ASN S HB2  1 
ATOM 309 H HB3  . ASN A 1 19 ? -8.647  -5.911  -5.990  1.00 1.29 ? 19 ASN S HB3  1 
ATOM 310 H HD21 . ASN A 1 19 ? -6.324  -7.636  -7.803  1.00 2.94 ? 19 ASN S HD21 1 
ATOM 311 H HD22 . ASN A 1 19 ? -7.326  -8.046  -9.063  1.00 2.61 ? 19 ASN S HD22 1 
ATOM 312 N N    . LEU A 1 20 ? -6.231  -4.365  -4.537  1.00 0.48 ? 20 LEU S N    1 
ATOM 313 C CA   . LEU A 1 20 ? -6.031  -3.839  -3.141  1.00 0.62 ? 20 LEU S CA   1 
ATOM 314 C C    . LEU A 1 20 ? -4.915  -2.792  -3.122  1.00 0.64 ? 20 LEU S C    1 
ATOM 315 O O    . LEU A 1 20 ? -3.992  -2.832  -3.982  1.00 1.18 ? 20 LEU S O    1 
ATOM 316 C CB   . LEU A 1 20 ? -5.755  -4.956  -2.160  1.00 0.79 ? 20 LEU S CB   1 
ATOM 317 C CG   . LEU A 1 20 ? -7.078  -5.581  -1.658  1.00 0.74 ? 20 LEU S CG   1 
ATOM 318 C CD1  . LEU A 1 20 ? -7.935  -6.424  -2.682  1.00 1.31 ? 20 LEU S CD1  1 
ATOM 319 C CD2  . LEU A 1 20 ? -6.613  -6.328  -0.317  1.00 1.40 ? 20 LEU S CD2  1 
ATOM 320 H H    . LEU A 1 20 ? -5.582  -5.033  -4.902  1.00 0.53 ? 20 LEU S H    1 
ATOM 321 H HA   . LEU A 1 20 ? -6.970  -3.334  -2.915  1.00 0.77 ? 20 LEU S HA   1 
ATOM 322 H HB2  . LEU A 1 20 ? -5.143  -5.713  -2.651  1.00 0.93 ? 20 LEU S HB2  1 
ATOM 323 H HB3  . LEU A 1 20 ? -5.239  -4.546  -1.291  1.00 1.16 ? 20 LEU S HB3  1 
ATOM 324 H HG   . LEU A 1 20 ? -7.626  -4.707  -1.306  1.00 1.14 ? 20 LEU S HG   1 
ATOM 325 H HD11 . LEU A 1 20 ? -7.689  -6.223  -3.725  1.00 1.84 ? 20 LEU S HD11 1 
ATOM 326 H HD12 . LEU A 1 20 ? -7.692  -7.476  -2.532  1.00 1.84 ? 20 LEU S HD12 1 
ATOM 327 H HD13 . LEU A 1 20 ? -9.015  -6.292  -2.616  1.00 1.84 ? 20 LEU S HD13 1 
ATOM 328 H HD21 . LEU A 1 20 ? -6.024  -5.758  0.402   1.00 1.69 ? 20 LEU S HD21 1 
ATOM 329 H HD22 . LEU A 1 20 ? -7.523  -6.565  0.235   1.00 1.99 ? 20 LEU S HD22 1 
ATOM 330 H HD23 . LEU A 1 20 ? -6.158  -7.308  -0.464  1.00 2.04 ? 20 LEU S HD23 1 
ATOM 331 N N    . CYS A 1 21 ? -5.057  -1.821  -2.155  1.00 0.28 ? 21 CYS S N    1 
ATOM 332 C CA   . CYS A 1 21 ? -4.033  -0.793  -2.016  1.00 0.31 ? 21 CYS S CA   1 
ATOM 333 C C    . CYS A 1 21 ? -2.976  -1.096  -0.857  1.00 0.31 ? 21 CYS S C    1 
ATOM 334 O O    . CYS A 1 21 ? -3.212  -0.896  0.348   1.00 0.37 ? 21 CYS S O    1 
ATOM 335 C CB   . CYS A 1 21 ? -4.843  0.431   -1.680  1.00 0.36 ? 21 CYS S CB   1 
ATOM 336 S SG   . CYS A 1 21 ? -5.974  1.043   -2.877  1.00 0.37 ? 21 CYS S SG   1 
ATOM 337 H H    . CYS A 1 21 ? -5.706  -1.989  -1.415  1.00 0.54 ? 21 CYS S H    1 
ATOM 338 H HA   . CYS A 1 21 ? -3.500  -0.608  -2.948  1.00 0.35 ? 21 CYS S HA   1 
ATOM 339 H HB2  . CYS A 1 21 ? -5.371  0.217   -0.752  1.00 0.45 ? 21 CYS S HB2  1 
ATOM 340 H HB3  . CYS A 1 21 ? -4.110  1.197   -1.428  1.00 0.46 ? 21 CYS S HB3  1 
ATOM 341 N N    . TYR A 1 22 ? -1.846  -1.560  -1.446  1.00 0.30 ? 22 TYR S N    1 
ATOM 342 C CA   . TYR A 1 22 ? -0.629  -2.110  -0.878  1.00 0.33 ? 22 TYR S CA   1 
ATOM 343 C C    . TYR A 1 22 ? 0.128   -1.029  -0.160  1.00 0.29 ? 22 TYR S C    1 
ATOM 344 O O    . TYR A 1 22 ? -0.195  0.130   -0.309  1.00 0.36 ? 22 TYR S O    1 
ATOM 345 C CB   . TYR A 1 22 ? 0.277   -3.031  -1.822  1.00 0.39 ? 22 TYR S CB   1 
ATOM 346 C CG   . TYR A 1 22 ? 1.743   -2.655  -2.006  1.00 0.38 ? 22 TYR S CG   1 
ATOM 347 C CD1  . TYR A 1 22 ? 2.073   -1.375  -2.344  1.00 1.23 ? 22 TYR S CD1  1 
ATOM 348 C CD2  . TYR A 1 22 ? 2.820   -3.545  -1.883  1.00 1.20 ? 22 TYR S CD2  1 
ATOM 349 C CE1  . TYR A 1 22 ? 3.364   -1.000  -2.760  1.00 1.29 ? 22 TYR S CE1  1 
ATOM 350 C CE2  . TYR A 1 22 ? 4.156   -3.171  -2.251  1.00 1.23 ? 22 TYR S CE2  1 
ATOM 351 C CZ   . TYR A 1 22 ? 4.418   -1.920  -2.753  1.00 0.60 ? 22 TYR S CZ   1 
ATOM 352 O OH   . TYR A 1 22 ? 5.625   -1.438  -3.230  1.00 0.75 ? 22 TYR S OH   1 
ATOM 353 H H    . TYR A 1 22 ? -2.006  -1.841  -2.394  1.00 0.30 ? 22 TYR S H    1 
ATOM 354 H HA   . TYR A 1 22 ? -0.878  -2.817  -0.088  1.00 0.43 ? 22 TYR S HA   1 
ATOM 355 H HB2  . TYR A 1 22 ? 0.329   -3.998  -1.323  1.00 0.47 ? 22 TYR S HB2  1 
ATOM 356 H HB3  . TYR A 1 22 ? -0.337  -3.152  -2.714  1.00 0.45 ? 22 TYR S HB3  1 
ATOM 357 H HD1  . TYR A 1 22 ? 1.179   -0.770  -2.397  1.00 2.08 ? 22 TYR S HD1  1 
ATOM 358 H HD2  . TYR A 1 22 ? 2.885   -4.596  -1.644  1.00 2.05 ? 22 TYR S HD2  1 
ATOM 359 H HE1  . TYR A 1 22 ? 3.426   0.035   -3.061  1.00 2.15 ? 22 TYR S HE1  1 
ATOM 360 H HE2  . TYR A 1 22 ? 4.990   -3.851  -2.158  1.00 2.07 ? 22 TYR S HE2  1 
ATOM 361 H HH   . TYR A 1 22 ? 5.779   -1.761  -4.108  1.00 1.32 ? 22 TYR S HH   1 
ATOM 362 N N    . LYS A 1 23 ? 1.162   -1.481  0.543   1.00 0.32 ? 23 LYS S N    1 
ATOM 363 C CA   . LYS A 1 23 ? 2.191   -0.616  1.089   1.00 0.35 ? 23 LYS S CA   1 
ATOM 364 C C    . LYS A 1 23 ? 3.272   -1.426  1.788   1.00 0.30 ? 23 LYS S C    1 
ATOM 365 O O    . LYS A 1 23 ? 2.937   -2.276  2.525   1.00 0.32 ? 23 LYS S O    1 
ATOM 366 C CB   . LYS A 1 23 ? 1.645   0.430   2.100   1.00 0.48 ? 23 LYS S CB   1 
ATOM 367 C CG   . LYS A 1 23 ? 0.956   -0.319  3.317   1.00 0.90 ? 23 LYS S CG   1 
ATOM 368 C CD   . LYS A 1 23 ? -0.159  0.371   4.050   1.00 1.34 ? 23 LYS S CD   1 
ATOM 369 C CE   . LYS A 1 23 ? -1.318  0.715   3.068   1.00 1.59 ? 23 LYS S CE   1 
ATOM 370 N NZ   . LYS A 1 23 ? -2.030  -0.460  2.481   1.00 1.96 ? 23 LYS S NZ   1 
ATOM 371 H H    . LYS A 1 23 ? 1.427   -2.435  0.682   1.00 0.41 ? 23 LYS S H    1 
ATOM 372 H HA   . LYS A 1 23 ? 2.653   -0.158  0.214   1.00 0.38 ? 23 LYS S HA   1 
ATOM 373 H HB2  . LYS A 1 23 ? 2.514   0.980   2.459   1.00 0.99 ? 23 LYS S HB2  1 
ATOM 374 H HB3  . LYS A 1 23 ? 1.043   1.116   1.503   1.00 0.84 ? 23 LYS S HB3  1 
ATOM 375 H HG2  . LYS A 1 23 ? 0.603   -1.335  3.142   1.00 1.50 ? 23 LYS S HG2  1 
ATOM 376 H HG3  . LYS A 1 23 ? 1.739   -0.475  4.059   1.00 1.48 ? 23 LYS S HG3  1 
ATOM 377 H HD2  . LYS A 1 23 ? -0.494  -0.261  4.873   1.00 1.87 ? 23 LYS S HD2  1 
ATOM 378 H HD3  . LYS A 1 23 ? 0.125   1.298   4.549   1.00 1.89 ? 23 LYS S HD3  1 
ATOM 379 H HE2  . LYS A 1 23 ? -1.986  1.391   3.602   1.00 2.09 ? 23 LYS S HE2  1 
ATOM 380 H HE3  . LYS A 1 23 ? -0.879  1.263   2.233   1.00 2.02 ? 23 LYS S HE3  1 
ATOM 381 H HZ1  . LYS A 1 23 ? -2.497  -1.056  3.194   1.00 2.41 ? 23 LYS S HZ1  1 
ATOM 382 H HZ2  . LYS A 1 23 ? -2.845  -0.122  1.930   1.00 2.19 ? 23 LYS S HZ2  1 
ATOM 383 H HZ3  . LYS A 1 23 ? -1.466  -1.059  1.844   1.00 2.35 ? 23 LYS S HZ3  1 
ATOM 384 N N    . MET A 1 24 ? 4.557   -1.013  1.591   1.00 0.30 ? 24 MET S N    1 
ATOM 385 C CA   . MET A 1 24 ? 5.785   -1.578  2.154   1.00 0.28 ? 24 MET S CA   1 
ATOM 386 C C    . MET A 1 24 ? 5.823   -1.361  3.617   1.00 0.27 ? 24 MET S C    1 
ATOM 387 O O    . MET A 1 24 ? 6.122   -0.257  4.024   1.00 0.38 ? 24 MET S O    1 
ATOM 388 C CB   . MET A 1 24 ? 7.038   -0.744  1.584   1.00 0.35 ? 24 MET S CB   1 
ATOM 389 C CG   . MET A 1 24 ? 7.121   -0.816  0.025   1.00 0.71 ? 24 MET S CG   1 
ATOM 390 S SD   . MET A 1 24 ? 8.622   -0.344  -0.821  1.00 1.28 ? 24 MET S SD   1 
ATOM 391 C CE   . MET A 1 24 ? 9.562   -1.778  -0.678  1.00 1.27 ? 24 MET S CE   1 
ATOM 392 H H    . MET A 1 24 ? 4.616   -0.121  1.142   1.00 0.35 ? 24 MET S H    1 
ATOM 393 H HA   . MET A 1 24 ? 5.785   -2.652  1.968   1.00 0.29 ? 24 MET S HA   1 
ATOM 394 H HB2  . MET A 1 24 ? 7.055   0.232   2.071   1.00 0.55 ? 24 MET S HB2  1 
ATOM 395 H HB3  . MET A 1 24 ? 7.939   -1.223  1.965   1.00 0.44 ? 24 MET S HB3  1 
ATOM 396 H HG2  . MET A 1 24 ? 6.922   -1.841  -0.286  1.00 0.99 ? 24 MET S HG2  1 
ATOM 397 H HG3  . MET A 1 24 ? 6.264   -0.255  -0.348  1.00 0.89 ? 24 MET S HG3  1 
ATOM 398 H HE1  . MET A 1 24 ? 8.962   -2.569  -0.228  1.00 1.70 ? 24 MET S HE1  1 
ATOM 399 H HE2  . MET A 1 24 ? 9.971   -2.092  -1.638  1.00 1.69 ? 24 MET S HE2  1 
ATOM 400 H HE3  . MET A 1 24 ? 10.420  -1.583  -0.033  1.00 1.91 ? 24 MET S HE3  1 
ATOM 401 N N    . PHE A 1 25 ? 5.477   -2.340  4.412   1.00 0.29 ? 25 PHE S N    1 
ATOM 402 C CA   . PHE A 1 25 ? 5.185   -2.097  5.895   1.00 0.30 ? 25 PHE S CA   1 
ATOM 403 C C    . PHE A 1 25 ? 6.515   -2.212  6.753   1.00 0.27 ? 25 PHE S C    1 
ATOM 404 O O    . PHE A 1 25 ? 6.696   -3.141  7.461   1.00 0.30 ? 25 PHE S O    1 
ATOM 405 C CB   . PHE A 1 25 ? 4.104   -3.136  6.265   1.00 0.42 ? 25 PHE S CB   1 
ATOM 406 C CG   . PHE A 1 25 ? 3.572   -2.746  7.576   1.00 0.50 ? 25 PHE S CG   1 
ATOM 407 C CD1  . PHE A 1 25 ? 2.865   -1.547  7.687   1.00 1.51 ? 25 PHE S CD1  1 
ATOM 408 C CD2  . PHE A 1 25 ? 3.757   -3.561  8.724   1.00 1.11 ? 25 PHE S CD2  1 
ATOM 409 C CE1  . PHE A 1 25 ? 2.251   -1.180  8.883   1.00 1.59 ? 25 PHE S CE1  1 
ATOM 410 C CE2  . PHE A 1 25 ? 3.197   -3.202  9.936   1.00 1.11 ? 25 PHE S CE2  1 
ATOM 411 C CZ   . PHE A 1 25 ? 2.486   -2.002  9.997   1.00 0.70 ? 25 PHE S CZ   1 
ATOM 412 H H    . PHE A 1 25 ? 5.440   -3.271  4.048   1.00 0.39 ? 25 PHE S H    1 
ATOM 413 H HA   . PHE A 1 25 ? 4.774   -1.088  5.937   1.00 0.31 ? 25 PHE S HA   1 
ATOM 414 H HB2  . PHE A 1 25 ? 3.296   -3.208  5.536   1.00 0.45 ? 25 PHE S HB2  1 
ATOM 415 H HB3  . PHE A 1 25 ? 4.527   -4.140  6.295   1.00 0.45 ? 25 PHE S HB3  1 
ATOM 416 H HD1  . PHE A 1 25 ? 2.800   -0.916  6.813   1.00 2.39 ? 25 PHE S HD1  1 
ATOM 417 H HD2  . PHE A 1 25 ? 4.356   -4.456  8.654   1.00 2.00 ? 25 PHE S HD2  1 
ATOM 418 H HE1  . PHE A 1 25 ? 1.712   -0.246  8.934   1.00 2.51 ? 25 PHE S HE1  1 
ATOM 419 H HE2  . PHE A 1 25 ? 3.321   -3.838  10.799  1.00 1.95 ? 25 PHE S HE2  1 
ATOM 420 H HZ   . PHE A 1 25 ? 2.052   -1.645  10.919  1.00 0.78 ? 25 PHE S HZ   1 
ATOM 421 N N    . MET A 1 26 ? 7.368   -1.132  6.686   1.00 0.28 ? 26 MET S N    1 
ATOM 422 C CA   . MET A 1 26 ? 8.508   -1.164  7.562   1.00 0.30 ? 26 MET S CA   1 
ATOM 423 C C    . MET A 1 26 ? 8.076   -0.772  8.977   1.00 0.36 ? 26 MET S C    1 
ATOM 424 O O    . MET A 1 26 ? 7.399   0.253   9.168   1.00 0.52 ? 26 MET S O    1 
ATOM 425 C CB   . MET A 1 26 ? 9.545   -0.138  7.108   1.00 0.39 ? 26 MET S CB   1 
ATOM 426 C CG   . MET A 1 26 ? 10.392  -0.481  5.853   1.00 0.88 ? 26 MET S CG   1 
ATOM 427 S SD   . MET A 1 26 ? 11.603  0.869   5.489   1.00 1.15 ? 26 MET S SD   1 
ATOM 428 C CE   . MET A 1 26 ? 12.691  0.329   4.151   1.00 1.63 ? 26 MET S CE   1 
ATOM 429 H H    . MET A 1 26 ? 7.166   -0.284  6.194   1.00 0.31 ? 26 MET S H    1 
ATOM 430 H HA   . MET A 1 26 ? 8.866   -2.193  7.531   1.00 0.31 ? 26 MET S HA   1 
ATOM 431 H HB2  . MET A 1 26 ? 9.123   0.861   6.996   1.00 0.63 ? 26 MET S HB2  1 
ATOM 432 H HB3  . MET A 1 26 ? 10.291  -0.082  7.902   1.00 0.53 ? 26 MET S HB3  1 
ATOM 433 H HG2  . MET A 1 26 ? 11.026  -1.350  6.030   1.00 1.25 ? 26 MET S HG2  1 
ATOM 434 H HG3  . MET A 1 26 ? 9.743   -0.687  5.002   1.00 1.29 ? 26 MET S HG3  1 
ATOM 435 H HE1  . MET A 1 26 ? 12.231  -0.040  3.234   1.00 2.01 ? 26 MET S HE1  1 
ATOM 436 H HE2  . MET A 1 26 ? 13.337  1.155   3.853   1.00 2.06 ? 26 MET S HE2  1 
ATOM 437 H HE3  . MET A 1 26 ? 13.269  -0.506  4.546   1.00 2.16 ? 26 MET S HE3  1 
ATOM 438 N N    . VAL A 1 27 ? 8.409   -1.553  9.986   1.00 0.43 ? 27 VAL S N    1 
ATOM 439 C CA   . VAL A 1 27 ? 8.078   -1.283  11.371  1.00 0.54 ? 27 VAL S CA   1 
ATOM 440 C C    . VAL A 1 27 ? 9.185   -0.431  12.032  1.00 0.55 ? 27 VAL S C    1 
ATOM 441 O O    . VAL A 1 27 ? 8.876   0.352   12.914  1.00 0.76 ? 27 VAL S O    1 
ATOM 442 C CB   . VAL A 1 27 ? 8.001   -2.674  12.043  1.00 0.68 ? 27 VAL S CB   1 
ATOM 443 C CG1  . VAL A 1 27 ? 7.241   -2.679  13.388  1.00 1.05 ? 27 VAL S CG1  1 
ATOM 444 C CG2  . VAL A 1 27 ? 7.564   -3.826  11.164  1.00 1.31 ? 27 VAL S CG2  1 
ATOM 445 H H    . VAL A 1 27 ? 8.877   -2.392  9.708   1.00 0.52 ? 27 VAL S H    1 
ATOM 446 H HA   . VAL A 1 27 ? 7.065   -0.885  11.434  1.00 0.57 ? 27 VAL S HA   1 
ATOM 447 H HB   . VAL A 1 27 ? 9.027   -2.972  12.262  1.00 1.09 ? 27 VAL S HB   1 
ATOM 448 H HG11 . VAL A 1 27 ? 7.230   -1.663  13.782  1.00 1.72 ? 27 VAL S HG11 1 
ATOM 449 H HG12 . VAL A 1 27 ? 6.258   -3.150  13.411  1.00 1.38 ? 27 VAL S HG12 1 
ATOM 450 H HG13 . VAL A 1 27 ? 7.802   -3.276  14.106  1.00 1.63 ? 27 VAL S HG13 1 
ATOM 451 H HG21 . VAL A 1 27 ? 6.653   -3.668  10.588  1.00 1.83 ? 27 VAL S HG21 1 
ATOM 452 H HG22 . VAL A 1 27 ? 8.311   -4.099  10.419  1.00 1.62 ? 27 VAL S HG22 1 
ATOM 453 H HG23 . VAL A 1 27 ? 7.355   -4.708  11.769  1.00 1.95 ? 27 VAL S HG23 1 
ATOM 454 N N    . SER A 1 28 ? 10.467  -0.657  11.611  1.00 0.55 ? 28 SER S N    1 
ATOM 455 C CA   . SER A 1 28 ? 11.566  -0.416  12.509  1.00 0.65 ? 28 SER S CA   1 
ATOM 456 C C    . SER A 1 28 ? 11.633  1.022   13.057  1.00 0.66 ? 28 SER S C    1 
ATOM 457 O O    . SER A 1 28 ? 11.594  1.093   14.267  1.00 0.72 ? 28 SER S O    1 
ATOM 458 C CB   . SER A 1 28 ? 12.854  -0.868  11.748  1.00 0.71 ? 28 SER S CB   1 
ATOM 459 O OG   . SER A 1 28 ? 12.441  -2.069  11.105  1.00 1.54 ? 28 SER S OG   1 
ATOM 460 H H    . SER A 1 28 ? 10.684  -1.319  10.894  1.00 0.65 ? 28 SER S H    1 
ATOM 461 H HA   . SER A 1 28 ? 11.306  -1.038  13.365  1.00 0.72 ? 28 SER S HA   1 
ATOM 462 H HB2  . SER A 1 28 ? 13.222  -0.177  10.989  1.00 1.14 ? 28 SER S HB2  1 
ATOM 463 H HB3  . SER A 1 28 ? 13.584  -1.077  12.530  1.00 1.25 ? 28 SER S HB3  1 
ATOM 464 H HG   . SER A 1 28 ? 13.135  -2.627  10.778  1.00 2.09 ? 28 SER S HG   1 
ATOM 465 N N    . ASN A 1 29 ? 11.811  2.045   12.256  1.00 0.65 ? 29 ASN S N    1 
ATOM 466 C CA   . ASN A 1 29 ? 12.206  3.356   12.792  1.00 0.75 ? 29 ASN S CA   1 
ATOM 467 C C    . ASN A 1 29 ? 11.042  4.092   13.468  1.00 0.76 ? 29 ASN S C    1 
ATOM 468 O O    . ASN A 1 29 ? 11.287  4.937   14.301  1.00 0.91 ? 29 ASN S O    1 
ATOM 469 C CB   . ASN A 1 29 ? 12.903  4.198   11.682  1.00 0.85 ? 29 ASN S CB   1 
ATOM 470 C CG   . ASN A 1 29 ? 11.962  4.346   10.478  1.00 0.86 ? 29 ASN S CG   1 
ATOM 471 O OD1  . ASN A 1 29 ? 11.047  3.552   10.254  1.00 0.99 ? 29 ASN S OD1  1 
ATOM 472 N ND2  . ASN A 1 29 ? 12.276  5.396   9.761   1.00 0.87 ? 29 ASN S ND2  1 
ATOM 473 H H    . ASN A 1 29 ? 11.742  1.945   11.263  1.00 0.62 ? 29 ASN S H    1 
ATOM 474 H HA   . ASN A 1 29 ? 12.980  3.202   13.543  1.00 0.79 ? 29 ASN S HA   1 
ATOM 475 H HB2  . ASN A 1 29 ? 13.273  5.175   11.994  1.00 0.93 ? 29 ASN S HB2  1 
ATOM 476 H HB3  . ASN A 1 29 ? 13.758  3.553   11.484  1.00 0.89 ? 29 ASN S HB3  1 
ATOM 477 H HD21 . ASN A 1 29 ? 13.050  5.947   10.073  1.00 0.94 ? 29 ASN S HD21 1 
ATOM 478 H HD22 . ASN A 1 29 ? 11.802  5.571   8.899   1.00 0.91 ? 29 ASN S HD22 1 
ATOM 479 N N    . LYS A 1 30 ? 9.843   3.853   12.946  1.00 0.85 ? 30 LYS S N    1 
ATOM 480 C CA   . LYS A 1 30 ? 8.488   4.291   13.220  1.00 0.91 ? 30 LYS S CA   1 
ATOM 481 C C    . LYS A 1 30 ? 7.725   3.288   12.283  1.00 0.92 ? 30 LYS S C    1 
ATOM 482 O O    . LYS A 1 30 ? 8.349   2.625   11.496  1.00 1.45 ? 30 LYS S O    1 
ATOM 483 C CB   . LYS A 1 30 ? 8.301   5.826   12.951  1.00 1.05 ? 30 LYS S CB   1 
ATOM 484 C CG   . LYS A 1 30 ? 8.676   6.806   14.133  1.00 1.52 ? 30 LYS S CG   1 
ATOM 485 C CD   . LYS A 1 30 ? 8.855   8.275   13.763  1.00 1.99 ? 30 LYS S CD   1 
ATOM 486 C CE   . LYS A 1 30 ? 9.511   9.152   14.824  1.00 2.49 ? 30 LYS S CE   1 
ATOM 487 N NZ   . LYS A 1 30 ? 9.917   10.441  14.298  1.00 3.16 ? 30 LYS S NZ   1 
ATOM 488 H H    . LYS A 1 30 ? 9.860   3.092   12.298  1.00 1.01 ? 30 LYS S H    1 
ATOM 489 H HA   . LYS A 1 30 ? 8.246   4.096   14.264  1.00 0.90 ? 30 LYS S HA   1 
ATOM 490 H HB2  . LYS A 1 30 ? 8.916   6.093   12.092  1.00 1.19 ? 30 LYS S HB2  1 
ATOM 491 H HB3  . LYS A 1 30 ? 7.269   5.993   12.644  1.00 1.38 ? 30 LYS S HB3  1 
ATOM 492 H HG2  . LYS A 1 30 ? 8.008   6.662   14.982  1.00 2.18 ? 30 LYS S HG2  1 
ATOM 493 H HG3  . LYS A 1 30 ? 9.637   6.487   14.536  1.00 1.83 ? 30 LYS S HG3  1 
ATOM 494 H HD2  . LYS A 1 30 ? 9.413   8.329   12.829  1.00 2.21 ? 30 LYS S HD2  1 
ATOM 495 H HD3  . LYS A 1 30 ? 7.860   8.671   13.558  1.00 2.56 ? 30 LYS S HD3  1 
ATOM 496 H HE2  . LYS A 1 30 ? 8.917   9.247   15.732  1.00 2.82 ? 30 LYS S HE2  1 
ATOM 497 H HE3  . LYS A 1 30 ? 10.426  8.663   15.161  1.00 2.76 ? 30 LYS S HE3  1 
ATOM 498 H HZ1  . LYS A 1 30 ? 9.129   10.964  13.864  1.00 3.45 ? 30 LYS S HZ1  1 
ATOM 499 H HZ2  . LYS A 1 30 ? 10.390  11.127  14.920  1.00 3.56 ? 30 LYS S HZ2  1 
ATOM 500 H HZ3  . LYS A 1 30 ? 10.619  10.307  13.542  1.00 3.54 ? 30 LYS S HZ3  1 
ATOM 501 N N    . MET A 1 31 ? 6.373   3.224   12.413  1.00 0.58 ? 31 MET S N    1 
ATOM 502 C CA   . MET A 1 31 ? 5.641   2.571   11.317  1.00 0.59 ? 31 MET S CA   1 
ATOM 503 C C    . MET A 1 31 ? 5.792   3.433   10.043  1.00 0.60 ? 31 MET S C    1 
ATOM 504 O O    . MET A 1 31 ? 5.060   4.409   9.893   1.00 0.75 ? 31 MET S O    1 
ATOM 505 C CB   . MET A 1 31 ? 4.197   2.493   11.789  1.00 0.73 ? 31 MET S CB   1 
ATOM 506 C CG   . MET A 1 31 ? 4.043   1.690   13.124  1.00 1.51 ? 31 MET S CG   1 
ATOM 507 S SD   . MET A 1 31 ? 4.566   -0.044  12.959  1.00 2.08 ? 31 MET S SD   1 
ATOM 508 C CE   . MET A 1 31 ? 4.746   -0.478  14.694  1.00 2.77 ? 31 MET S CE   1 
ATOM 509 H H    . MET A 1 31 ? 5.795   3.844   12.944  1.00 0.72 ? 31 MET S H    1 
ATOM 510 H HA   . MET A 1 31 ? 5.993   1.546   11.200  1.00 0.58 ? 31 MET S HA   1 
ATOM 511 H HB2  . MET A 1 31 ? 3.870   3.504   12.034  1.00 1.29 ? 31 MET S HB2  1 
ATOM 512 H HB3  . MET A 1 31 ? 3.576   2.058   11.005  1.00 1.27 ? 31 MET S HB3  1 
ATOM 513 H HG2  . MET A 1 31 ? 4.701   2.099   13.889  1.00 2.08 ? 31 MET S HG2  1 
ATOM 514 H HG3  . MET A 1 31 ? 3.048   1.741   13.566  1.00 2.11 ? 31 MET S HG3  1 
ATOM 515 H HE1  . MET A 1 31 ? 4.804   0.403   15.333  1.00 3.29 ? 31 MET S HE1  1 
ATOM 516 H HE2  . MET A 1 31 ? 3.895   -1.064  15.042  1.00 3.15 ? 31 MET S HE2  1 
ATOM 517 H HE3  . MET A 1 31 ? 5.634   -1.074  14.907  1.00 3.00 ? 31 MET S HE3  1 
ATOM 518 N N    . VAL A 1 32 ? 6.692   3.076   9.159   1.00 0.52 ? 32 VAL S N    1 
ATOM 519 C CA   . VAL A 1 32 ? 6.922   3.813   7.916   1.00 0.59 ? 32 VAL S CA   1 
ATOM 520 C C    . VAL A 1 32 ? 6.464   2.942   6.753   1.00 0.47 ? 32 VAL S C    1 
ATOM 521 O O    . VAL A 1 32 ? 7.253   2.278   6.119   1.00 0.38 ? 32 VAL S O    1 
ATOM 522 C CB   . VAL A 1 32 ? 8.445   4.164   7.908   1.00 0.74 ? 32 VAL S CB   1 
ATOM 523 C CG1  . VAL A 1 32 ? 9.069   4.305   6.549   1.00 1.22 ? 32 VAL S CG1  1 
ATOM 524 C CG2  . VAL A 1 32 ? 8.876   5.352   8.766   1.00 1.43 ? 32 VAL S CG2  1 
ATOM 525 H H    . VAL A 1 32 ? 7.120   2.193   9.349   1.00 0.47 ? 32 VAL S H    1 
ATOM 526 H HA   . VAL A 1 32 ? 6.260   4.679   7.899   1.00 0.72 ? 32 VAL S HA   1 
ATOM 527 H HB   . VAL A 1 32 ? 9.011   3.385   8.419   1.00 1.19 ? 32 VAL S HB   1 
ATOM 528 H HG11 . VAL A 1 32 ? 8.517   4.972   5.886   1.00 1.70 ? 32 VAL S HG11 1 
ATOM 529 H HG12 . VAL A 1 32 ? 10.122  4.586   6.504   1.00 1.85 ? 32 VAL S HG12 1 
ATOM 530 H HG13 . VAL A 1 32 ? 9.038   3.394   5.951   1.00 1.68 ? 32 VAL S HG13 1 
ATOM 531 H HG21 . VAL A 1 32 ? 8.604   5.121   9.795   1.00 1.67 ? 32 VAL S HG21 1 
ATOM 532 H HG22 . VAL A 1 32 ? 9.965   5.387   8.784   1.00 2.02 ? 32 VAL S HG22 1 
ATOM 533 H HG23 . VAL A 1 32 ? 8.452   6.273   8.363   1.00 2.11 ? 32 VAL S HG23 1 
ATOM 534 N N    . PRO A 1 33 ? 5.111   3.065   6.368   1.00 0.55 ? 33 PRO S N    1 
ATOM 535 C CA   . PRO A 1 33 ? 4.759   2.666   5.006   1.00 0.51 ? 33 PRO S CA   1 
ATOM 536 C C    . PRO A 1 33 ? 5.699   3.406   3.965   1.00 0.50 ? 33 PRO S C    1 
ATOM 537 O O    . PRO A 1 33 ? 5.537   4.596   3.826   1.00 0.73 ? 33 PRO S O    1 
ATOM 538 C CB   . PRO A 1 33 ? 3.285   3.214   4.948   1.00 0.70 ? 33 PRO S CB   1 
ATOM 539 C CG   . PRO A 1 33 ? 2.741   3.436   6.367   1.00 0.86 ? 33 PRO S CG   1 
ATOM 540 C CD   . PRO A 1 33 ? 4.043   3.588   7.160   1.00 0.78 ? 33 PRO S CD   1 
ATOM 541 H HA   . PRO A 1 33 ? 4.951   1.598   4.896   1.00 0.47 ? 33 PRO S HA   1 
ATOM 542 H HB2  . PRO A 1 33 ? 3.309   4.177   4.438   1.00 0.73 ? 33 PRO S HB2  1 
ATOM 543 H HB3  . PRO A 1 33 ? 2.640   2.570   4.350   1.00 0.76 ? 33 PRO S HB3  1 
ATOM 544 H HG2  . PRO A 1 33 ? 1.951   4.157   6.577   1.00 0.93 ? 33 PRO S HG2  1 
ATOM 545 H HG3  . PRO A 1 33 ? 2.376   2.452   6.663   1.00 1.01 ? 33 PRO S HG3  1 
ATOM 546 H HD2  . PRO A 1 33 ? 4.219   4.647   7.352   1.00 0.86 ? 33 PRO S HD2  1 
ATOM 547 H HD3  . PRO A 1 33 ? 4.018   3.114   8.142   1.00 0.84 ? 33 PRO S HD3  1 
ATOM 548 N N    . VAL A 1 34 ? 6.632   2.632   3.381   1.00 0.37 ? 34 VAL S N    1 
ATOM 549 C CA   . VAL A 1 34 ? 7.575   2.998   2.370   1.00 0.47 ? 34 VAL S CA   1 
ATOM 550 C C    . VAL A 1 34 ? 6.746   3.366   1.167   1.00 0.55 ? 34 VAL S C    1 
ATOM 551 O O    . VAL A 1 34 ? 6.060   4.385   1.211   1.00 0.83 ? 34 VAL S O    1 
ATOM 552 C CB   . VAL A 1 34 ? 8.801   2.105   2.154   1.00 0.52 ? 34 VAL S CB   1 
ATOM 553 C CG1  . VAL A 1 34 ? 9.892   3.070   1.573   1.00 1.01 ? 34 VAL S CG1  1 
ATOM 554 C CG2  . VAL A 1 34 ? 9.466   1.512   3.435   1.00 0.64 ? 34 VAL S CG2  1 
ATOM 555 H H    . VAL A 1 34 ? 6.583   1.693   3.724   1.00 0.36 ? 34 VAL S H    1 
ATOM 556 H HA   . VAL A 1 34 ? 7.772   4.003   2.744   1.00 0.59 ? 34 VAL S HA   1 
ATOM 557 H HB   . VAL A 1 34 ? 8.674   1.288   1.444   1.00 0.94 ? 34 VAL S HB   1 
ATOM 558 H HG11 . VAL A 1 34 ? 9.621   3.542   0.628   1.00 1.42 ? 34 VAL S HG11 1 
ATOM 559 H HG12 . VAL A 1 34 ? 10.108  3.856   2.296   1.00 1.45 ? 34 VAL S HG12 1 
ATOM 560 H HG13 . VAL A 1 34 ? 10.783  2.461   1.422   1.00 1.71 ? 34 VAL S HG13 1 
ATOM 561 H HG21 . VAL A 1 34 ? 8.713   1.128   4.124   1.00 1.10 ? 34 VAL S HG21 1 
ATOM 562 H HG22 . VAL A 1 34 ? 10.130  0.708   3.119   1.00 1.31 ? 34 VAL S HG22 1 
ATOM 563 H HG23 . VAL A 1 34 ? 10.031  2.283   3.959   1.00 1.34 ? 34 VAL S HG23 1 
ATOM 564 N N    . LYS A 1 35 ? 6.757   2.521   0.173   1.00 0.44 ? 35 LYS S N    1 
ATOM 565 C CA   . LYS A 1 35 ? 5.918   2.713   -0.948  1.00 0.54 ? 35 LYS S CA   1 
ATOM 566 C C    . LYS A 1 35 ? 4.464   2.295   -0.496  1.00 0.41 ? 35 LYS S C    1 
ATOM 567 O O    . LYS A 1 35 ? 4.302   1.202   0.038   1.00 0.41 ? 35 LYS S O    1 
ATOM 568 C CB   . LYS A 1 35 ? 6.489   1.997   -2.165  1.00 0.72 ? 35 LYS S CB   1 
ATOM 569 C CG   . LYS A 1 35 ? 7.893   2.510   -2.629  1.00 1.27 ? 35 LYS S CG   1 
ATOM 570 C CD   . LYS A 1 35 ? 8.297   1.669   -3.822  1.00 1.47 ? 35 LYS S CD   1 
ATOM 571 C CE   . LYS A 1 35 ? 9.708   2.085   -4.231  1.00 2.00 ? 35 LYS S CE   1 
ATOM 572 N NZ   . LYS A 1 35 ? 10.174  1.092   -5.231  1.00 2.62 ? 35 LYS S NZ   1 
ATOM 573 H H    . LYS A 1 35 ? 7.028   1.586   0.401   1.00 0.48 ? 35 LYS S H    1 
ATOM 574 H HA   . LYS A 1 35 ? 5.846   3.767   -1.221  1.00 0.66 ? 35 LYS S HA   1 
ATOM 575 H HB2  . LYS A 1 35 ? 6.412   0.913   -2.083  1.00 1.35 ? 35 LYS S HB2  1 
ATOM 576 H HB3  . LYS A 1 35 ? 5.761   2.217   -2.946  1.00 1.32 ? 35 LYS S HB3  1 
ATOM 577 H HG2  . LYS A 1 35 ? 7.870   3.584   -2.818  1.00 1.87 ? 35 LYS S HG2  1 
ATOM 578 H HG3  . LYS A 1 35 ? 8.600   2.323   -1.819  1.00 1.94 ? 35 LYS S HG3  1 
ATOM 579 H HD2  . LYS A 1 35 ? 8.267   0.623   -3.516  1.00 1.84 ? 35 LYS S HD2  1 
ATOM 580 H HD3  . LYS A 1 35 ? 7.746   1.713   -4.762  1.00 1.98 ? 35 LYS S HD3  1 
ATOM 581 H HE2  . LYS A 1 35 ? 9.765   3.053   -4.730  1.00 2.50 ? 35 LYS S HE2  1 
ATOM 582 H HE3  . LYS A 1 35 ? 10.406  2.191   -3.401  1.00 2.37 ? 35 LYS S HE3  1 
ATOM 583 H HZ1  . LYS A 1 35 ? 9.573   1.013   -6.076  1.00 2.85 ? 35 LYS S HZ1  1 
ATOM 584 H HZ2  . LYS A 1 35 ? 11.128  1.455   -5.431  1.00 3.01 ? 35 LYS S HZ2  1 
ATOM 585 H HZ3  . LYS A 1 35 ? 10.324  0.154   -4.808  1.00 3.11 ? 35 LYS S HZ3  1 
ATOM 586 N N    . ARG A 1 36 ? 3.410   3.172   -0.732  1.00 0.43 ? 36 ARG S N    1 
ATOM 587 C CA   . ARG A 1 36 ? 1.943   2.823   -0.804  1.00 0.34 ? 36 ARG S CA   1 
ATOM 588 C C    . ARG A 1 36 ? 1.576   2.695   -2.228  1.00 0.32 ? 36 ARG S C    1 
ATOM 589 O O    . ARG A 1 36 ? 2.356   3.215   -3.110  1.00 0.41 ? 36 ARG S O    1 
ATOM 590 C CB   . ARG A 1 36 ? 0.988   3.907   -0.151  1.00 0.43 ? 36 ARG S CB   1 
ATOM 591 C CG   . ARG A 1 36 ? 0.798   3.668   1.347   1.00 0.94 ? 36 ARG S CG   1 
ATOM 592 C CD   . ARG A 1 36 ? 0.584   4.960   2.118   1.00 0.68 ? 36 ARG S CD   1 
ATOM 593 N NE   . ARG A 1 36 ? 1.863   5.629   2.401   1.00 1.06 ? 36 ARG S NE   1 
ATOM 594 C CZ   . ARG A 1 36 ? 1.978   6.530   3.389   1.00 1.03 ? 36 ARG S CZ   1 
ATOM 595 N NH1  . ARG A 1 36 ? 0.836   6.872   4.020   1.00 1.74 ? 36 ARG S NH1  1 
ATOM 596 N NH2  . ARG A 1 36 ? 3.211   6.990   3.669   1.00 1.46 ? 36 ARG S NH2  1 
ATOM 597 H H    . ARG A 1 36 ? 3.704   4.065   -1.072  1.00 0.57 ? 36 ARG S H    1 
ATOM 598 H HA   . ARG A 1 36 ? 1.900   1.778   -0.495  1.00 0.36 ? 36 ARG S HA   1 
ATOM 599 H HB2  . ARG A 1 36 ? 1.441   4.880   -0.343  1.00 0.88 ? 36 ARG S HB2  1 
ATOM 600 H HB3  . ARG A 1 36 ? 0.029   3.896   -0.668  1.00 0.91 ? 36 ARG S HB3  1 
ATOM 601 H HG2  . ARG A 1 36 ? -0.073  3.071   1.620   1.00 1.75 ? 36 ARG S HG2  1 
ATOM 602 H HG3  . ARG A 1 36 ? 1.714   3.222   1.733   1.00 1.67 ? 36 ARG S HG3  1 
ATOM 603 H HD2  . ARG A 1 36 ? -0.101  5.652   1.630   1.00 1.30 ? 36 ARG S HD2  1 
ATOM 604 H HD3  . ARG A 1 36 ? 0.201   4.714   3.109   1.00 1.35 ? 36 ARG S HD3  1 
ATOM 605 H HE   . ARG A 1 36 ? 2.705   5.442   1.896   1.00 1.87 ? 36 ARG S HE   1 
ATOM 606 H HH11 . ARG A 1 36 ? -0.103  6.552   3.892   1.00 2.37 ? 36 ARG S HH11 1 
ATOM 607 H HH12 . ARG A 1 36 ? 0.918   7.437   4.842   1.00 2.02 ? 36 ARG S HH12 1 
ATOM 608 H HH21 . ARG A 1 36 ? 4.073   6.548   3.418   1.00 2.10 ? 36 ARG S HH21 1 
ATOM 609 H HH22 . ARG A 1 36 ? 3.293   7.792   4.260   1.00 1.65 ? 36 ARG S HH22 1 
ATOM 610 N N    . GLY A 1 37 ? 0.479   2.004   -2.424  1.00 0.31 ? 37 GLY S N    1 
ATOM 611 C CA   . GLY A 1 37 ? -0.170  2.141   -3.704  1.00 0.34 ? 37 GLY S CA   1 
ATOM 612 C C    . GLY A 1 37 ? -0.561  0.852   -4.333  1.00 0.33 ? 37 GLY S C    1 
ATOM 613 O O    . GLY A 1 37 ? -0.052  -0.212  -4.051  1.00 0.48 ? 37 GLY S O    1 
ATOM 614 H H    . GLY A 1 37 ? 0.098   1.410   -1.716  1.00 0.36 ? 37 GLY S H    1 
ATOM 615 H HA2  . GLY A 1 37 ? -0.961  2.888   -3.684  1.00 0.38 ? 37 GLY S HA2  1 
ATOM 616 H HA3  . GLY A 1 37 ? 0.587   2.531   -4.386  1.00 0.46 ? 37 GLY S HA3  1 
ATOM 617 N N    . CYS A 1 38 ? -1.549  1.044   -5.216  1.00 0.37 ? 38 CYS S N    1 
ATOM 618 C CA   . CYS A 1 38 ? -2.051  0.014   -6.083  1.00 0.37 ? 38 CYS S CA   1 
ATOM 619 C C    . CYS A 1 38 ? -0.989  -0.654  -6.930  1.00 0.40 ? 38 CYS S C    1 
ATOM 620 O O    . CYS A 1 38 ? -0.132  0.033   -7.508  1.00 0.48 ? 38 CYS S O    1 
ATOM 621 C CB   . CYS A 1 38 ? -3.128  0.452   -7.067  1.00 0.42 ? 38 CYS S CB   1 
ATOM 622 S SG   . CYS A 1 38 ? -4.360  1.378   -6.281  1.00 0.60 ? 38 CYS S SG   1 
ATOM 623 H H    . CYS A 1 38 ? -1.946  1.924   -5.478  1.00 0.52 ? 38 CYS S H    1 
ATOM 624 H HA   . CYS A 1 38 ? -2.618  -0.717  -5.507  1.00 0.37 ? 38 CYS S HA   1 
ATOM 625 H HB2  . CYS A 1 38 ? -2.708  1.167   -7.774  1.00 0.45 ? 38 CYS S HB2  1 
ATOM 626 H HB3  . CYS A 1 38 ? -3.523  -0.462  -7.511  1.00 0.50 ? 38 CYS S HB3  1 
ATOM 627 N N    . ILE A 1 39 ? -1.199  -1.950  -7.068  1.00 0.40 ? 39 ILE S N    1 
ATOM 628 C CA   . ILE A 1 39 ? -0.298  -2.925  -7.823  1.00 0.46 ? 39 ILE S CA   1 
ATOM 629 C C    . ILE A 1 39 ? -0.909  -4.400  -7.785  1.00 0.55 ? 39 ILE S C    1 
ATOM 630 O O    . ILE A 1 39 ? -1.884  -4.625  -8.501  1.00 0.59 ? 39 ILE S O    1 
ATOM 631 C CB   . ILE A 1 39 ? 1.228   -3.088  -7.455  1.00 0.41 ? 39 ILE S CB   1 
ATOM 632 C CG1  . ILE A 1 39 ? 1.592   -3.213  -5.976  1.00 0.80 ? 39 ILE S CG1  1 
ATOM 633 C CG2  . ILE A 1 39 ? 2.048   -1.931  -8.038  1.00 0.95 ? 39 ILE S CG2  1 
ATOM 634 C CD1  . ILE A 1 39 ? 2.925   -3.977  -5.693  1.00 1.08 ? 39 ILE S CD1  1 
ATOM 635 H H    . ILE A 1 39 ? -2.095  -2.125  -6.660  1.00 0.41 ? 39 ILE S H    1 
ATOM 636 H HA   . ILE A 1 39 ? -0.477  -2.514  -8.816  1.00 0.56 ? 39 ILE S HA   1 
ATOM 637 H HB   . ILE A 1 39 ? 1.530   -4.053  -7.863  1.00 0.61 ? 39 ILE S HB   1 
ATOM 638 H HG12 . ILE A 1 39 ? 1.624   -2.240  -5.485  1.00 0.94 ? 39 ILE S HG12 1 
ATOM 639 H HG13 . ILE A 1 39 ? 0.815   -3.797  -5.483  1.00 1.08 ? 39 ILE S HG13 1 
ATOM 640 H HG21 . ILE A 1 39 ? 1.708   -1.704  -9.048  1.00 1.44 ? 39 ILE S HG21 1 
ATOM 641 H HG22 . ILE A 1 39 ? 1.989   -1.079  -7.360  1.00 1.57 ? 39 ILE S HG22 1 
ATOM 642 H HG23 . ILE A 1 39 ? 3.093   -2.229  -8.120  1.00 1.45 ? 39 ILE S HG23 1 
ATOM 643 H HD11 . ILE A 1 39 ? 3.136   -4.772  -6.411  1.00 1.44 ? 39 ILE S HD11 1 
ATOM 644 H HD12 . ILE A 1 39 ? 3.815   -3.355  -5.789  1.00 1.30 ? 39 ILE S HD12 1 
ATOM 645 H HD13 . ILE A 1 39 ? 3.023   -4.348  -4.672  1.00 1.76 ? 39 ILE S HD13 1 
ATOM 646 N N    . ASP A 1 40 ? -0.408  -5.360  -6.946  1.00 0.67 ? 40 ASP S N    1 
ATOM 647 C CA   . ASP A 1 40 ? -1.222  -6.604  -6.695  1.00 0.77 ? 40 ASP S CA   1 
ATOM 648 C C    . ASP A 1 40 ? -0.558  -7.608  -5.713  1.00 0.76 ? 40 ASP S C    1 
ATOM 649 O O    . ASP A 1 40 ? -1.164  -8.166  -4.822  1.00 1.07 ? 40 ASP S O    1 
ATOM 650 C CB   . ASP A 1 40 ? -1.809  -7.275  -7.927  1.00 0.93 ? 40 ASP S CB   1 
ATOM 651 C CG   . ASP A 1 40 ? -3.393  -7.395  -7.801  1.00 1.40 ? 40 ASP S CG   1 
ATOM 652 O OD1  . ASP A 1 40 ? -3.831  -8.288  -7.081  1.00 2.12 ? 40 ASP S OD1  1 
ATOM 653 O OD2  . ASP A 1 40 ? -4.104  -6.623  -8.402  1.00 2.01 ? 40 ASP S OD2  1 
ATOM 654 H H    . ASP A 1 40 ? 0.472   -5.183  -6.506  1.00 0.74 ? 40 ASP S H    1 
ATOM 655 H HA   . ASP A 1 40 ? -2.089  -6.250  -6.135  1.00 0.78 ? 40 ASP S HA   1 
ATOM 656 H HB2  . ASP A 1 40 ? -1.520  -6.709  -8.813  1.00 1.33 ? 40 ASP S HB2  1 
ATOM 657 H HB3  . ASP A 1 40 ? -1.387  -8.274  -8.041  1.00 1.37 ? 40 ASP S HB3  1 
ATOM 658 N N    . VAL A 1 41 ? 0.796   -7.557  -5.835  1.00 0.65 ? 41 VAL S N    1 
ATOM 659 C CA   . VAL A 1 41 ? 1.603   -8.215  -4.797  1.00 0.66 ? 41 VAL S CA   1 
ATOM 660 C C    . VAL A 1 41 ? 1.137   -7.571  -3.496  1.00 0.65 ? 41 VAL S C    1 
ATOM 661 O O    . VAL A 1 41 ? 1.218   -6.335  -3.257  1.00 0.99 ? 41 VAL S O    1 
ATOM 662 C CB   . VAL A 1 41 ? 3.100   -8.303  -5.233  1.00 0.77 ? 41 VAL S CB   1 
ATOM 663 C CG1  . VAL A 1 41 ? 4.024   -8.886  -4.106  1.00 1.13 ? 41 VAL S CG1  1 
ATOM 664 C CG2  . VAL A 1 41 ? 3.176   -9.180  -6.529  1.00 1.34 ? 41 VAL S CG2  1 
ATOM 665 H H    . VAL A 1 41 ? 1.295   -7.178  -6.615  1.00 0.78 ? 41 VAL S H    1 
ATOM 666 H HA   . VAL A 1 41 ? 1.288   -9.258  -4.758  1.00 0.71 ? 41 VAL S HA   1 
ATOM 667 H HB   . VAL A 1 41 ? 3.458   -7.324  -5.555  1.00 1.22 ? 41 VAL S HB   1 
ATOM 668 H HG11 . VAL A 1 41 ? 3.522   -9.740  -3.653  1.00 1.67 ? 41 VAL S HG11 1 
ATOM 669 H HG12 . VAL A 1 41 ? 4.972   -9.156  -4.570  1.00 1.66 ? 41 VAL S HG12 1 
ATOM 670 H HG13 . VAL A 1 41 ? 4.211   -8.135  -3.338  1.00 1.61 ? 41 VAL S HG13 1 
ATOM 671 H HG21 . VAL A 1 41 ? 2.847   -10.201 -6.335  1.00 2.04 ? 41 VAL S HG21 1 
ATOM 672 H HG22 . VAL A 1 41 ? 2.660   -8.747  -7.386  1.00 1.84 ? 41 VAL S HG22 1 
ATOM 673 H HG23 . VAL A 1 41 ? 4.219   -9.275  -6.828  1.00 1.59 ? 41 VAL S HG23 1 
ATOM 674 N N    . CYS A 1 42 ? 0.605   -8.468  -2.672  1.00 0.62 ? 42 CYS S N    1 
ATOM 675 C CA   . CYS A 1 42 ? -0.116  -8.059  -1.466  1.00 0.68 ? 42 CYS S CA   1 
ATOM 676 C C    . CYS A 1 42 ? 0.375   -8.793  -0.216  1.00 0.72 ? 42 CYS S C    1 
ATOM 677 O O    . CYS A 1 42 ? 0.819   -8.197  0.726   1.00 1.41 ? 42 CYS S O    1 
ATOM 678 C CB   . CYS A 1 42 ? -1.661  -8.109  -1.639  1.00 0.86 ? 42 CYS S CB   1 
ATOM 679 S SG   . CYS A 1 42 ? -2.688  -8.193  -0.247  1.00 1.05 ? 42 CYS S SG   1 
ATOM 680 H H    . CYS A 1 42 ? 0.440   -9.347  -3.118  1.00 0.84 ? 42 CYS S H    1 
ATOM 681 H HA   . CYS A 1 42 ? 0.158   -7.016  -1.309  1.00 0.78 ? 42 CYS S HA   1 
ATOM 682 H HB2  . CYS A 1 42 ? -1.931  -7.211  -2.196  1.00 1.03 ? 42 CYS S HB2  1 
ATOM 683 H HB3  . CYS A 1 42 ? -1.946  -8.934  -2.291  1.00 1.13 ? 42 CYS S HB3  1 
ATOM 684 N N    . PRO A 1 43 ? 0.278   -10.152 -0.194  1.00 1.18 ? 43 PRO S N    1 
ATOM 685 C CA   . PRO A 1 43 ? 0.263   -10.828 1.126   1.00 1.31 ? 43 PRO S CA   1 
ATOM 686 C C    . PRO A 1 43 ? 1.734   -11.082 1.510   1.00 1.17 ? 43 PRO S C    1 
ATOM 687 O O    . PRO A 1 43 ? 2.516   -10.155 1.493   1.00 1.93 ? 43 PRO S O    1 
ATOM 688 C CB   . PRO A 1 43 ? -0.646  -12.033 0.913   1.00 2.59 ? 43 PRO S CB   1 
ATOM 689 C CG   . PRO A 1 43 ? -0.446  -12.402 -0.586  1.00 3.19 ? 43 PRO S CG   1 
ATOM 690 C CD   . PRO A 1 43 ? 0.003   -11.096 -1.275  1.00 2.29 ? 43 PRO S CD   1 
ATOM 691 H HA   . PRO A 1 43 ? -0.144  -10.173 1.898   1.00 1.57 ? 43 PRO S HA   1 
ATOM 692 H HB2  . PRO A 1 43 ? -0.413  -12.860 1.584   1.00 2.78 ? 43 PRO S HB2  1 
ATOM 693 H HB3  . PRO A 1 43 ? -1.718  -11.888 1.056   1.00 3.18 ? 43 PRO S HB3  1 
ATOM 694 H HG2  . PRO A 1 43 ? 0.337   -13.147 -0.724  1.00 3.58 ? 43 PRO S HG2  1 
ATOM 695 H HG3  . PRO A 1 43 ? -1.284  -12.783 -1.170  1.00 4.04 ? 43 PRO S HG3  1 
ATOM 696 H HD2  . PRO A 1 43 ? 0.931   -11.275 -1.819  1.00 2.43 ? 43 PRO S HD2  1 
ATOM 697 H HD3  . PRO A 1 43 ? -0.700  -10.680 -1.996  1.00 2.67 ? 43 PRO S HD3  1 
ATOM 698 N N    . LYS A 1 44 ? 2.018   -12.353 1.857   1.00 1.36 ? 44 LYS S N    1 
ATOM 699 C CA   . LYS A 1 44 ? 3.289   -12.911 2.454   1.00 2.36 ? 44 LYS S CA   1 
ATOM 700 C C    . LYS A 1 44 ? 3.841   -12.130 3.742   1.00 2.24 ? 44 LYS S C    1 
ATOM 701 O O    . LYS A 1 44 ? 3.050   -11.437 4.379   1.00 2.90 ? 44 LYS S O    1 
ATOM 702 C CB   . LYS A 1 44 ? 4.389   -13.037 1.354   1.00 3.30 ? 44 LYS S CB   1 
ATOM 703 C CG   . LYS A 1 44 ? 4.034   -13.963 0.177   1.00 4.04 ? 44 LYS S CG   1 
ATOM 704 C CD   . LYS A 1 44 ? 3.961   -15.528 0.486   1.00 5.07 ? 44 LYS S CD   1 
ATOM 705 C CE   . LYS A 1 44 ? 3.283   -16.549 -0.540  1.00 5.92 ? 44 LYS S CE   1 
ATOM 706 N NZ   . LYS A 1 44 ? 3.441   -16.124 -1.945  1.00 6.78 ? 44 LYS S NZ   1 
ATOM 707 H H    . LYS A 1 44 ? 1.203   -12.932 1.877   1.00 1.44 ? 44 LYS S H    1 
ATOM 708 H HA   . LYS A 1 44 ? 3.061   -13.906 2.839   1.00 2.89 ? 44 LYS S HA   1 
ATOM 709 H HB2  . LYS A 1 44 ? 4.573   -12.024 0.995   1.00 3.33 ? 44 LYS S HB2  1 
ATOM 710 H HB3  . LYS A 1 44 ? 5.294   -13.369 1.862   1.00 3.86 ? 44 LYS S HB3  1 
ATOM 711 H HG2  . LYS A 1 44 ? 3.147   -13.529 -0.286  1.00 4.29 ? 44 LYS S HG2  1 
ATOM 712 H HG3  . LYS A 1 44 ? 4.850   -13.853 -0.537  1.00 4.00 ? 44 LYS S HG3  1 
ATOM 713 H HD2  . LYS A 1 44 ? 4.995   -15.865 0.542   1.00 5.32 ? 44 LYS S HD2  1 
ATOM 714 H HD3  . LYS A 1 44 ? 3.622   -15.732 1.502   1.00 5.29 ? 44 LYS S HD3  1 
ATOM 715 H HE2  . LYS A 1 44 ? 3.627   -17.577 -0.428  1.00 6.11 ? 44 LYS S HE2  1 
ATOM 716 H HE3  . LYS A 1 44 ? 2.219   -16.486 -0.313  1.00 6.02 ? 44 LYS S HE3  1 
ATOM 717 H HZ1  . LYS A 1 44 ? 4.384   -15.721 -2.119  1.00 7.02 ? 44 LYS S HZ1  1 
ATOM 718 H HZ2  . LYS A 1 44 ? 3.203   -16.887 -2.609  1.00 7.01 ? 44 LYS S HZ2  1 
ATOM 719 H HZ3  . LYS A 1 44 ? 2.780   -15.328 -2.055  1.00 7.20 ? 44 LYS S HZ3  1 
ATOM 720 N N    . SER A 1 45 ? 5.090   -12.201 4.115   1.00 1.57 ? 45 SER S N    1 
ATOM 721 C CA   . SER A 1 45 ? 5.853   -11.401 5.062   1.00 1.63 ? 45 SER S CA   1 
ATOM 722 C C    . SER A 1 45 ? 7.263   -11.742 4.683   1.00 1.36 ? 45 SER S C    1 
ATOM 723 O O    . SER A 1 45 ? 7.614   -12.924 4.485   1.00 1.70 ? 45 SER S O    1 
ATOM 724 C CB   . SER A 1 45 ? 5.456   -11.601 6.566   1.00 1.88 ? 45 SER S CB   1 
ATOM 725 O OG   . SER A 1 45 ? 4.160   -11.171 6.899   1.00 2.12 ? 45 SER S OG   1 
ATOM 726 H H    . SER A 1 45 ? 5.583   -12.977 3.720   1.00 1.25 ? 45 SER S H    1 
ATOM 727 H HA   . SER A 1 45 ? 5.635   -10.352 4.862   1.00 1.89 ? 45 SER S HA   1 
ATOM 728 H HB2  . SER A 1 45 ? 5.528   -12.658 6.827   1.00 2.06 ? 45 SER S HB2  1 
ATOM 729 H HB3  . SER A 1 45 ? 6.201   -11.201 7.255   1.00 2.45 ? 45 SER S HB3  1 
ATOM 730 H HG   . SER A 1 45 ? 3.549   -11.445 6.227   1.00 2.49 ? 45 SER S HG   1 
ATOM 731 N N    . SER A 1 46 ? 8.069   -10.696 4.503   1.00 0.90 ? 46 SER S N    1 
ATOM 732 C CA   . SER A 1 46 ? 9.494   -11.000 4.604   1.00 0.97 ? 46 SER S CA   1 
ATOM 733 C C    . SER A 1 46 ? 9.910   -10.926 6.057   1.00 0.89 ? 46 SER S C    1 
ATOM 734 O O    . SER A 1 46 ? 10.044  -11.901 6.796   1.00 1.05 ? 46 SER S O    1 
ATOM 735 C CB   . SER A 1 46 ? 10.415  -10.130 3.635   1.00 1.18 ? 46 SER S CB   1 
ATOM 736 O OG   . SER A 1 46 ? 10.144  -8.727  3.766   1.00 1.95 ? 46 SER S OG   1 
ATOM 737 H H    . SER A 1 46 ? 7.813   -9.730  4.549   1.00 0.73 ? 46 SER S H    1 
ATOM 738 H HA   . SER A 1 46 ? 9.708   -12.044 4.381   1.00 1.18 ? 46 SER S HA   1 
ATOM 739 H HB2  . SER A 1 46 ? 11.471  -10.303 3.845   1.00 1.24 ? 46 SER S HB2  1 
ATOM 740 H HB3  . SER A 1 46 ? 10.200  -10.476 2.624   1.00 1.64 ? 46 SER S HB3  1 
ATOM 741 H HG   . SER A 1 46 ? 10.631  -8.255  3.104   1.00 2.21 ? 46 SER S HG   1 
ATOM 742 N N    . LEU A 1 47 ? 10.158  -9.686  6.342   1.00 0.86 ? 47 LEU S N    1 
ATOM 743 C CA   . LEU A 1 47 ? 10.855  -9.334  7.544   1.00 1.13 ? 47 LEU S CA   1 
ATOM 744 C C    . LEU A 1 47 ? 10.803  -7.760  7.515   1.00 0.95 ? 47 LEU S C    1 
ATOM 745 O O    . LEU A 1 47 ? 9.944   -7.204  8.165   1.00 1.09 ? 47 LEU S O    1 
ATOM 746 C CB   . LEU A 1 47 ? 12.282  -9.906  7.665   1.00 1.53 ? 47 LEU S CB   1 
ATOM 747 C CG   . LEU A 1 47 ? 12.715  -10.051 9.118   1.00 2.05 ? 47 LEU S CG   1 
ATOM 748 C CD1  . LEU A 1 47 ? 11.761  -10.757 10.099  1.00 2.76 ? 47 LEU S CD1  1 
ATOM 749 C CD2  . LEU A 1 47 ? 14.157  -10.722 9.161   1.00 2.52 ? 47 LEU S CD2  1 
ATOM 750 H H    . LEU A 1 47 ? 9.851   -8.975  5.709   1.00 0.81 ? 47 LEU S H    1 
ATOM 751 H HA   . LEU A 1 47 ? 10.256  -9.640  8.401   1.00 1.37 ? 47 LEU S HA   1 
ATOM 752 H HB2  . LEU A 1 47 ? 12.242  -10.938 7.316   1.00 1.88 ? 47 LEU S HB2  1 
ATOM 753 H HB3  . LEU A 1 47 ? 12.983  -9.306  7.083   1.00 1.37 ? 47 LEU S HB3  1 
ATOM 754 H HG   . LEU A 1 47 ? 12.838  -9.037  9.499   1.00 2.31 ? 47 LEU S HG   1 
ATOM 755 H HD11 . LEU A 1 47 ? 11.434  -11.677 9.614   1.00 3.03 ? 47 LEU S HD11 1 
ATOM 756 H HD12 . LEU A 1 47 ? 12.397  -10.984 10.954  1.00 3.24 ? 47 LEU S HD12 1 
ATOM 757 H HD13 . LEU A 1 47 ? 10.969  -10.099 10.457  1.00 3.18 ? 47 LEU S HD13 1 
ATOM 758 H HD21 . LEU A 1 47 ? 14.827  -10.183 8.491   1.00 2.93 ? 47 LEU S HD21 1 
ATOM 759 H HD22 . LEU A 1 47 ? 14.669  -10.622 10.117  1.00 2.88 ? 47 LEU S HD22 1 
ATOM 760 H HD23 . LEU A 1 47 ? 14.233  -11.743 8.786   1.00 2.85 ? 47 LEU S HD23 1 
ATOM 761 N N    . LEU A 1 48 ? 11.814  -7.092  6.851   1.00 0.77 ? 48 LEU S N    1 
ATOM 762 C CA   . LEU A 1 48 ? 11.638  -5.630  6.719   1.00 0.69 ? 48 LEU S CA   1 
ATOM 763 C C    . LEU A 1 48 ? 10.332  -5.140  5.984   1.00 0.59 ? 48 LEU S C    1 
ATOM 764 O O    . LEU A 1 48 ? 10.012  -3.966  6.019   1.00 0.79 ? 48 LEU S O    1 
ATOM 765 C CB   . LEU A 1 48 ? 12.856  -4.848  6.219   1.00 0.80 ? 48 LEU S CB   1 
ATOM 766 C CG   . LEU A 1 48 ? 14.172  -5.286  6.907   1.00 1.48 ? 48 LEU S CG   1 
ATOM 767 C CD1  . LEU A 1 48 ? 15.346  -4.569  6.149   1.00 2.36 ? 48 LEU S CD1  1 
ATOM 768 C CD2  . LEU A 1 48 ? 14.205  -5.269  8.496   1.00 1.92 ? 48 LEU S CD2  1 
ATOM 769 H H    . LEU A 1 48 ? 12.649  -7.527  6.512   1.00 0.82 ? 48 LEU S H    1 
ATOM 770 H HA   . LEU A 1 48 ? 11.397  -5.347  7.744   1.00 0.76 ? 48 LEU S HA   1 
ATOM 771 H HB2  . LEU A 1 48 ? 12.954  -5.045  5.151   1.00 1.32 ? 48 LEU S HB2  1 
ATOM 772 H HB3  . LEU A 1 48 ? 12.629  -3.784  6.284   1.00 0.95 ? 48 LEU S HB3  1 
ATOM 773 H HG   . LEU A 1 48 ? 14.203  -6.324  6.575   1.00 1.95 ? 48 LEU S HG   1 
ATOM 774 H HD11 . LEU A 1 48 ? 15.442  -4.745  5.077   1.00 2.65 ? 48 LEU S HD11 1 
ATOM 775 H HD12 . LEU A 1 48 ? 15.242  -3.489  6.251   1.00 2.81 ? 48 LEU S HD12 1 
ATOM 776 H HD13 . LEU A 1 48 ? 16.293  -4.925  6.553   1.00 2.93 ? 48 LEU S HD13 1 
ATOM 777 H HD21 . LEU A 1 48 ? 13.335  -5.808  8.873   1.00 2.44 ? 48 LEU S HD21 1 
ATOM 778 H HD22 . LEU A 1 48 ? 15.103  -5.756  8.873   1.00 2.24 ? 48 LEU S HD22 1 
ATOM 779 H HD23 . LEU A 1 48 ? 14.173  -4.275  8.942   1.00 2.27 ? 48 LEU S HD23 1 
ATOM 780 N N    . VAL A 1 49 ? 9.659   -6.088  5.299   1.00 0.43 ? 49 VAL S N    1 
ATOM 781 C CA   . VAL A 1 49 ? 8.557   -5.778  4.499   1.00 0.38 ? 49 VAL S CA   1 
ATOM 782 C C    . VAL A 1 49 ? 7.554   -6.909  4.359   1.00 0.32 ? 49 VAL S C    1 
ATOM 783 O O    . VAL A 1 49 ? 7.582   -7.794  3.459   1.00 0.40 ? 49 VAL S O    1 
ATOM 784 C CB   . VAL A 1 49 ? 9.106   -5.418  3.070   1.00 0.44 ? 49 VAL S CB   1 
ATOM 785 C CG1  . VAL A 1 49 ? 8.295   -4.365  2.319   1.00 0.78 ? 49 VAL S CG1  1 
ATOM 786 C CG2  . VAL A 1 49 ? 10.572  -4.950  3.026   1.00 0.84 ? 49 VAL S CG2  1 
ATOM 787 H H    . VAL A 1 49 ? 10.025  -7.017  5.355   1.00 0.51 ? 49 VAL S H    1 
ATOM 788 H HA   . VAL A 1 49 ? 8.111   -4.853  4.865   1.00 0.43 ? 49 VAL S HA   1 
ATOM 789 H HB   . VAL A 1 49 ? 9.039   -6.247  2.365   1.00 0.76 ? 49 VAL S HB   1 
ATOM 790 H HG11 . VAL A 1 49 ? 7.239   -4.478  2.566   1.00 1.32 ? 49 VAL S HG11 1 
ATOM 791 H HG12 . VAL A 1 49 ? 8.532   -3.363  2.678   1.00 1.35 ? 49 VAL S HG12 1 
ATOM 792 H HG13 . VAL A 1 49 ? 8.523   -4.342  1.253   1.00 1.43 ? 49 VAL S HG13 1 
ATOM 793 H HG21 . VAL A 1 49 ? 10.758  -4.037  3.592   1.00 1.48 ? 49 VAL S HG21 1 
ATOM 794 H HG22 . VAL A 1 49 ? 11.255  -5.774  3.240   1.00 1.27 ? 49 VAL S HG22 1 
ATOM 795 H HG23 . VAL A 1 49 ? 10.782  -4.636  2.004   1.00 1.48 ? 49 VAL S HG23 1 
ATOM 796 N N    . LYS A 1 50 ? 6.630   -6.925  5.343   1.00 0.28 ? 50 LYS S N    1 
ATOM 797 C CA   . LYS A 1 50 ? 5.258   -7.404  5.211   1.00 0.30 ? 50 LYS S CA   1 
ATOM 798 C C    . LYS A 1 50 ? 4.565   -6.282  4.446   1.00 0.31 ? 50 LYS S C    1 
ATOM 799 O O    . LYS A 1 50 ? 5.162   -5.218  4.135   1.00 0.55 ? 50 LYS S O    1 
ATOM 800 C CB   . LYS A 1 50 ? 4.802   -7.920  6.609   1.00 0.38 ? 50 LYS S CB   1 
ATOM 801 C CG   . LYS A 1 50 ? 4.744   -6.893  7.735   1.00 1.29 ? 50 LYS S CG   1 
ATOM 802 C CD   . LYS A 1 50 ? 5.007   -7.527  9.128   1.00 1.15 ? 50 LYS S CD   1 
ATOM 803 C CE   . LYS A 1 50 ? 3.695   -8.172  9.767   1.00 1.54 ? 50 LYS S CE   1 
ATOM 804 N NZ   . LYS A 1 50 ? 3.878   -8.771  11.144  1.00 2.17 ? 50 LYS S NZ   1 
ATOM 805 H H    . LYS A 1 50 ? 6.857   -6.328  6.113   1.00 0.33 ? 50 LYS S H    1 
ATOM 806 H HA   . LYS A 1 50 ? 5.272   -8.251  4.526   1.00 0.34 ? 50 LYS S HA   1 
ATOM 807 H HB2  . LYS A 1 50 ? 3.844   -8.422  6.473   1.00 1.17 ? 50 LYS S HB2  1 
ATOM 808 H HB3  . LYS A 1 50 ? 5.522   -8.674  6.927   1.00 1.03 ? 50 LYS S HB3  1 
ATOM 809 H HG2  . LYS A 1 50 ? 5.562   -6.204  7.530   1.00 1.96 ? 50 LYS S HG2  1 
ATOM 810 H HG3  . LYS A 1 50 ? 3.857   -6.261  7.691   1.00 2.08 ? 50 LYS S HG3  1 
ATOM 811 H HD2  . LYS A 1 50 ? 5.896   -8.159  9.114   1.00 1.24 ? 50 LYS S HD2  1 
ATOM 812 H HD3  . LYS A 1 50 ? 5.277   -6.686  9.768   1.00 1.08 ? 50 LYS S HD3  1 
ATOM 813 H HE2  . LYS A 1 50 ? 2.950   -7.385  9.881   1.00 1.98 ? 50 LYS S HE2  1 
ATOM 814 H HE3  . LYS A 1 50 ? 3.266   -8.974  9.166   1.00 1.86 ? 50 LYS S HE3  1 
ATOM 815 H HZ1  . LYS A 1 50 ? 4.619   -8.226  11.631  1.00 2.54 ? 50 LYS S HZ1  1 
ATOM 816 H HZ2  . LYS A 1 50 ? 3.080   -8.892  11.799  1.00 2.66 ? 50 LYS S HZ2  1 
ATOM 817 H HZ3  . LYS A 1 50 ? 4.206   -9.748  11.008  1.00 2.56 ? 50 LYS S HZ3  1 
ATOM 818 N N    . TYR A 1 51 ? 3.303   -6.570  4.125   1.00 0.28 ? 51 TYR S N    1 
ATOM 819 C CA   . TYR A 1 51 ? 2.546   -5.504  3.532   1.00 0.32 ? 51 TYR S CA   1 
ATOM 820 C C    . TYR A 1 51 ? 1.155   -5.528  4.159   1.00 0.34 ? 51 TYR S C    1 
ATOM 821 O O    . TYR A 1 51 ? 0.631   -6.600  4.531   1.00 0.47 ? 51 TYR S O    1 
ATOM 822 C CB   . TYR A 1 51 ? 2.552   -5.611  1.956   1.00 0.39 ? 51 TYR S CB   1 
ATOM 823 C CG   . TYR A 1 51 ? 3.850   -6.030  1.321   1.00 0.35 ? 51 TYR S CG   1 
ATOM 824 C CD1  . TYR A 1 51 ? 4.098   -7.369  1.118   1.00 1.31 ? 51 TYR S CD1  1 
ATOM 825 C CD2  . TYR A 1 51 ? 4.709   -5.059  0.988   1.00 1.14 ? 51 TYR S CD2  1 
ATOM 826 C CE1  . TYR A 1 51 ? 5.315   -7.748  0.482   1.00 1.36 ? 51 TYR S CE1  1 
ATOM 827 C CE2  . TYR A 1 51 ? 5.965   -5.376  0.399   1.00 1.17 ? 51 TYR S CE2  1 
ATOM 828 C CZ   . TYR A 1 51 ? 6.257   -6.761  0.202   1.00 0.57 ? 51 TYR S CZ   1 
ATOM 829 O OH   . TYR A 1 51 ? 7.409   -7.115  -0.420  1.00 0.75 ? 51 TYR S OH   1 
ATOM 830 H H    . TYR A 1 51 ? 2.895   -7.477  4.226   1.00 0.43 ? 51 TYR S H    1 
ATOM 831 H HA   . TYR A 1 51 ? 3.045   -4.567  3.781   1.00 0.32 ? 51 TYR S HA   1 
ATOM 832 H HB2  . TYR A 1 51 ? 1.846   -6.360  1.597   1.00 0.51 ? 51 TYR S HB2  1 
ATOM 833 H HB3  . TYR A 1 51 ? 2.291   -4.634  1.551   1.00 0.47 ? 51 TYR S HB3  1 
ATOM 834 H HD1  . TYR A 1 51 ? 3.319   -8.058  1.410   1.00 2.18 ? 51 TYR S HD1  1 
ATOM 835 H HD2  . TYR A 1 51 ? 4.449   -4.042  1.243   1.00 2.01 ? 51 TYR S HD2  1 
ATOM 836 H HE1  . TYR A 1 51 ? 5.559   -8.775  0.255   1.00 2.24 ? 51 TYR S HE1  1 
ATOM 837 H HE2  . TYR A 1 51 ? 6.684   -4.622  0.114   1.00 2.03 ? 51 TYR S HE2  1 
ATOM 838 H HH   . TYR A 1 51 ? 7.422   -7.774  -1.101  1.00 1.25 ? 51 TYR S HH   1 
ATOM 839 N N    . VAL A 1 52 ? 0.586   -4.302  4.337   1.00 0.36 ? 52 VAL S N    1 
ATOM 840 C CA   . VAL A 1 52 ? -0.723  -4.231  4.991   1.00 0.40 ? 52 VAL S CA   1 
ATOM 841 C C    . VAL A 1 52 ? -1.648  -3.804  3.872   1.00 0.46 ? 52 VAL S C    1 
ATOM 842 O O    . VAL A 1 52 ? -1.710  -2.627  3.541   1.00 0.69 ? 52 VAL S O    1 
ATOM 843 C CB   . VAL A 1 52 ? -0.674  -3.159  6.101   1.00 0.43 ? 52 VAL S CB   1 
ATOM 844 C CG1  . VAL A 1 52 ? -2.068  -2.451  6.330   1.00 0.54 ? 52 VAL S CG1  1 
ATOM 845 C CG2  . VAL A 1 52 ? -0.077  -3.737  7.397   1.00 0.44 ? 52 VAL S CG2  1 
ATOM 846 H H    . VAL A 1 52 ? 1.005   -3.490  3.931   1.00 0.43 ? 52 VAL S H    1 
ATOM 847 H HA   . VAL A 1 52 ? -1.046  -5.207  5.353   1.00 0.41 ? 52 VAL S HA   1 
ATOM 848 H HB   . VAL A 1 52 ? 0.030   -2.401  5.757   1.00 0.53 ? 52 VAL S HB   1 
ATOM 849 H HG11 . VAL A 1 52 ? -2.515  -1.971  5.459   1.00 1.12 ? 52 VAL S HG11 1 
ATOM 850 H HG12 . VAL A 1 52 ? -2.802  -3.135  6.755   1.00 1.20 ? 52 VAL S HG12 1 
ATOM 851 H HG13 . VAL A 1 52 ? -1.918  -1.614  7.012   1.00 1.18 ? 52 VAL S HG13 1 
ATOM 852 H HG21 . VAL A 1 52 ? 0.817   -4.322  7.182   1.00 1.10 ? 52 VAL S HG21 1 
ATOM 853 H HG22 . VAL A 1 52 ? 0.276   -2.908  8.009   1.00 1.07 ? 52 VAL S HG22 1 
ATOM 854 H HG23 . VAL A 1 52 ? -0.728  -4.385  7.985   1.00 1.10 ? 52 VAL S HG23 1 
ATOM 855 N N    . CYS A 1 53 ? -2.332  -4.791  3.199   1.00 0.45 ? 53 CYS S N    1 
ATOM 856 C CA   . CYS A 1 53 ? -3.220  -4.540  2.083   1.00 0.54 ? 53 CYS S CA   1 
ATOM 857 C C    . CYS A 1 53 ? -4.449  -3.919  2.720   1.00 0.41 ? 53 CYS S C    1 
ATOM 858 O O    . CYS A 1 53 ? -4.623  -4.089  3.879   1.00 0.43 ? 53 CYS S O    1 
ATOM 859 C CB   . CYS A 1 53 ? -3.597  -5.889  1.381   1.00 0.72 ? 53 CYS S CB   1 
ATOM 860 S SG   . CYS A 1 53 ? -2.137  -6.827  1.166   1.00 1.35 ? 53 CYS S SG   1 
ATOM 861 H H    . CYS A 1 53 ? -2.181  -5.748  3.446   1.00 0.55 ? 53 CYS S H    1 
ATOM 862 H HA   . CYS A 1 53 ? -2.735  -3.843  1.400   1.00 0.68 ? 53 CYS S HA   1 
ATOM 863 H HB2  . CYS A 1 53 ? -4.359  -6.515  1.844   1.00 0.81 ? 53 CYS S HB2  1 
ATOM 864 H HB3  . CYS A 1 53 ? -3.972  -5.621  0.394   1.00 1.15 ? 53 CYS S HB3  1 
ATOM 865 N N    . CYS A 1 54 ? -5.231  -3.190  1.921   1.00 0.37 ? 54 CYS S N    1 
ATOM 866 C CA   . CYS A 1 54 ? -6.495  -2.651  2.376   1.00 0.35 ? 54 CYS S CA   1 
ATOM 867 C C    . CYS A 1 54 ? -7.327  -2.291  1.176   1.00 0.31 ? 54 CYS S C    1 
ATOM 868 O O    . CYS A 1 54 ? -6.927  -1.574  0.241   1.00 0.33 ? 54 CYS S O    1 
ATOM 869 C CB   . CYS A 1 54 ? -6.303  -1.449  3.310   1.00 0.49 ? 54 CYS S CB   1 
ATOM 870 S SG   . CYS A 1 54 ? -5.593  0.178   2.619   1.00 0.65 ? 54 CYS S SG   1 
ATOM 871 H H    . CYS A 1 54 ? -4.839  -3.055  1.011   1.00 0.45 ? 54 CYS S H    1 
ATOM 872 H HA   . CYS A 1 54 ? -6.948  -3.490  2.904   1.00 0.41 ? 54 CYS S HA   1 
ATOM 873 H HB2  . CYS A 1 54 ? -7.274  -1.389  3.801   1.00 0.55 ? 54 CYS S HB2  1 
ATOM 874 H HB3  . CYS A 1 54 ? -5.641  -1.799  4.103   1.00 0.64 ? 54 CYS S HB3  1 
ATOM 875 N N    . ASN A 1 55 ? -8.552  -2.842  1.347   1.00 0.34 ? 55 ASN S N    1 
ATOM 876 C CA   . ASN A 1 55 ? -9.562  -2.908  0.305   1.00 0.37 ? 55 ASN S CA   1 
ATOM 877 C C    . ASN A 1 55 ? -10.580 -1.708  0.384   1.00 0.36 ? 55 ASN S C    1 
ATOM 878 O O    . ASN A 1 55 ? -11.051 -1.206  -0.601  1.00 0.61 ? 55 ASN S O    1 
ATOM 879 C CB   . ASN A 1 55 ? -10.234 -4.214  0.538   1.00 0.49 ? 55 ASN S CB   1 
ATOM 880 C CG   . ASN A 1 55 ? -11.292 -4.198  1.615   1.00 0.58 ? 55 ASN S CG   1 
ATOM 881 O OD1  . ASN A 1 55 ? -11.155 -3.546  2.635   1.00 0.93 ? 55 ASN S OD1  1 
ATOM 882 N ND2  . ASN A 1 55 ? -12.475 -4.794  1.221   1.00 1.29 ? 55 ASN S ND2  1 
ATOM 883 H H    . ASN A 1 55 ? -8.694  -3.111  2.300   1.00 0.38 ? 55 ASN S H    1 
ATOM 884 H HA   . ASN A 1 55 ? -9.040  -3.017  -0.646  1.00 0.42 ? 55 ASN S HA   1 
ATOM 885 H HB2  . ASN A 1 55 ? -10.873 -4.451  -0.313  1.00 0.52 ? 55 ASN S HB2  1 
ATOM 886 H HB3  . ASN A 1 55 ? -9.608  -5.103  0.622   1.00 0.66 ? 55 ASN S HB3  1 
ATOM 887 H HD21 . ASN A 1 55 ? -12.492 -5.289  0.352   1.00 1.88 ? 55 ASN S HD21 1 
ATOM 888 H HD22 . ASN A 1 55 ? -13.316 -4.807  1.762   1.00 1.42 ? 55 ASN S HD22 1 
ATOM 889 N N    . THR A 1 56 ? -10.935 -1.309  1.570   1.00 0.39 ? 56 THR S N    1 
ATOM 890 C CA   . THR A 1 56 ? -11.499 -0.031  1.858   1.00 0.47 ? 56 THR S CA   1 
ATOM 891 C C    . THR A 1 56 ? -10.366 0.985   1.630   1.00 0.55 ? 56 THR S C    1 
ATOM 892 O O    . THR A 1 56 ? -9.226  0.716   2.079   1.00 1.28 ? 56 THR S O    1 
ATOM 893 C CB   . THR A 1 56 ? -11.891 -0.129  3.310   1.00 0.54 ? 56 THR S CB   1 
ATOM 894 O OG1  . THR A 1 56 ? -12.673 -1.233  3.699   1.00 1.19 ? 56 THR S OG1  1 
ATOM 895 C CG2  . THR A 1 56 ? -12.527 1.085   3.843   1.00 1.48 ? 56 THR S CG2  1 
ATOM 896 H H    . THR A 1 56 ? -10.520 -1.698  2.392   1.00 0.57 ? 56 THR S H    1 
ATOM 897 H HA   . THR A 1 56 ? -12.349 0.105   1.191   1.00 0.49 ? 56 THR S HA   1 
ATOM 898 H HB   . THR A 1 56 ? -10.920 -0.170  3.804   1.00 1.04 ? 56 THR S HB   1 
ATOM 899 H HG1  . THR A 1 56 ? -12.299 -2.029  3.346   1.00 1.54 ? 56 THR S HG1  1 
ATOM 900 H HG21 . THR A 1 56 ? -13.304 1.331   3.119   1.00 2.14 ? 56 THR S HG21 1 
ATOM 901 H HG22 . THR A 1 56 ? -12.959 0.911   4.828   1.00 1.80 ? 56 THR S HG22 1 
ATOM 902 H HG23 . THR A 1 56 ? -11.898 1.975   3.820   1.00 2.07 ? 56 THR S HG23 1 
ATOM 903 N N    . ASP A 1 57 ? -10.784 2.011   0.801   1.00 0.51 ? 57 ASP S N    1 
ATOM 904 C CA   . ASP A 1 57 ? -9.887  2.837   0.039   1.00 0.45 ? 57 ASP S CA   1 
ATOM 905 C C    . ASP A 1 57 ? -8.937  3.546   0.996   1.00 0.40 ? 57 ASP S C    1 
ATOM 906 O O    . ASP A 1 57 ? -7.829  3.926   0.541   1.00 0.42 ? 57 ASP S O    1 
ATOM 907 C CB   . ASP A 1 57 ? -10.536 3.875   -0.949  1.00 0.49 ? 57 ASP S CB   1 
ATOM 908 C CG   . ASP A 1 57 ? -11.497 3.329   -2.042  1.00 1.13 ? 57 ASP S CG   1 
ATOM 909 O OD1  . ASP A 1 57 ? -11.113 2.695   -2.955  1.00 1.87 ? 57 ASP S OD1  1 
ATOM 910 O OD2  . ASP A 1 57 ? -12.673 3.482   -2.025  1.00 1.78 ? 57 ASP S OD2  1 
ATOM 911 H H    . ASP A 1 57 ? -11.738 2.301   0.726   1.00 1.07 ? 57 ASP S H    1 
ATOM 912 H HA   . ASP A 1 57 ? -9.342  2.123   -0.577  1.00 0.47 ? 57 ASP S HA   1 
ATOM 913 H HB2  . ASP A 1 57 ? -11.096 4.590   -0.347  1.00 0.93 ? 57 ASP S HB2  1 
ATOM 914 H HB3  . ASP A 1 57 ? -9.771  4.416   -1.507  1.00 0.84 ? 57 ASP S HB3  1 
ATOM 915 N N    . ARG A 1 58 ? -9.346  3.710   2.268   1.00 0.39 ? 58 ARG S N    1 
ATOM 916 C CA   . ARG A 1 58 ? -8.574  4.453   3.248   1.00 0.38 ? 58 ARG S CA   1 
ATOM 917 C C    . ARG A 1 58 ? -7.900  3.590   4.301   1.00 0.43 ? 58 ARG S C    1 
ATOM 918 O O    . ARG A 1 58 ? -8.493  3.267   5.345   1.00 0.56 ? 58 ARG S O    1 
ATOM 919 C CB   . ARG A 1 58 ? -9.419  5.517   3.855   1.00 0.40 ? 58 ARG S CB   1 
ATOM 920 C CG   . ARG A 1 58 ? -10.723 5.000   4.468   1.00 0.47 ? 58 ARG S CG   1 
ATOM 921 C CD   . ARG A 1 58 ? -11.217 5.861   5.683   1.00 0.59 ? 58 ARG S CD   1 
ATOM 922 N NE   . ARG A 1 58 ? -10.722 5.290   6.895   1.00 1.04 ? 58 ARG S NE   1 
ATOM 923 C CZ   . ARG A 1 58 ? -10.913 5.758   8.132   1.00 1.42 ? 58 ARG S CZ   1 
ATOM 924 N NH1  . ARG A 1 58 ? -11.512 6.940   8.314   1.00 2.38 ? 58 ARG S NH1  1 
ATOM 925 N NH2  . ARG A 1 58 ? -10.642 4.989   9.163   1.00 1.77 ? 58 ARG S NH2  1 
ATOM 926 H H    . ARG A 1 58 ? -10.253 3.404   2.558   1.00 0.42 ? 58 ARG S H    1 
ATOM 927 H HA   . ARG A 1 58 ? -7.733  4.930   2.744   1.00 0.39 ? 58 ARG S HA   1 
ATOM 928 H HB2  . ARG A 1 58 ? -8.864  6.204   4.494   1.00 0.45 ? 58 ARG S HB2  1 
ATOM 929 H HB3  . ARG A 1 58 ? -9.712  6.217   3.072   1.00 0.40 ? 58 ARG S HB3  1 
ATOM 930 H HG2  . ARG A 1 58 ? -11.494 5.171   3.716   1.00 0.50 ? 58 ARG S HG2  1 
ATOM 931 H HG3  . ARG A 1 58 ? -10.701 3.940   4.722   1.00 0.50 ? 58 ARG S HG3  1 
ATOM 932 H HD2  . ARG A 1 58 ? -10.880 6.896   5.609   1.00 0.81 ? 58 ARG S HD2  1 
ATOM 933 H HD3  . ARG A 1 58 ? -12.304 5.823   5.758   1.00 0.80 ? 58 ARG S HD3  1 
ATOM 934 H HE   . ARG A 1 58 ? -10.226 4.449   6.677   1.00 1.64 ? 58 ARG S HE   1 
ATOM 935 H HH11 . ARG A 1 58 ? -11.912 7.482   7.576   1.00 2.87 ? 58 ARG S HH11 1 
ATOM 936 H HH12 . ARG A 1 58 ? -11.595 7.370   9.214   1.00 2.90 ? 58 ARG S HH12 1 
ATOM 937 H HH21 . ARG A 1 58 ? -10.285 4.065   9.029   1.00 2.00 ? 58 ARG S HH21 1 
ATOM 938 H HH22 . ARG A 1 58 ? -10.810 5.374   10.070  1.00 2.36 ? 58 ARG S HH22 1 
ATOM 939 N N    . CYS A 1 59 ? -6.649  3.251   4.114   1.00 0.43 ? 59 CYS S N    1 
ATOM 940 C CA   . CYS A 1 59 ? -5.748  2.935   5.274   1.00 0.53 ? 59 CYS S CA   1 
ATOM 941 C C    . CYS A 1 59 ? -4.310  3.558   5.169   1.00 0.83 ? 59 CYS S C    1 
ATOM 942 O O    . CYS A 1 59 ? -3.349  3.382   5.932   1.00 1.20 ? 59 CYS S O    1 
ATOM 943 C CB   . CYS A 1 59 ? -5.685  1.419   5.394   1.00 0.66 ? 59 CYS S CB   1 
ATOM 944 S SG   . CYS A 1 59 ? -4.496  0.826   4.168   1.00 1.31 ? 59 CYS S SG   1 
ATOM 945 H H    . CYS A 1 59 ? -6.282  3.181   3.187   1.00 0.46 ? 59 CYS S H    1 
ATOM 946 H HA   . CYS A 1 59 ? -6.172  3.400   6.165   1.00 0.56 ? 59 CYS S HA   1 
ATOM 947 H HB2  . CYS A 1 59 ? -5.347  1.239   6.414   1.00 0.75 ? 59 CYS S HB2  1 
ATOM 948 H HB3  . CYS A 1 59 ? -6.622  0.893   5.215   1.00 0.74 ? 59 CYS S HB3  1 
ATOM 949 N N    . ASN A 1 60 ? -4.219  4.375   4.130   1.00 0.81 ? 60 ASN S N    1 
ATOM 950 C CA   . ASN A 1 60 ? -2.995  4.709   3.470   1.00 1.18 ? 60 ASN S CA   1 
ATOM 951 C C    . ASN A 1 60 ? -2.395  6.046   3.925   1.00 1.27 ? 60 ASN S C    1 
ATOM 952 O O    . ASN A 1 60 ? -2.401  6.369   5.104   1.00 1.81 ? 60 ASN S O    1 
ATOM 953 C CB   . ASN A 1 60 ? -3.200  4.714   1.962   1.00 1.24 ? 60 ASN S CB   1 
ATOM 954 C CG   . ASN A 1 60 ? -4.153  3.715   1.264   1.00 0.86 ? 60 ASN S CG   1 
ATOM 955 O OD1  . ASN A 1 60 ? -4.656  3.984   0.197   1.00 0.75 ? 60 ASN S OD1  1 
ATOM 956 N ND2  . ASN A 1 60 ? -4.335  2.553   1.884   1.00 1.07 ? 60 ASN S ND2  1 
ATOM 957 O OXT  . ASN A 1 60 ? -1.945  6.825   3.045   1.00 1.65 ? 60 ASN S OXT  1 
ATOM 958 H H    . ASN A 1 60 ? -5.004  4.913   3.825   1.00 0.64 ? 60 ASN S H    1 
ATOM 959 H HA   . ASN A 1 60 ? -2.303  3.920   3.764   1.00 1.49 ? 60 ASN S HA   1 
ATOM 960 H HB2  . ASN A 1 60 ? -3.595  5.683   1.658   1.00 1.49 ? 60 ASN S HB2  1 
ATOM 961 H HB3  . ASN A 1 60 ? -2.219  4.649   1.492   1.00 1.50 ? 60 ASN S HB3  1 
ATOM 962 H HD21 . ASN A 1 60 ? -3.828  2.380   2.728   1.00 1.40 ? 60 ASN S HD21 1 
ATOM 963 H HD22 . ASN A 1 60 ? -4.950  1.863   1.503   1.00 1.09 ? 60 ASN S HD22 1 
# 
